data_6HRS
#
_entry.id   6HRS
#
_cell.length_a   74.523
_cell.length_b   142.473
_cell.length_c   85.195
_cell.angle_alpha   90.000
_cell.angle_beta   104.490
_cell.angle_gamma   90.000
#
_symmetry.space_group_name_H-M   'P 1 21 1'
#
loop_
_entity.id
_entity.type
_entity.pdbx_description
1 polymer Mucolipin-2
2 non-polymer GLYCEROL
3 water water
#
_entity_poly.entity_id   1
_entity_poly.type   'polypeptide(L)'
_entity_poly.pdbx_seq_one_letter_code
;SNQLVVAFKEDNTVAFKHLFLKGYSGTDEDDYSCSVYTQEDAYESIFFAINQYHQLKDITLGTLGYGENEDNRIGLKVCK
QHYKKGTMFPSNETLNIDNDVELDCVQLDLQDLSKKPPDWKNSSFFRLEFYRLLQVEISFHLKGIDLQTIHSRELPDCYV
FQNTIIFDNKAHSGKIKIYFDSDAKIEECKDLNIFGSTQ
;
_entity_poly.pdbx_strand_id   A,B,C,D,E,F,G,H
#
loop_
_chem_comp.id
_chem_comp.type
_chem_comp.name
_chem_comp.formula
GOL non-polymer GLYCEROL 'C3 H8 O3'
#
# COMPACT_ATOMS: atom_id res chain seq x y z
N SER A 1 -8.66 -16.01 54.93
CA SER A 1 -9.81 -15.10 54.89
C SER A 1 -9.92 -14.29 56.19
N ASN A 2 -9.05 -13.26 56.34
CA ASN A 2 -9.03 -12.37 57.52
C ASN A 2 -9.03 -10.90 57.09
N GLN A 3 -9.43 -9.98 58.01
CA GLN A 3 -9.57 -8.54 57.76
C GLN A 3 -10.39 -8.36 56.47
N LEU A 4 -11.61 -8.93 56.50
CA LEU A 4 -12.51 -8.97 55.35
C LEU A 4 -13.28 -7.65 55.13
N VAL A 5 -12.61 -6.59 54.59
CA VAL A 5 -13.32 -5.37 54.18
C VAL A 5 -13.85 -5.71 52.81
N VAL A 6 -14.98 -6.46 52.79
CA VAL A 6 -15.64 -6.93 51.57
C VAL A 6 -15.98 -5.73 50.69
N ALA A 7 -16.49 -4.65 51.29
CA ALA A 7 -16.82 -3.44 50.53
C ALA A 7 -15.63 -2.97 49.70
N PHE A 8 -14.42 -2.88 50.28
CA PHE A 8 -13.24 -2.44 49.53
C PHE A 8 -12.89 -3.39 48.40
N LYS A 9 -12.93 -4.71 48.64
CA LYS A 9 -12.68 -5.68 47.59
C LYS A 9 -13.68 -5.52 46.42
N GLU A 10 -15.00 -5.48 46.75
CA GLU A 10 -16.07 -5.42 45.76
C GLU A 10 -16.11 -4.08 45.06
N ASP A 11 -15.94 -2.94 45.78
CA ASP A 11 -15.93 -1.61 45.16
C ASP A 11 -14.82 -1.48 44.11
N ASN A 12 -13.65 -2.05 44.42
CA ASN A 12 -12.54 -2.02 43.46
C ASN A 12 -12.84 -2.85 42.24
N THR A 13 -13.42 -4.04 42.43
CA THR A 13 -13.72 -4.95 41.32
C THR A 13 -14.68 -4.27 40.32
N VAL A 14 -15.68 -3.53 40.82
CA VAL A 14 -16.60 -2.78 39.93
C VAL A 14 -15.82 -1.79 39.07
N ALA A 15 -14.91 -1.03 39.71
CA ALA A 15 -14.08 -0.06 39.03
C ALA A 15 -13.21 -0.74 38.02
N PHE A 16 -12.68 -1.96 38.32
CA PHE A 16 -11.84 -2.73 37.37
C PHE A 16 -12.59 -3.09 36.16
N LYS A 17 -13.85 -3.53 36.33
CA LYS A 17 -14.69 -3.89 35.20
C LYS A 17 -14.85 -2.70 34.28
N HIS A 18 -15.04 -1.46 34.83
CA HIS A 18 -15.17 -0.27 34.00
C HIS A 18 -13.85 0.11 33.28
N LEU A 19 -12.69 -0.07 33.95
CA LEU A 19 -11.38 0.28 33.36
C LEU A 19 -10.93 -0.68 32.26
N PHE A 20 -11.05 -2.00 32.47
CA PHE A 20 -10.49 -3.00 31.55
C PHE A 20 -11.48 -3.64 30.61
N LEU A 21 -12.80 -3.70 30.90
CA LEU A 21 -13.76 -4.29 29.92
C LEU A 21 -14.34 -3.19 29.01
N LYS A 22 -13.92 -3.16 27.72
CA LYS A 22 -14.39 -2.20 26.68
C LYS A 22 -15.89 -2.18 26.55
N GLY A 23 -16.49 -1.02 26.63
CA GLY A 23 -17.93 -0.90 26.50
C GLY A 23 -18.78 -1.46 27.62
N TYR A 24 -18.15 -1.84 28.77
CA TYR A 24 -18.89 -2.37 29.92
C TYR A 24 -19.95 -1.41 30.31
N SER A 25 -21.24 -1.84 30.18
CA SER A 25 -22.44 -1.05 30.44
C SER A 25 -22.64 -0.59 31.88
N GLY A 26 -22.01 -1.25 32.82
CA GLY A 26 -22.18 -0.91 34.22
C GLY A 26 -22.79 -2.03 35.00
N THR A 27 -23.50 -2.94 34.34
CA THR A 27 -24.09 -4.12 34.98
C THR A 27 -23.69 -5.37 34.16
N ASP A 28 -23.38 -6.51 34.86
CA ASP A 28 -23.00 -7.75 34.17
C ASP A 28 -24.12 -8.24 33.27
N GLU A 29 -23.74 -8.91 32.17
CA GLU A 29 -24.68 -9.41 31.18
C GLU A 29 -25.45 -10.62 31.71
N ASP A 30 -24.78 -11.52 32.41
CA ASP A 30 -25.41 -12.72 33.00
C ASP A 30 -24.42 -13.22 34.08
N ASP A 31 -23.89 -14.43 34.00
CA ASP A 31 -22.83 -14.87 34.91
C ASP A 31 -21.50 -14.18 34.50
N TYR A 32 -21.43 -13.68 33.23
CA TYR A 32 -20.24 -13.00 32.68
C TYR A 32 -20.57 -11.53 32.58
N SER A 33 -19.52 -10.68 32.38
CA SER A 33 -19.67 -9.23 32.37
C SER A 33 -20.16 -8.69 31.03
N CYS A 34 -19.55 -9.11 29.91
CA CYS A 34 -20.06 -8.72 28.59
C CYS A 34 -19.67 -9.72 27.60
N SER A 35 -20.21 -9.60 26.38
CA SER A 35 -19.97 -10.54 25.28
C SER A 35 -19.56 -9.82 23.98
N VAL A 36 -19.07 -10.57 23.00
CA VAL A 36 -18.66 -10.04 21.68
C VAL A 36 -19.06 -11.04 20.65
N TYR A 37 -19.57 -10.57 19.48
CA TYR A 37 -20.06 -11.44 18.41
C TYR A 37 -19.27 -11.35 17.10
N THR A 38 -18.18 -10.55 17.04
CA THR A 38 -17.36 -10.42 15.84
C THR A 38 -15.88 -10.44 16.18
N GLN A 39 -15.06 -10.83 15.21
CA GLN A 39 -13.61 -10.90 15.37
C GLN A 39 -13.04 -9.53 15.70
N GLU A 40 -13.51 -8.45 15.03
CA GLU A 40 -13.03 -7.10 15.34
C GLU A 40 -13.36 -6.75 16.82
N ASP A 41 -14.61 -6.96 17.27
CA ASP A 41 -14.93 -6.67 18.66
C ASP A 41 -14.06 -7.47 19.60
N ALA A 42 -13.79 -8.76 19.27
CA ALA A 42 -12.97 -9.61 20.12
C ALA A 42 -11.58 -9.06 20.24
N TYR A 43 -10.99 -8.63 19.11
CA TYR A 43 -9.65 -8.03 19.14
C TYR A 43 -9.67 -6.69 19.88
N GLU A 44 -10.63 -5.79 19.60
CA GLU A 44 -10.72 -4.50 20.30
C GLU A 44 -10.84 -4.65 21.80
N SER A 45 -11.59 -5.65 22.28
CA SER A 45 -11.79 -5.85 23.72
C SER A 45 -10.53 -6.37 24.39
N ILE A 46 -9.73 -7.21 23.68
CA ILE A 46 -8.49 -7.82 24.14
C ILE A 46 -7.45 -6.75 24.28
N PHE A 47 -7.28 -5.96 23.21
CA PHE A 47 -6.32 -4.86 23.14
C PHE A 47 -6.69 -3.70 24.09
N PHE A 48 -7.99 -3.40 24.27
CA PHE A 48 -8.42 -2.36 25.22
C PHE A 48 -7.96 -2.67 26.63
N ALA A 49 -8.15 -3.90 27.08
CA ALA A 49 -7.71 -4.34 28.40
C ALA A 49 -6.21 -4.13 28.59
N ILE A 50 -5.39 -4.52 27.58
CA ILE A 50 -3.94 -4.40 27.63
C ILE A 50 -3.53 -2.94 27.66
N ASN A 51 -4.12 -2.12 26.81
CA ASN A 51 -3.76 -0.71 26.78
C ASN A 51 -4.20 0.02 28.06
N GLN A 52 -5.30 -0.40 28.69
CA GLN A 52 -5.73 0.25 29.93
C GLN A 52 -4.78 -0.12 31.05
N TYR A 53 -4.15 -1.32 31.00
CA TYR A 53 -3.16 -1.74 31.99
C TYR A 53 -1.95 -0.88 31.83
N HIS A 54 -1.48 -0.73 30.58
CA HIS A 54 -0.34 0.09 30.23
C HIS A 54 -0.49 1.53 30.79
N GLN A 55 -1.64 2.16 30.59
CA GLN A 55 -1.88 3.55 30.98
C GLN A 55 -2.55 3.71 32.36
N LEU A 56 -2.67 2.60 33.17
CA LEU A 56 -3.37 2.57 34.49
C LEU A 56 -3.06 3.77 35.34
N LYS A 57 -1.78 4.18 35.37
CA LYS A 57 -1.25 5.33 36.12
C LYS A 57 -2.05 6.61 35.90
N ASP A 58 -2.50 6.86 34.65
CA ASP A 58 -3.22 8.07 34.26
C ASP A 58 -4.74 7.87 34.14
N ILE A 59 -5.25 6.72 34.56
CA ILE A 59 -6.65 6.37 34.44
C ILE A 59 -7.26 6.25 35.83
N THR A 60 -6.73 5.31 36.64
CA THR A 60 -7.29 4.97 37.95
C THR A 60 -7.52 6.18 38.88
N LEU A 61 -8.66 6.15 39.59
CA LEU A 61 -9.04 7.12 40.60
C LEU A 61 -8.80 6.52 42.02
N GLY A 62 -8.26 5.30 42.10
CA GLY A 62 -7.97 4.65 43.36
C GLY A 62 -6.53 4.83 43.77
N THR A 63 -6.15 4.26 44.92
CA THR A 63 -4.77 4.27 45.44
C THR A 63 -4.16 2.95 45.00
N LEU A 64 -3.90 2.82 43.71
CA LEU A 64 -3.40 1.57 43.12
C LEU A 64 -1.95 1.62 42.77
N GLY A 65 -1.42 0.45 42.46
CA GLY A 65 -0.05 0.24 42.00
C GLY A 65 0.08 -1.09 41.29
N TYR A 66 1.09 -1.26 40.42
CA TYR A 66 1.30 -2.54 39.76
C TYR A 66 1.82 -3.54 40.79
N GLY A 67 1.47 -4.80 40.60
CA GLY A 67 1.88 -5.89 41.48
C GLY A 67 2.89 -6.81 40.83
N GLU A 68 3.86 -7.30 41.62
CA GLU A 68 4.90 -8.20 41.09
C GLU A 68 4.31 -9.62 40.94
N ASN A 69 4.84 -10.39 39.97
CA ASN A 69 4.44 -11.78 39.70
C ASN A 69 5.48 -12.71 40.33
N GLU A 70 5.37 -14.05 40.09
CA GLU A 70 6.38 -15.02 40.58
C GLU A 70 7.77 -14.68 39.97
N ASP A 71 7.76 -14.08 38.77
CA ASP A 71 8.96 -13.63 38.02
C ASP A 71 9.73 -12.49 38.76
N ASN A 72 9.01 -11.69 39.58
CA ASN A 72 9.50 -10.51 40.30
C ASN A 72 9.72 -9.37 39.28
N ARG A 73 8.88 -9.35 38.21
CA ARG A 73 8.89 -8.34 37.15
C ARG A 73 7.43 -8.01 36.80
N ILE A 74 7.10 -6.71 36.86
CA ILE A 74 5.75 -6.17 36.64
C ILE A 74 5.34 -6.34 35.16
N GLY A 75 4.10 -6.81 34.97
CA GLY A 75 3.52 -7.03 33.64
C GLY A 75 2.31 -7.94 33.64
N LEU A 76 1.70 -8.11 32.46
CA LEU A 76 0.53 -8.97 32.35
C LEU A 76 0.85 -10.21 31.52
N LYS A 77 0.15 -11.33 31.81
CA LYS A 77 0.26 -12.62 31.12
C LYS A 77 -0.96 -12.83 30.25
N VAL A 78 -0.75 -13.18 28.96
CA VAL A 78 -1.83 -13.47 28.01
C VAL A 78 -1.69 -14.94 27.62
N CYS A 79 -2.74 -15.77 27.80
CA CYS A 79 -2.74 -17.20 27.46
C CYS A 79 -3.81 -17.50 26.47
N LYS A 80 -3.52 -18.32 25.46
CA LYS A 80 -4.56 -18.71 24.53
C LYS A 80 -4.62 -20.21 24.45
N GLN A 81 -5.83 -20.79 24.52
CA GLN A 81 -6.05 -22.24 24.36
C GLN A 81 -6.69 -22.45 23.00
N HIS A 82 -6.06 -23.25 22.17
CA HIS A 82 -6.51 -23.56 20.83
C HIS A 82 -6.58 -25.07 20.69
N TYR A 83 -7.42 -25.60 19.82
CA TYR A 83 -7.37 -27.03 19.53
C TYR A 83 -6.15 -27.31 18.67
N LYS A 84 -5.45 -28.44 18.89
CA LYS A 84 -4.28 -28.83 18.09
C LYS A 84 -4.84 -29.03 16.66
N LYS A 85 -4.18 -28.44 15.64
CA LYS A 85 -4.68 -28.53 14.26
C LYS A 85 -4.67 -30.00 13.74
N GLY A 86 -3.50 -30.65 13.67
CA GLY A 86 -3.40 -32.03 13.24
C GLY A 86 -3.65 -32.24 11.75
N ASP A 98 -2.66 -37.67 27.09
CA ASP A 98 -3.58 -37.47 25.97
C ASP A 98 -4.18 -36.04 26.01
N ASN A 99 -3.85 -35.19 25.01
CA ASN A 99 -4.38 -33.82 24.97
C ASN A 99 -4.47 -33.26 23.54
N ASP A 100 -5.69 -32.89 23.11
CA ASP A 100 -5.94 -32.27 21.80
C ASP A 100 -6.01 -30.71 21.92
N VAL A 101 -5.69 -30.10 23.10
CA VAL A 101 -5.68 -28.65 23.29
C VAL A 101 -4.22 -28.19 23.39
N GLU A 102 -3.90 -27.00 22.80
CA GLU A 102 -2.56 -26.39 22.80
C GLU A 102 -2.63 -25.07 23.55
N LEU A 103 -1.82 -24.92 24.61
CA LEU A 103 -1.80 -23.71 25.45
C LEU A 103 -0.53 -22.86 25.21
N ASP A 104 -0.66 -21.67 24.61
CA ASP A 104 0.44 -20.72 24.37
C ASP A 104 0.30 -19.57 25.31
N CYS A 105 1.39 -19.11 25.92
CA CYS A 105 1.38 -18.01 26.87
C CYS A 105 2.54 -17.10 26.67
N VAL A 106 2.31 -15.80 26.81
CA VAL A 106 3.32 -14.75 26.71
C VAL A 106 3.19 -13.81 27.87
N GLN A 107 4.31 -13.15 28.21
CA GLN A 107 4.36 -12.13 29.26
C GLN A 107 4.65 -10.84 28.57
N LEU A 108 4.01 -9.75 28.95
CA LEU A 108 4.26 -8.47 28.32
C LEU A 108 4.80 -7.53 29.38
N ASP A 109 6.06 -7.11 29.26
CA ASP A 109 6.73 -6.19 30.19
C ASP A 109 6.15 -4.79 30.03
N LEU A 110 6.27 -3.92 31.05
CA LEU A 110 5.81 -2.55 30.90
C LEU A 110 6.68 -1.78 29.92
N GLN A 111 7.96 -2.23 29.71
CA GLN A 111 8.83 -1.61 28.71
C GLN A 111 8.32 -1.96 27.31
N ASP A 112 7.85 -3.22 27.11
CA ASP A 112 7.31 -3.69 25.83
C ASP A 112 6.07 -2.88 25.41
N LEU A 113 5.21 -2.57 26.41
CA LEU A 113 3.99 -1.77 26.22
C LEU A 113 4.32 -0.29 25.99
N SER A 114 5.34 0.23 26.69
CA SER A 114 5.81 1.62 26.58
C SER A 114 6.48 1.95 25.24
N LYS A 115 7.14 1.00 24.55
CA LYS A 115 7.83 1.31 23.29
C LYS A 115 6.84 1.75 22.21
N LYS A 116 7.23 2.82 21.48
CA LYS A 116 6.47 3.45 20.39
C LYS A 116 7.16 3.11 19.02
N PRO A 117 6.48 2.42 18.06
CA PRO A 117 5.11 1.88 18.09
C PRO A 117 5.04 0.60 18.93
N PRO A 118 3.88 0.24 19.48
CA PRO A 118 3.79 -1.03 20.24
C PRO A 118 3.94 -2.22 19.28
N ASP A 119 5.14 -2.82 19.25
CA ASP A 119 5.43 -3.95 18.37
C ASP A 119 4.60 -5.19 18.73
N TRP A 120 4.18 -5.32 20.01
CA TRP A 120 3.39 -6.45 20.48
C TRP A 120 2.07 -6.62 19.71
N LYS A 121 1.37 -5.52 19.36
CA LYS A 121 0.09 -5.58 18.62
C LYS A 121 0.20 -6.30 17.28
N ASN A 122 1.36 -6.14 16.60
CA ASN A 122 1.63 -6.71 15.26
C ASN A 122 2.24 -8.15 15.32
N SER A 123 2.36 -8.76 16.53
CA SER A 123 2.94 -10.08 16.67
C SER A 123 2.01 -11.18 16.26
N SER A 124 2.63 -12.30 15.86
CA SER A 124 1.99 -13.52 15.40
C SER A 124 1.22 -14.18 16.59
N PHE A 125 1.64 -13.90 17.84
CA PHE A 125 0.93 -14.45 18.99
C PHE A 125 -0.51 -14.00 18.99
N PHE A 126 -0.74 -12.73 18.57
CA PHE A 126 -2.06 -12.12 18.54
C PHE A 126 -2.85 -12.39 17.27
N ARG A 127 -2.40 -13.28 16.37
CA ARG A 127 -3.17 -13.64 15.19
C ARG A 127 -3.95 -14.88 15.59
N LEU A 128 -5.14 -14.69 16.14
CA LEU A 128 -5.98 -15.78 16.65
C LEU A 128 -6.74 -16.49 15.51
N GLU A 129 -6.90 -17.83 15.65
CA GLU A 129 -7.68 -18.66 14.73
C GLU A 129 -8.92 -19.05 15.49
N PHE A 130 -9.98 -18.21 15.37
CA PHE A 130 -11.22 -18.34 16.15
C PHE A 130 -11.97 -19.66 15.94
N TYR A 131 -11.81 -20.30 14.77
CA TYR A 131 -12.48 -21.58 14.50
C TYR A 131 -11.98 -22.69 15.44
N ARG A 132 -10.74 -22.60 15.98
CA ARG A 132 -10.22 -23.62 16.91
C ARG A 132 -9.85 -23.00 18.26
N LEU A 133 -10.27 -21.75 18.53
CA LEU A 133 -9.97 -21.06 19.79
C LEU A 133 -10.96 -21.42 20.87
N LEU A 134 -10.46 -21.87 22.02
CA LEU A 134 -11.27 -22.19 23.20
C LEU A 134 -11.34 -20.96 24.06
N GLN A 135 -10.20 -20.33 24.40
CA GLN A 135 -10.24 -19.06 25.15
C GLN A 135 -8.94 -18.28 25.13
N VAL A 136 -9.03 -17.02 25.54
CA VAL A 136 -7.91 -16.10 25.75
C VAL A 136 -8.03 -15.59 27.16
N GLU A 137 -6.91 -15.52 27.89
CA GLU A 137 -6.95 -15.11 29.27
C GLU A 137 -5.86 -14.10 29.60
N ILE A 138 -6.26 -12.85 29.90
CA ILE A 138 -5.33 -11.82 30.36
C ILE A 138 -5.30 -11.94 31.89
N SER A 139 -4.15 -11.90 32.52
CA SER A 139 -4.06 -12.04 33.98
C SER A 139 -2.96 -11.16 34.51
N PHE A 140 -3.28 -10.28 35.47
CA PHE A 140 -2.31 -9.36 36.07
C PHE A 140 -2.58 -9.20 37.55
N HIS A 141 -1.62 -8.57 38.25
CA HIS A 141 -1.68 -8.30 39.68
C HIS A 141 -1.63 -6.80 39.92
N LEU A 142 -2.46 -6.32 40.81
CA LEU A 142 -2.50 -4.91 41.19
C LEU A 142 -2.50 -4.84 42.70
N LYS A 143 -1.80 -3.87 43.27
CA LYS A 143 -1.74 -3.71 44.70
C LYS A 143 -2.44 -2.40 45.01
N GLY A 144 -3.32 -2.42 46.00
CA GLY A 144 -4.08 -1.25 46.42
C GLY A 144 -4.06 -1.07 47.94
N ILE A 145 -4.19 0.17 48.43
CA ILE A 145 -4.20 0.47 49.86
C ILE A 145 -5.58 1.09 50.21
N ASP A 146 -6.17 0.67 51.33
CA ASP A 146 -7.44 1.19 51.83
C ASP A 146 -7.07 2.35 52.75
N LEU A 147 -7.23 3.60 52.28
CA LEU A 147 -6.88 4.78 53.08
C LEU A 147 -7.83 5.01 54.28
N GLN A 148 -9.01 4.35 54.33
CA GLN A 148 -9.93 4.47 55.46
C GLN A 148 -9.44 3.67 56.70
N THR A 149 -8.27 2.98 56.64
CA THR A 149 -7.70 2.25 57.77
C THR A 149 -6.27 2.77 58.16
N ILE A 150 -5.66 3.73 57.40
CA ILE A 150 -4.35 4.31 57.75
C ILE A 150 -4.55 5.64 58.49
N HIS A 151 -5.75 6.27 58.37
CA HIS A 151 -6.10 7.57 58.91
C HIS A 151 -5.44 7.90 60.27
N SER A 152 -5.58 7.03 61.27
CA SER A 152 -5.07 7.26 62.62
C SER A 152 -3.56 6.98 62.78
N ARG A 153 -2.87 6.39 61.78
CA ARG A 153 -1.46 6.02 61.86
C ARG A 153 -1.37 4.86 62.85
N GLU A 154 -2.09 3.76 62.54
CA GLU A 154 -2.17 2.56 63.38
C GLU A 154 -1.79 1.31 62.58
N LEU A 155 -2.66 0.86 61.65
CA LEU A 155 -2.43 -0.36 60.87
C LEU A 155 -2.91 -0.18 59.40
N PRO A 156 -2.00 0.02 58.42
CA PRO A 156 -2.45 0.21 57.02
C PRO A 156 -2.64 -1.10 56.22
N ASP A 157 -3.88 -1.39 55.76
CA ASP A 157 -4.18 -2.61 55.00
C ASP A 157 -3.84 -2.49 53.51
N CYS A 158 -2.91 -3.36 53.02
CA CYS A 158 -2.51 -3.45 51.61
C CYS A 158 -3.19 -4.67 51.03
N TYR A 159 -3.86 -4.53 49.88
CA TYR A 159 -4.56 -5.61 49.19
C TYR A 159 -3.81 -5.98 47.96
N VAL A 160 -3.82 -7.26 47.54
CA VAL A 160 -3.24 -7.64 46.24
C VAL A 160 -4.37 -8.27 45.44
N PHE A 161 -4.73 -7.61 44.35
CA PHE A 161 -5.77 -8.06 43.47
C PHE A 161 -5.17 -8.90 42.39
N GLN A 162 -5.57 -10.21 42.30
CA GLN A 162 -5.13 -11.16 41.27
C GLN A 162 -6.25 -11.15 40.23
N ASN A 163 -6.21 -10.12 39.36
CA ASN A 163 -7.21 -9.92 38.33
C ASN A 163 -7.02 -10.83 37.16
N THR A 164 -8.12 -11.29 36.56
CA THR A 164 -8.07 -12.18 35.38
C THR A 164 -9.27 -11.93 34.43
N ILE A 165 -9.00 -11.56 33.18
CA ILE A 165 -10.05 -11.36 32.17
C ILE A 165 -10.08 -12.61 31.30
N ILE A 166 -11.23 -13.17 31.04
CA ILE A 166 -11.34 -14.36 30.19
C ILE A 166 -12.30 -14.12 29.01
N PHE A 167 -11.84 -14.45 27.80
CA PHE A 167 -12.62 -14.36 26.59
C PHE A 167 -12.93 -15.83 26.34
N ASP A 168 -14.16 -16.29 26.69
CA ASP A 168 -14.53 -17.71 26.64
C ASP A 168 -15.25 -18.09 25.34
N ASN A 169 -14.56 -18.82 24.44
CA ASN A 169 -15.19 -19.29 23.19
C ASN A 169 -15.41 -20.81 23.21
N LYS A 170 -15.52 -21.42 24.43
CA LYS A 170 -15.66 -22.88 24.57
C LYS A 170 -16.98 -23.42 24.00
N ALA A 171 -18.05 -22.61 23.90
CA ALA A 171 -19.30 -23.04 23.26
C ALA A 171 -19.18 -23.22 21.72
N HIS A 172 -18.41 -22.32 21.05
CA HIS A 172 -18.19 -22.27 19.59
C HIS A 172 -19.50 -22.00 18.89
N SER A 173 -20.29 -21.11 19.52
CA SER A 173 -21.59 -20.72 19.07
C SER A 173 -21.58 -19.36 18.35
N GLY A 174 -20.43 -18.68 18.27
CA GLY A 174 -20.35 -17.39 17.61
C GLY A 174 -20.37 -16.19 18.53
N LYS A 175 -20.54 -16.41 19.86
CA LYS A 175 -20.50 -15.40 20.90
C LYS A 175 -19.36 -15.69 21.86
N ILE A 176 -18.57 -14.68 22.24
CA ILE A 176 -17.50 -14.90 23.20
C ILE A 176 -17.97 -14.24 24.50
N LYS A 177 -17.96 -15.00 25.62
CA LYS A 177 -18.38 -14.49 26.91
C LYS A 177 -17.13 -14.00 27.62
N ILE A 178 -17.14 -12.75 28.12
CA ILE A 178 -16.03 -12.10 28.78
C ILE A 178 -16.28 -12.08 30.27
N TYR A 179 -15.44 -12.80 31.02
CA TYR A 179 -15.53 -12.88 32.49
C TYR A 179 -14.42 -12.09 33.09
N PHE A 180 -14.73 -11.31 34.11
CA PHE A 180 -13.74 -10.60 34.87
C PHE A 180 -13.72 -11.16 36.26
N ASP A 181 -12.56 -11.65 36.70
CA ASP A 181 -12.37 -12.14 38.06
C ASP A 181 -11.37 -11.25 38.80
N SER A 182 -11.50 -11.18 40.11
CA SER A 182 -10.55 -10.47 40.94
C SER A 182 -10.49 -11.14 42.32
N ASP A 183 -9.29 -11.60 42.73
CA ASP A 183 -9.09 -12.25 44.02
C ASP A 183 -8.28 -11.34 44.87
N ALA A 184 -8.90 -10.69 45.86
CA ALA A 184 -8.18 -9.79 46.75
C ALA A 184 -7.69 -10.53 47.97
N LYS A 185 -6.48 -10.22 48.41
CA LYS A 185 -5.87 -10.80 49.60
C LYS A 185 -5.10 -9.73 50.33
N ILE A 186 -5.23 -9.65 51.66
CA ILE A 186 -4.39 -8.69 52.39
C ILE A 186 -3.01 -9.36 52.49
N GLU A 187 -1.99 -8.64 52.08
CA GLU A 187 -0.63 -9.15 52.04
C GLU A 187 0.28 -8.37 52.96
N GLU A 188 1.54 -8.83 53.04
CA GLU A 188 2.57 -8.10 53.77
C GLU A 188 2.92 -6.92 52.86
N CYS A 189 2.39 -5.72 53.21
CA CYS A 189 2.57 -4.47 52.46
C CYS A 189 4.05 -4.23 52.12
N LYS A 190 4.41 -4.41 50.84
CA LYS A 190 5.72 -4.07 50.30
C LYS A 190 5.38 -2.83 49.52
N ASP A 191 5.48 -1.66 50.19
CA ASP A 191 4.99 -0.36 49.69
C ASP A 191 5.58 0.04 48.30
N LEU A 192 4.98 -0.55 47.22
CA LEU A 192 5.36 -0.26 45.84
C LEU A 192 4.75 1.08 45.44
N ASN A 193 5.32 1.77 44.42
CA ASN A 193 4.83 3.09 43.96
C ASN A 193 3.30 3.01 43.75
N ILE A 194 2.54 3.90 44.44
CA ILE A 194 1.08 3.94 44.39
C ILE A 194 0.69 5.08 43.42
N PHE A 195 1.37 5.14 42.25
CA PHE A 195 1.21 6.16 41.21
C PHE A 195 1.27 7.61 41.77
N GLY A 196 2.06 7.82 42.83
CA GLY A 196 2.21 9.12 43.47
C GLY A 196 2.95 9.02 44.79
N SER B 1 -72.10 3.21 10.36
CA SER B 1 -71.06 2.19 10.25
C SER B 1 -69.68 2.78 10.57
N ASN B 2 -68.99 2.20 11.57
CA ASN B 2 -67.63 2.63 11.99
C ASN B 2 -66.61 1.96 11.08
N GLN B 3 -65.73 2.74 10.41
CA GLN B 3 -64.75 2.18 9.48
C GLN B 3 -63.29 2.48 9.88
N LEU B 4 -63.05 3.20 10.99
CA LEU B 4 -61.70 3.56 11.47
C LEU B 4 -61.12 2.41 12.28
N VAL B 5 -59.94 1.91 11.87
CA VAL B 5 -59.27 0.83 12.59
C VAL B 5 -58.37 1.48 13.62
N VAL B 6 -58.57 1.17 14.93
CA VAL B 6 -57.76 1.74 16.00
C VAL B 6 -56.31 1.37 15.79
N ALA B 7 -56.00 0.11 15.46
CA ALA B 7 -54.64 -0.32 15.22
C ALA B 7 -53.97 0.55 14.17
N PHE B 8 -54.62 0.84 13.03
CA PHE B 8 -53.99 1.69 12.00
C PHE B 8 -53.76 3.11 12.50
N LYS B 9 -54.74 3.71 13.21
CA LYS B 9 -54.56 5.04 13.79
C LYS B 9 -53.34 5.06 14.75
N GLU B 10 -53.28 4.10 15.68
CA GLU B 10 -52.26 4.06 16.71
C GLU B 10 -50.90 3.67 16.14
N ASP B 11 -50.82 2.68 15.21
CA ASP B 11 -49.55 2.28 14.60
C ASP B 11 -48.91 3.47 13.88
N ASN B 12 -49.72 4.28 13.18
CA ASN B 12 -49.21 5.46 12.49
C ASN B 12 -48.69 6.50 13.47
N THR B 13 -49.41 6.74 14.56
CA THR B 13 -48.94 7.72 15.55
C THR B 13 -47.58 7.36 16.09
N VAL B 14 -47.36 6.07 16.40
CA VAL B 14 -46.04 5.62 16.88
C VAL B 14 -44.96 5.99 15.87
N ALA B 15 -45.21 5.71 14.57
CA ALA B 15 -44.29 6.02 13.51
C ALA B 15 -44.07 7.53 13.39
N PHE B 16 -45.12 8.35 13.55
CA PHE B 16 -44.94 9.81 13.48
C PHE B 16 -44.07 10.30 14.61
N LYS B 17 -44.20 9.70 15.82
CA LYS B 17 -43.36 10.13 16.94
C LYS B 17 -41.90 9.88 16.59
N HIS B 18 -41.59 8.72 15.98
CA HIS B 18 -40.23 8.43 15.56
C HIS B 18 -39.74 9.40 14.49
N LEU B 19 -40.58 9.75 13.50
CA LEU B 19 -40.20 10.67 12.43
C LEU B 19 -40.02 12.11 12.86
N PHE B 20 -40.92 12.66 13.70
CA PHE B 20 -40.91 14.09 14.03
C PHE B 20 -40.28 14.49 15.38
N LEU B 21 -40.26 13.58 16.35
CA LEU B 21 -39.67 13.87 17.65
C LEU B 21 -38.20 13.45 17.65
N LYS B 22 -37.27 14.46 17.62
CA LYS B 22 -35.80 14.26 17.65
C LYS B 22 -35.38 13.45 18.88
N GLY B 23 -34.64 12.38 18.66
CA GLY B 23 -34.17 11.55 19.75
C GLY B 23 -35.23 10.72 20.48
N TYR B 24 -36.46 10.64 19.94
CA TYR B 24 -37.51 9.87 20.56
C TYR B 24 -37.03 8.47 20.78
N SER B 25 -36.98 8.04 22.08
CA SER B 25 -36.48 6.73 22.52
C SER B 25 -37.30 5.53 22.08
N GLY B 26 -38.54 5.72 21.72
CA GLY B 26 -39.39 4.60 21.37
C GLY B 26 -40.54 4.44 22.33
N THR B 27 -40.41 4.93 23.57
CA THR B 27 -41.46 4.88 24.58
C THR B 27 -41.69 6.31 25.14
N ASP B 28 -42.96 6.69 25.44
CA ASP B 28 -43.24 8.00 26.03
C ASP B 28 -42.61 8.16 27.40
N GLU B 29 -42.22 9.41 27.74
CA GLU B 29 -41.57 9.73 28.99
C GLU B 29 -42.54 9.71 30.16
N ASP B 30 -43.76 10.18 29.96
CA ASP B 30 -44.80 10.17 30.99
C ASP B 30 -46.14 10.38 30.23
N ASP B 31 -46.90 11.46 30.49
CA ASP B 31 -48.08 11.81 29.70
C ASP B 31 -47.61 12.44 28.35
N TYR B 32 -46.36 12.97 28.31
CA TYR B 32 -45.74 13.57 27.13
C TYR B 32 -44.68 12.62 26.62
N SER B 33 -44.32 12.76 25.34
CA SER B 33 -43.38 11.86 24.69
C SER B 33 -41.95 12.07 25.17
N CYS B 34 -41.40 13.31 25.06
CA CYS B 34 -40.05 13.58 25.53
C CYS B 34 -39.91 14.99 26.05
N SER B 35 -38.78 15.27 26.70
CA SER B 35 -38.51 16.56 27.29
C SER B 35 -37.15 17.10 26.84
N VAL B 36 -36.92 18.41 27.05
CA VAL B 36 -35.65 19.07 26.71
C VAL B 36 -35.33 19.97 27.86
N TYR B 37 -34.04 20.12 28.20
CA TYR B 37 -33.63 20.94 29.34
C TYR B 37 -32.69 22.11 28.97
N THR B 38 -32.42 22.33 27.65
CA THR B 38 -31.56 23.43 27.20
C THR B 38 -32.12 24.11 25.98
N GLN B 39 -31.72 25.36 25.74
CA GLN B 39 -32.17 26.15 24.59
C GLN B 39 -31.75 25.50 23.28
N GLU B 40 -30.53 24.97 23.21
CA GLU B 40 -30.08 24.29 21.99
C GLU B 40 -30.94 23.09 21.68
N ASP B 41 -31.17 22.19 22.66
CA ASP B 41 -31.97 21.00 22.39
C ASP B 41 -33.40 21.40 21.99
N ALA B 42 -33.94 22.47 22.63
CA ALA B 42 -35.27 22.97 22.31
C ALA B 42 -35.32 23.42 20.84
N TYR B 43 -34.36 24.25 20.40
CA TYR B 43 -34.31 24.65 18.99
C TYR B 43 -34.06 23.46 18.08
N GLU B 44 -33.10 22.58 18.42
CA GLU B 44 -32.82 21.41 17.59
C GLU B 44 -34.10 20.56 17.41
N SER B 45 -34.93 20.42 18.47
CA SER B 45 -36.15 19.62 18.37
C SER B 45 -37.21 20.30 17.51
N ILE B 46 -37.35 21.63 17.61
CA ILE B 46 -38.29 22.43 16.80
C ILE B 46 -37.91 22.33 15.30
N PHE B 47 -36.64 22.52 15.00
CA PHE B 47 -36.13 22.51 13.64
C PHE B 47 -36.18 21.12 13.08
N PHE B 48 -35.90 20.10 13.87
CA PHE B 48 -35.97 18.72 13.41
C PHE B 48 -37.36 18.37 12.90
N ALA B 49 -38.39 18.74 13.65
CA ALA B 49 -39.78 18.47 13.25
C ALA B 49 -40.12 19.12 11.91
N ILE B 50 -39.72 20.39 11.70
CA ILE B 50 -40.02 21.11 10.45
C ILE B 50 -39.20 20.51 9.28
N ASN B 51 -37.94 20.17 9.52
CA ASN B 51 -37.15 19.60 8.45
C ASN B 51 -37.60 18.19 8.09
N GLN B 52 -38.10 17.42 9.05
CA GLN B 52 -38.61 16.09 8.77
C GLN B 52 -39.89 16.20 7.95
N TYR B 53 -40.73 17.21 8.24
CA TYR B 53 -41.95 17.43 7.45
C TYR B 53 -41.55 17.71 6.02
N HIS B 54 -40.62 18.63 5.84
CA HIS B 54 -40.15 19.04 4.54
C HIS B 54 -39.69 17.83 3.72
N GLN B 55 -38.89 16.95 4.29
CA GLN B 55 -38.31 15.80 3.58
C GLN B 55 -39.13 14.51 3.69
N LEU B 56 -40.36 14.56 4.20
CA LEU B 56 -41.24 13.41 4.42
C LEU B 56 -41.31 12.47 3.21
N LYS B 57 -41.34 13.03 2.01
CA LYS B 57 -41.35 12.30 0.75
C LYS B 57 -40.27 11.16 0.75
N ASP B 58 -39.06 11.45 1.29
CA ASP B 58 -37.91 10.55 1.36
C ASP B 58 -37.70 9.88 2.72
N ILE B 59 -38.60 10.06 3.67
CA ILE B 59 -38.45 9.47 4.99
C ILE B 59 -39.50 8.37 5.20
N THR B 60 -40.77 8.71 5.12
CA THR B 60 -41.86 7.80 5.45
C THR B 60 -41.81 6.41 4.73
N LEU B 61 -42.24 5.33 5.44
CA LEU B 61 -42.37 3.99 4.88
C LEU B 61 -43.88 3.64 4.62
N GLY B 62 -44.79 4.55 4.96
CA GLY B 62 -46.20 4.33 4.77
C GLY B 62 -46.71 4.85 3.44
N THR B 63 -48.03 4.72 3.23
CA THR B 63 -48.75 5.23 2.04
C THR B 63 -49.31 6.59 2.43
N LEU B 64 -48.43 7.56 2.62
CA LEU B 64 -48.78 8.88 3.11
C LEU B 64 -48.78 9.90 2.01
N GLY B 65 -49.27 11.08 2.35
CA GLY B 65 -49.28 12.26 1.51
C GLY B 65 -49.53 13.47 2.36
N TYR B 66 -49.17 14.68 1.87
CA TYR B 66 -49.45 15.90 2.62
C TYR B 66 -50.96 16.18 2.56
N GLY B 67 -51.48 16.78 3.60
CA GLY B 67 -52.88 17.11 3.68
C GLY B 67 -53.14 18.59 3.68
N GLU B 68 -54.26 19.01 3.05
CA GLU B 68 -54.71 20.40 3.08
C GLU B 68 -55.06 20.77 4.55
N ASN B 69 -54.54 21.91 5.05
CA ASN B 69 -54.75 22.30 6.46
C ASN B 69 -56.17 22.92 6.66
N GLU B 70 -56.46 23.39 7.90
CA GLU B 70 -57.75 24.01 8.33
C GLU B 70 -58.34 25.02 7.29
N ASP B 71 -57.45 25.80 6.62
CA ASP B 71 -57.81 26.85 5.64
C ASP B 71 -57.55 26.43 4.16
N ASN B 72 -57.48 25.10 3.87
CA ASN B 72 -57.28 24.48 2.55
C ASN B 72 -55.81 24.58 1.97
N ARG B 73 -54.87 25.33 2.61
CA ARG B 73 -53.49 25.43 2.07
C ARG B 73 -52.64 24.20 2.47
N ILE B 74 -51.49 24.05 1.81
CA ILE B 74 -50.50 22.97 2.08
C ILE B 74 -49.38 23.56 2.90
N GLY B 75 -48.89 22.85 3.90
CA GLY B 75 -47.79 23.34 4.71
C GLY B 75 -48.06 23.19 6.19
N LEU B 76 -47.14 23.67 7.02
CA LEU B 76 -47.28 23.56 8.46
C LEU B 76 -47.31 24.90 9.09
N LYS B 77 -48.03 24.99 10.20
CA LYS B 77 -48.24 26.21 10.95
C LYS B 77 -47.43 26.09 12.22
N VAL B 78 -46.70 27.14 12.57
CA VAL B 78 -45.95 27.23 13.81
C VAL B 78 -46.58 28.35 14.62
N CYS B 79 -46.68 28.19 15.94
CA CYS B 79 -47.31 29.16 16.84
C CYS B 79 -46.54 29.30 18.09
N LYS B 80 -46.43 30.51 18.62
CA LYS B 80 -45.73 30.68 19.88
C LYS B 80 -46.55 31.56 20.80
N GLN B 81 -46.70 31.16 22.07
CA GLN B 81 -47.39 31.94 23.10
C GLN B 81 -46.32 32.44 24.03
N HIS B 82 -46.38 33.72 24.38
CA HIS B 82 -45.37 34.29 25.25
C HIS B 82 -45.92 35.48 25.99
N TYR B 83 -45.54 35.67 27.27
CA TYR B 83 -46.02 36.82 28.02
C TYR B 83 -45.56 38.08 27.32
N LYS B 84 -46.47 39.03 27.01
CA LYS B 84 -46.17 40.25 26.26
C LYS B 84 -45.11 41.09 26.98
N LYS B 85 -44.28 41.82 26.21
CA LYS B 85 -43.18 42.65 26.75
C LYS B 85 -43.70 43.81 27.64
N GLY B 86 -43.21 43.85 28.87
CA GLY B 86 -43.52 44.89 29.84
C GLY B 86 -42.43 44.94 30.90
N THR B 87 -42.61 45.76 31.96
CA THR B 87 -41.63 45.84 33.07
C THR B 87 -41.76 44.54 33.89
N MET B 88 -41.13 43.44 33.40
CA MET B 88 -41.18 42.06 33.95
C MET B 88 -42.63 41.50 33.91
N PHE B 89 -43.47 42.00 32.94
CA PHE B 89 -44.89 41.69 32.69
C PHE B 89 -45.66 41.28 33.95
N ASP B 98 -56.75 40.13 32.37
CA ASP B 98 -55.30 40.15 32.14
C ASP B 98 -54.95 40.28 30.64
N ASN B 99 -54.92 39.11 29.92
CA ASN B 99 -54.44 38.95 28.54
C ASN B 99 -52.95 39.37 28.50
N ASP B 100 -52.17 38.85 29.48
CA ASP B 100 -50.74 39.11 29.55
C ASP B 100 -50.01 38.28 28.46
N VAL B 101 -50.67 37.22 27.90
CA VAL B 101 -50.15 36.35 26.84
C VAL B 101 -50.37 36.92 25.43
N GLU B 102 -49.35 36.75 24.54
CA GLU B 102 -49.33 37.19 23.13
C GLU B 102 -49.16 35.96 22.24
N LEU B 103 -50.07 35.74 21.28
CA LEU B 103 -50.02 34.59 20.38
C LEU B 103 -49.61 34.98 18.95
N ASP B 104 -48.37 34.60 18.54
CA ASP B 104 -47.84 34.83 17.19
C ASP B 104 -47.87 33.50 16.44
N CYS B 105 -48.28 33.54 15.18
CA CYS B 105 -48.41 32.39 14.32
C CYS B 105 -47.60 32.56 13.01
N VAL B 106 -47.24 31.46 12.34
CA VAL B 106 -46.47 31.53 11.07
C VAL B 106 -46.83 30.30 10.21
N GLN B 107 -47.38 30.51 9.00
CA GLN B 107 -47.75 29.43 8.07
C GLN B 107 -46.58 29.26 7.09
N LEU B 108 -45.97 28.06 7.07
CA LEU B 108 -44.84 27.75 6.18
C LEU B 108 -45.28 26.82 5.03
N ASP B 109 -45.42 27.36 3.83
CA ASP B 109 -45.82 26.61 2.63
C ASP B 109 -44.70 25.68 2.17
N LEU B 110 -45.02 24.70 1.30
CA LEU B 110 -44.04 23.74 0.77
C LEU B 110 -42.90 24.43 -0.01
N GLN B 111 -43.16 25.59 -0.63
CA GLN B 111 -42.14 26.35 -1.36
C GLN B 111 -41.19 27.04 -0.39
N ASP B 112 -41.72 27.54 0.76
CA ASP B 112 -40.92 28.25 1.78
C ASP B 112 -39.84 27.32 2.35
N LEU B 113 -40.20 26.05 2.58
CA LEU B 113 -39.29 25.01 3.12
C LEU B 113 -38.30 24.56 2.05
N SER B 114 -38.76 24.45 0.79
CA SER B 114 -37.93 24.04 -0.35
C SER B 114 -36.83 25.06 -0.71
N LYS B 115 -36.89 26.36 -0.30
CA LYS B 115 -35.79 27.28 -0.61
C LYS B 115 -34.53 26.79 0.07
N LYS B 116 -33.39 26.82 -0.63
CA LYS B 116 -32.09 26.43 -0.07
C LYS B 116 -31.27 27.69 -0.18
N PRO B 117 -31.02 28.42 0.93
CA PRO B 117 -31.25 28.06 2.32
C PRO B 117 -32.65 28.42 2.77
N PRO B 118 -33.29 27.62 3.60
CA PRO B 118 -34.62 28.02 4.04
C PRO B 118 -34.50 29.28 4.90
N ASP B 119 -34.98 30.37 4.34
CA ASP B 119 -34.98 31.69 4.96
C ASP B 119 -35.80 31.72 6.27
N TRP B 120 -36.75 30.79 6.43
CA TRP B 120 -37.57 30.67 7.63
C TRP B 120 -36.73 30.46 8.92
N LYS B 121 -35.64 29.67 8.85
CA LYS B 121 -34.74 29.40 10.00
C LYS B 121 -34.15 30.66 10.60
N ASN B 122 -33.84 31.67 9.74
CA ASN B 122 -33.23 32.95 10.13
C ASN B 122 -34.28 34.03 10.47
N SER B 123 -35.58 33.68 10.53
CA SER B 123 -36.66 34.62 10.84
C SER B 123 -36.62 35.05 12.29
N SER B 124 -37.14 36.27 12.55
CA SER B 124 -37.28 36.81 13.90
C SER B 124 -38.33 36.02 14.68
N PHE B 125 -39.24 35.30 13.98
CA PHE B 125 -40.23 34.45 14.62
C PHE B 125 -39.56 33.35 15.43
N PHE B 126 -38.50 32.74 14.86
CA PHE B 126 -37.79 31.64 15.50
C PHE B 126 -36.70 32.09 16.49
N ARG B 127 -36.62 33.39 16.86
CA ARG B 127 -35.72 33.87 17.91
C ARG B 127 -36.55 33.91 19.18
N LEU B 128 -36.57 32.80 19.91
CA LEU B 128 -37.46 32.63 21.08
C LEU B 128 -36.88 33.20 22.36
N GLU B 129 -37.72 33.89 23.16
CA GLU B 129 -37.33 34.44 24.46
C GLU B 129 -37.94 33.51 25.49
N PHE B 130 -37.17 32.47 25.89
CA PHE B 130 -37.60 31.37 26.77
C PHE B 130 -38.05 31.84 28.18
N TYR B 131 -37.54 32.97 28.65
CA TYR B 131 -37.94 33.48 29.96
C TYR B 131 -39.44 33.87 29.98
N ARG B 132 -40.03 34.25 28.83
CA ARG B 132 -41.44 34.62 28.75
C ARG B 132 -42.16 33.75 27.71
N LEU B 133 -41.64 32.55 27.40
CA LEU B 133 -42.27 31.62 26.47
C LEU B 133 -43.17 30.64 27.19
N LEU B 134 -44.46 30.57 26.82
CA LEU B 134 -45.40 29.62 27.41
C LEU B 134 -45.35 28.32 26.63
N GLN B 135 -45.47 28.40 25.29
CA GLN B 135 -45.33 27.21 24.45
C GLN B 135 -45.16 27.50 22.97
N VAL B 136 -44.66 26.52 22.24
CA VAL B 136 -44.53 26.52 20.78
C VAL B 136 -45.37 25.34 20.30
N GLU B 137 -46.12 25.54 19.21
CA GLU B 137 -47.02 24.54 18.67
C GLU B 137 -46.79 24.36 17.17
N ILE B 138 -46.43 23.16 16.71
CA ILE B 138 -46.28 22.87 15.28
C ILE B 138 -47.47 22.05 14.87
N SER B 139 -48.16 22.39 13.78
CA SER B 139 -49.35 21.64 13.35
C SER B 139 -49.36 21.45 11.85
N PHE B 140 -49.72 20.22 11.42
CA PHE B 140 -49.76 19.85 10.01
C PHE B 140 -50.70 18.68 9.81
N HIS B 141 -51.13 18.47 8.60
CA HIS B 141 -52.07 17.41 8.26
C HIS B 141 -51.40 16.43 7.36
N LEU B 142 -51.63 15.15 7.58
CA LEU B 142 -51.14 14.09 6.71
C LEU B 142 -52.30 13.21 6.32
N LYS B 143 -52.35 12.75 5.07
CA LYS B 143 -53.39 11.84 4.60
C LYS B 143 -52.72 10.50 4.42
N GLY B 144 -53.34 9.41 4.87
CA GLY B 144 -52.81 8.06 4.70
C GLY B 144 -53.85 7.03 4.30
N ILE B 145 -53.46 5.97 3.58
CA ILE B 145 -54.35 4.90 3.13
C ILE B 145 -53.98 3.55 3.76
N ASP B 146 -54.99 2.79 4.23
CA ASP B 146 -54.75 1.47 4.81
C ASP B 146 -54.84 0.47 3.66
N LEU B 147 -53.71 0.02 3.10
CA LEU B 147 -53.75 -0.91 1.97
C LEU B 147 -54.19 -2.30 2.37
N GLN B 148 -53.93 -2.67 3.62
CA GLN B 148 -54.24 -4.01 4.10
C GLN B 148 -55.76 -4.27 4.07
N THR B 149 -56.60 -3.23 4.34
CA THR B 149 -58.06 -3.37 4.39
C THR B 149 -58.83 -2.65 3.24
N ILE B 150 -58.18 -2.07 2.18
CA ILE B 150 -58.98 -1.46 1.08
C ILE B 150 -59.81 -2.54 0.38
N HIS B 151 -59.14 -3.53 -0.25
CA HIS B 151 -59.76 -4.61 -1.03
C HIS B 151 -60.57 -4.06 -2.25
N SER B 152 -60.36 -2.77 -2.65
CA SER B 152 -61.01 -2.08 -3.77
C SER B 152 -59.99 -1.20 -4.52
N ARG B 153 -60.18 -1.06 -5.83
CA ARG B 153 -59.30 -0.28 -6.72
C ARG B 153 -59.56 1.24 -6.50
N GLU B 154 -60.80 1.70 -6.83
CA GLU B 154 -61.27 3.09 -6.68
C GLU B 154 -61.86 3.22 -5.26
N LEU B 155 -62.50 4.37 -4.94
CA LEU B 155 -63.12 4.64 -3.63
C LEU B 155 -62.22 4.21 -2.46
N PRO B 156 -60.94 4.63 -2.46
CA PRO B 156 -60.09 4.30 -1.30
C PRO B 156 -60.35 5.35 -0.23
N ASP B 157 -60.66 4.94 1.01
CA ASP B 157 -60.84 5.94 2.06
C ASP B 157 -59.48 6.29 2.60
N CYS B 158 -59.26 7.53 3.02
CA CYS B 158 -57.97 7.86 3.60
C CYS B 158 -58.17 8.40 5.02
N TYR B 159 -57.20 8.15 5.89
CA TYR B 159 -57.19 8.61 7.29
C TYR B 159 -56.62 9.97 7.26
N VAL B 160 -57.33 11.00 7.73
CA VAL B 160 -56.76 12.34 7.74
C VAL B 160 -56.17 12.54 9.14
N PHE B 161 -54.82 12.62 9.24
CA PHE B 161 -54.15 12.81 10.51
C PHE B 161 -53.91 14.29 10.78
N GLN B 162 -54.50 14.82 11.86
CA GLN B 162 -54.37 16.22 12.26
C GLN B 162 -53.35 16.23 13.39
N ASN B 163 -52.06 16.20 12.97
CA ASN B 163 -50.90 16.13 13.85
C ASN B 163 -50.54 17.48 14.47
N THR B 164 -50.16 17.45 15.76
CA THR B 164 -49.75 18.64 16.54
C THR B 164 -48.61 18.29 17.48
N ILE B 165 -47.52 19.06 17.45
CA ILE B 165 -46.38 18.87 18.33
C ILE B 165 -46.36 20.06 19.25
N ILE B 166 -46.43 19.85 20.57
CA ILE B 166 -46.48 20.98 21.52
C ILE B 166 -45.23 20.98 22.40
N PHE B 167 -44.58 22.14 22.48
CA PHE B 167 -43.42 22.35 23.32
C PHE B 167 -43.92 23.15 24.50
N ASP B 168 -44.37 22.48 25.55
CA ASP B 168 -44.97 23.12 26.72
C ASP B 168 -43.89 23.58 27.67
N ASN B 169 -43.84 24.88 27.95
CA ASN B 169 -42.94 25.45 28.94
C ASN B 169 -43.77 26.18 29.98
N LYS B 170 -45.06 25.83 30.12
CA LYS B 170 -45.97 26.54 31.02
C LYS B 170 -45.54 26.45 32.49
N ALA B 171 -44.78 25.42 32.90
CA ALA B 171 -44.30 25.31 34.29
C ALA B 171 -43.21 26.36 34.62
N HIS B 172 -42.32 26.67 33.66
CA HIS B 172 -41.18 27.60 33.78
C HIS B 172 -40.21 27.10 34.82
N SER B 173 -40.03 25.79 34.82
CA SER B 173 -39.19 25.05 35.76
C SER B 173 -37.84 24.64 35.13
N GLY B 174 -37.60 25.00 33.87
CA GLY B 174 -36.36 24.64 33.21
C GLY B 174 -36.40 23.41 32.33
N LYS B 175 -37.57 22.76 32.25
CA LYS B 175 -37.84 21.61 31.39
C LYS B 175 -39.00 21.90 30.46
N ILE B 176 -38.86 21.58 29.18
CA ILE B 176 -39.94 21.74 28.20
C ILE B 176 -40.45 20.35 27.90
N LYS B 177 -41.78 20.12 28.07
CA LYS B 177 -42.42 18.84 27.81
C LYS B 177 -42.92 18.88 26.37
N ILE B 178 -42.57 17.85 25.56
CA ILE B 178 -42.91 17.76 24.15
C ILE B 178 -44.00 16.75 23.99
N TYR B 179 -45.18 17.19 23.57
CA TYR B 179 -46.33 16.31 23.33
C TYR B 179 -46.55 16.12 21.84
N PHE B 180 -46.96 14.91 21.43
CA PHE B 180 -47.36 14.69 20.05
C PHE B 180 -48.82 14.21 20.04
N ASP B 181 -49.73 15.00 19.48
CA ASP B 181 -51.14 14.61 19.35
C ASP B 181 -51.41 14.31 17.89
N SER B 182 -52.24 13.30 17.62
CA SER B 182 -52.64 12.96 16.27
C SER B 182 -54.10 12.58 16.27
N ASP B 183 -54.94 13.27 15.50
CA ASP B 183 -56.37 12.99 15.42
C ASP B 183 -56.67 12.40 14.07
N ALA B 184 -56.96 11.11 13.99
CA ALA B 184 -57.28 10.49 12.72
C ALA B 184 -58.79 10.52 12.52
N LYS B 185 -59.20 10.74 11.26
CA LYS B 185 -60.60 10.73 10.82
C LYS B 185 -60.68 10.14 9.43
N ILE B 186 -61.67 9.27 9.15
CA ILE B 186 -61.80 8.69 7.80
C ILE B 186 -62.41 9.75 6.90
N GLU B 187 -61.86 9.94 5.71
CA GLU B 187 -62.37 10.93 4.78
C GLU B 187 -62.12 10.51 3.35
N GLU B 188 -62.73 11.26 2.42
CA GLU B 188 -62.56 11.04 0.99
C GLU B 188 -61.12 11.27 0.64
N CYS B 189 -60.57 10.53 -0.33
CA CYS B 189 -59.15 10.72 -0.68
C CYS B 189 -58.93 12.09 -1.26
N LYS B 190 -59.82 12.51 -2.20
CA LYS B 190 -59.86 13.83 -2.79
C LYS B 190 -58.54 14.29 -3.44
N ASP B 191 -58.08 13.54 -4.45
CA ASP B 191 -56.92 13.85 -5.31
C ASP B 191 -55.64 14.45 -4.61
N LEU B 192 -55.14 13.83 -3.54
CA LEU B 192 -53.87 14.28 -2.96
C LEU B 192 -52.90 13.12 -3.23
N ASN B 193 -51.61 13.43 -3.52
CA ASN B 193 -50.62 12.45 -4.02
C ASN B 193 -49.80 11.71 -2.95
N ILE B 194 -49.67 10.36 -3.18
CA ILE B 194 -48.96 9.41 -2.33
C ILE B 194 -47.49 9.42 -2.72
N PHE B 195 -46.64 9.74 -1.71
CA PHE B 195 -45.21 10.07 -1.80
C PHE B 195 -44.36 9.26 -2.85
N GLY B 196 -44.17 7.96 -2.66
CA GLY B 196 -43.33 7.22 -3.60
C GLY B 196 -43.89 6.97 -4.99
N SER B 197 -45.21 7.24 -5.21
CA SER B 197 -45.88 6.94 -6.49
C SER B 197 -45.52 7.87 -7.60
N THR B 198 -45.67 7.33 -8.83
CA THR B 198 -45.36 7.99 -10.09
C THR B 198 -46.33 7.52 -11.20
N GLN B 199 -46.41 8.24 -12.33
CA GLN B 199 -47.24 7.89 -13.51
C GLN B 199 -46.44 8.08 -14.80
N LEU C 4 -45.68 25.21 51.00
CA LEU C 4 -45.00 25.99 49.94
C LEU C 4 -44.88 25.13 48.62
N VAL C 5 -44.32 25.69 47.50
CA VAL C 5 -44.37 25.04 46.19
C VAL C 5 -43.21 24.06 46.00
N VAL C 6 -43.38 22.85 46.56
CA VAL C 6 -42.41 21.75 46.47
C VAL C 6 -42.16 21.41 45.00
N ALA C 7 -43.23 21.35 44.19
CA ALA C 7 -43.12 21.05 42.77
C ALA C 7 -42.12 21.97 42.11
N PHE C 8 -42.18 23.29 42.33
CA PHE C 8 -41.22 24.21 41.69
C PHE C 8 -39.80 23.98 42.17
N LYS C 9 -39.60 23.77 43.48
CA LYS C 9 -38.26 23.46 44.00
C LYS C 9 -37.70 22.19 43.32
N GLU C 10 -38.49 21.09 43.31
CA GLU C 10 -38.06 19.79 42.79
C GLU C 10 -37.91 19.79 41.28
N ASP C 11 -38.84 20.42 40.53
CA ASP C 11 -38.75 20.48 39.07
C ASP C 11 -37.47 21.20 38.63
N ASN C 12 -37.08 22.24 39.36
CA ASN C 12 -35.85 22.95 39.06
C ASN C 12 -34.62 22.08 39.35
N THR C 13 -34.60 21.34 40.49
CA THR C 13 -33.46 20.47 40.80
C THR C 13 -33.23 19.45 39.72
N VAL C 14 -34.29 18.89 39.14
CA VAL C 14 -34.14 17.93 38.05
C VAL C 14 -33.42 18.58 36.88
N ALA C 15 -33.87 19.80 36.51
CA ALA C 15 -33.30 20.54 35.39
C ALA C 15 -31.85 20.88 35.67
N PHE C 16 -31.52 21.25 36.91
CA PHE C 16 -30.10 21.56 37.22
C PHE C 16 -29.24 20.33 37.06
N LYS C 17 -29.75 19.13 37.42
CA LYS C 17 -28.94 17.92 37.28
C LYS C 17 -28.62 17.70 35.83
N HIS C 18 -29.59 17.93 34.92
CA HIS C 18 -29.35 17.81 33.48
C HIS C 18 -28.36 18.89 32.98
N LEU C 19 -28.44 20.14 33.51
CA LEU C 19 -27.54 21.21 33.07
C LEU C 19 -26.10 21.04 33.57
N PHE C 20 -25.86 20.67 34.86
CA PHE C 20 -24.48 20.63 35.41
C PHE C 20 -23.84 19.23 35.50
N LEU C 21 -24.61 18.17 35.42
CA LEU C 21 -23.97 16.86 35.53
C LEU C 21 -23.74 16.28 34.13
N LYS C 22 -22.46 16.28 33.70
CA LYS C 22 -22.10 15.76 32.37
C LYS C 22 -22.59 14.35 32.21
N GLY C 23 -23.29 14.07 31.14
CA GLY C 23 -23.76 12.70 30.90
C GLY C 23 -24.82 12.16 31.84
N TYR C 24 -25.46 13.03 32.69
CA TYR C 24 -26.53 12.61 33.58
C TYR C 24 -27.60 11.99 32.79
N SER C 25 -27.85 10.67 33.01
CA SER C 25 -28.81 9.82 32.29
C SER C 25 -30.26 10.22 32.43
N GLY C 26 -30.63 10.96 33.43
CA GLY C 26 -32.01 11.33 33.65
C GLY C 26 -32.55 10.78 34.94
N THR C 27 -31.96 9.70 35.46
CA THR C 27 -32.36 9.11 36.73
C THR C 27 -31.10 8.99 37.62
N ASP C 28 -31.23 9.24 38.96
CA ASP C 28 -30.08 9.08 39.86
C ASP C 28 -29.56 7.64 39.87
N GLU C 29 -28.24 7.49 40.06
CA GLU C 29 -27.58 6.20 40.05
C GLU C 29 -27.88 5.41 41.32
N ASP C 30 -27.90 6.09 42.48
CA ASP C 30 -28.23 5.46 43.77
C ASP C 30 -28.63 6.62 44.71
N ASP C 31 -27.91 6.86 45.81
CA ASP C 31 -28.12 8.04 46.64
C ASP C 31 -27.48 9.27 45.94
N TYR C 32 -26.50 9.01 45.05
CA TYR C 32 -25.79 10.03 44.28
C TYR C 32 -26.38 10.02 42.85
N SER C 33 -26.18 11.13 42.09
CA SER C 33 -26.70 11.31 40.73
C SER C 33 -25.91 10.52 39.65
N CYS C 34 -24.56 10.58 39.66
CA CYS C 34 -23.75 9.78 38.75
C CYS C 34 -22.37 9.62 39.28
N SER C 35 -21.56 8.84 38.58
CA SER C 35 -20.19 8.56 38.95
C SER C 35 -19.23 8.50 37.75
N VAL C 36 -17.92 8.55 38.05
CA VAL C 36 -16.87 8.45 37.05
C VAL C 36 -15.83 7.49 37.58
N TYR C 37 -15.20 6.73 36.69
CA TYR C 37 -14.19 5.74 37.04
C TYR C 37 -12.81 6.06 36.49
N THR C 38 -12.60 7.23 35.81
CA THR C 38 -11.28 7.62 35.29
C THR C 38 -10.98 9.09 35.54
N GLN C 39 -9.68 9.44 35.54
CA GLN C 39 -9.22 10.81 35.75
C GLN C 39 -9.75 11.74 34.68
N GLU C 40 -9.78 11.30 33.40
CA GLU C 40 -10.29 12.14 32.32
C GLU C 40 -11.75 12.44 32.56
N ASP C 41 -12.57 11.42 32.85
CA ASP C 41 -13.98 11.65 33.10
C ASP C 41 -14.18 12.58 34.30
N ALA C 42 -13.33 12.47 35.34
CA ALA C 42 -13.44 13.33 36.52
C ALA C 42 -13.16 14.78 36.15
N TYR C 43 -12.09 15.04 35.37
CA TYR C 43 -11.80 16.39 34.92
C TYR C 43 -12.88 16.90 33.99
N GLU C 44 -13.30 16.08 33.01
CA GLU C 44 -14.36 16.47 32.08
C GLU C 44 -15.64 16.86 32.84
N SER C 45 -15.99 16.12 33.91
CA SER C 45 -17.20 16.42 34.65
C SER C 45 -17.10 17.70 35.44
N ILE C 46 -15.92 17.98 36.03
CA ILE C 46 -15.69 19.19 36.82
C ILE C 46 -15.77 20.40 35.90
N PHE C 47 -15.03 20.35 34.79
CA PHE C 47 -14.99 21.47 33.84
C PHE C 47 -16.33 21.67 33.15
N PHE C 48 -17.09 20.59 32.87
CA PHE C 48 -18.43 20.71 32.28
C PHE C 48 -19.33 21.53 33.16
N ALA C 49 -19.38 21.25 34.48
CA ALA C 49 -20.21 22.02 35.42
C ALA C 49 -19.88 23.49 35.35
N ILE C 50 -18.58 23.80 35.46
CA ILE C 50 -18.09 25.19 35.49
C ILE C 50 -18.46 25.90 34.19
N ASN C 51 -18.23 25.25 33.04
CA ASN C 51 -18.53 25.88 31.76
C ASN C 51 -20.03 26.05 31.56
N GLN C 52 -20.87 25.16 32.16
CA GLN C 52 -22.34 25.28 32.06
C GLN C 52 -22.84 26.41 32.92
N TYR C 53 -22.10 26.76 33.99
CA TYR C 53 -22.44 27.90 34.82
C TYR C 53 -22.13 29.16 34.04
N HIS C 54 -20.93 29.21 33.45
CA HIS C 54 -20.47 30.34 32.65
C HIS C 54 -21.47 30.70 31.54
N GLN C 55 -21.91 29.70 30.78
CA GLN C 55 -22.81 29.88 29.64
C GLN C 55 -24.33 29.72 29.98
N LEU C 56 -24.70 29.64 31.29
CA LEU C 56 -26.07 29.43 31.78
C LEU C 56 -27.12 30.28 31.09
N LYS C 57 -26.77 31.52 30.77
CA LYS C 57 -27.59 32.51 30.03
C LYS C 57 -28.15 31.94 28.72
N ASP C 58 -27.33 31.17 27.99
CA ASP C 58 -27.68 30.60 26.68
C ASP C 58 -28.07 29.11 26.74
N ILE C 59 -28.27 28.56 27.96
CA ILE C 59 -28.59 27.16 28.16
C ILE C 59 -29.96 27.04 28.80
N THR C 60 -30.15 27.64 30.00
CA THR C 60 -31.39 27.49 30.75
C THR C 60 -32.69 27.84 29.98
N LEU C 61 -33.74 27.02 30.21
CA LEU C 61 -35.09 27.21 29.67
C LEU C 61 -36.01 27.81 30.75
N GLY C 62 -35.49 28.09 31.94
CA GLY C 62 -36.27 28.64 33.03
C GLY C 62 -36.12 30.14 33.13
N THR C 63 -36.78 30.73 34.15
CA THR C 63 -36.71 32.18 34.45
C THR C 63 -35.65 32.34 35.53
N LEU C 64 -34.39 32.11 35.17
CA LEU C 64 -33.26 32.10 36.12
C LEU C 64 -32.41 33.31 36.03
N GLY C 65 -31.51 33.44 36.99
CA GLY C 65 -30.52 34.50 37.08
C GLY C 65 -29.43 34.11 38.05
N TYR C 66 -28.24 34.74 37.95
CA TYR C 66 -27.16 34.44 38.91
C TYR C 66 -27.53 35.03 40.26
N GLY C 67 -27.09 34.38 41.32
CA GLY C 67 -27.35 34.81 42.68
C GLY C 67 -26.12 35.35 43.36
N GLU C 68 -26.32 36.38 44.21
CA GLU C 68 -25.27 36.98 45.01
C GLU C 68 -24.94 36.02 46.14
N ASN C 69 -23.65 35.67 46.30
CA ASN C 69 -23.20 34.75 47.35
C ASN C 69 -23.34 35.44 48.72
N GLU C 70 -23.17 34.67 49.82
CA GLU C 70 -23.33 35.16 51.21
C GLU C 70 -22.64 36.54 51.43
N ASP C 71 -21.46 36.77 50.80
CA ASP C 71 -20.70 38.02 50.88
C ASP C 71 -20.98 38.96 49.67
N ASN C 72 -22.24 39.00 49.18
CA ASN C 72 -22.69 39.85 48.06
C ASN C 72 -21.71 39.82 46.86
N ARG C 73 -21.33 38.60 46.41
CA ARG C 73 -20.41 38.38 45.28
C ARG C 73 -21.05 37.47 44.25
N ILE C 74 -20.71 37.62 42.96
CA ILE C 74 -21.23 36.79 41.87
C ILE C 74 -20.14 35.81 41.38
N GLY C 75 -20.48 34.54 41.24
CA GLY C 75 -19.55 33.52 40.80
C GLY C 75 -19.68 32.22 41.56
N LEU C 76 -18.84 31.24 41.19
CA LEU C 76 -18.85 29.95 41.86
C LEU C 76 -17.56 29.73 42.58
N LYS C 77 -17.66 28.96 43.67
CA LYS C 77 -16.56 28.57 44.52
C LYS C 77 -16.24 27.11 44.26
N VAL C 78 -14.95 26.74 44.19
CA VAL C 78 -14.50 25.37 43.97
C VAL C 78 -13.59 25.00 45.12
N CYS C 79 -13.92 23.96 45.91
CA CYS C 79 -13.09 23.56 47.07
C CYS C 79 -12.56 22.21 46.86
N LYS C 80 -11.30 21.96 47.24
CA LYS C 80 -10.71 20.63 47.15
C LYS C 80 -10.27 20.20 48.54
N GLN C 81 -10.35 18.90 48.85
CA GLN C 81 -9.89 18.33 50.10
C GLN C 81 -8.88 17.26 49.77
N HIS C 82 -7.60 17.50 50.07
CA HIS C 82 -6.52 16.55 49.80
C HIS C 82 -5.90 16.12 51.12
N TYR C 83 -5.36 14.88 51.22
CA TYR C 83 -4.61 14.49 52.43
C TYR C 83 -3.28 15.23 52.41
N LYS C 84 -2.74 15.57 53.60
CA LYS C 84 -1.42 16.17 53.70
C LYS C 84 -0.39 15.06 53.44
N LYS C 85 0.81 15.43 52.96
CA LYS C 85 1.91 14.49 52.62
C LYS C 85 2.11 13.42 53.73
N GLY C 86 1.45 12.26 53.57
CA GLY C 86 1.50 11.15 54.50
C GLY C 86 2.54 10.10 54.20
N THR C 87 2.37 8.90 54.76
CA THR C 87 3.30 7.78 54.59
C THR C 87 3.28 7.24 53.17
N MET C 88 2.10 6.80 52.70
CA MET C 88 1.87 6.24 51.37
C MET C 88 2.76 5.01 51.13
N ILE C 97 -1.44 13.20 65.69
CA ILE C 97 -2.53 13.80 64.91
C ILE C 97 -3.41 12.69 64.34
N ASP C 98 -4.73 12.93 64.30
CA ASP C 98 -5.68 11.96 63.73
C ASP C 98 -5.43 11.91 62.23
N ASN C 99 -5.76 13.00 61.50
CA ASN C 99 -5.51 13.09 60.06
C ASN C 99 -5.58 14.55 59.62
N ASP C 100 -4.54 15.03 58.90
CA ASP C 100 -4.53 16.41 58.42
C ASP C 100 -4.95 16.43 56.97
N VAL C 101 -5.94 17.29 56.67
CA VAL C 101 -6.50 17.47 55.34
C VAL C 101 -6.27 18.91 54.92
N GLU C 102 -5.86 19.11 53.66
CA GLU C 102 -5.59 20.43 53.11
C GLU C 102 -6.80 20.89 52.31
N LEU C 103 -7.64 21.76 52.92
CA LEU C 103 -8.81 22.31 52.27
C LEU C 103 -8.43 23.60 51.53
N ASP C 104 -8.31 23.52 50.20
CA ASP C 104 -7.99 24.66 49.33
C ASP C 104 -9.25 25.10 48.63
N CYS C 105 -9.46 26.41 48.50
CA CYS C 105 -10.64 26.96 47.82
C CYS C 105 -10.25 27.98 46.80
N VAL C 106 -11.06 28.13 45.75
CA VAL C 106 -10.90 29.16 44.75
C VAL C 106 -12.27 29.74 44.40
N GLN C 107 -12.41 31.06 44.42
CA GLN C 107 -13.63 31.76 44.03
C GLN C 107 -13.43 32.24 42.59
N LEU C 108 -14.28 31.78 41.65
CA LEU C 108 -14.19 32.18 40.24
C LEU C 108 -15.31 33.15 39.88
N ASP C 109 -14.99 34.42 39.73
CA ASP C 109 -15.98 35.45 39.37
C ASP C 109 -16.39 35.30 37.93
N LEU C 110 -17.48 35.96 37.52
CA LEU C 110 -17.94 35.85 36.13
C LEU C 110 -16.95 36.49 35.14
N GLN C 111 -16.16 37.47 35.58
CA GLN C 111 -15.13 38.08 34.73
C GLN C 111 -13.97 37.07 34.49
N ASP C 112 -13.65 36.21 35.50
CA ASP C 112 -12.59 35.18 35.40
C ASP C 112 -12.94 34.11 34.36
N LEU C 113 -14.23 33.72 34.32
CA LEU C 113 -14.76 32.72 33.38
C LEU C 113 -14.87 33.32 31.97
N SER C 114 -15.26 34.61 31.87
CA SER C 114 -15.40 35.32 30.60
C SER C 114 -14.07 35.57 29.88
N LYS C 115 -12.95 35.76 30.62
CA LYS C 115 -11.62 36.03 30.04
C LYS C 115 -11.20 35.00 29.01
N LYS C 116 -10.93 35.42 27.76
CA LYS C 116 -10.46 34.53 26.71
C LYS C 116 -8.94 34.68 26.59
N PRO C 117 -8.12 33.62 26.79
CA PRO C 117 -8.48 32.23 27.13
C PRO C 117 -8.81 32.08 28.61
N PRO C 118 -9.60 31.07 29.00
CA PRO C 118 -9.89 30.90 30.44
C PRO C 118 -8.63 30.46 31.18
N ASP C 119 -7.97 31.41 31.88
CA ASP C 119 -6.73 31.13 32.61
C ASP C 119 -6.95 30.17 33.78
N TRP C 120 -8.18 30.11 34.33
CA TRP C 120 -8.52 29.21 35.45
C TRP C 120 -8.28 27.73 35.11
N LYS C 121 -8.59 27.28 33.86
CA LYS C 121 -8.41 25.87 33.45
C LYS C 121 -6.97 25.41 33.59
N ASN C 122 -6.00 26.31 33.33
CA ASN C 122 -4.56 26.02 33.35
C ASN C 122 -3.93 26.25 34.75
N SER C 123 -4.75 26.53 35.80
CA SER C 123 -4.27 26.79 37.16
C SER C 123 -3.74 25.54 37.84
N SER C 124 -2.82 25.74 38.79
CA SER C 124 -2.27 24.64 39.60
C SER C 124 -3.35 24.09 40.54
N PHE C 125 -4.42 24.87 40.82
CA PHE C 125 -5.54 24.41 41.63
C PHE C 125 -6.23 23.22 40.97
N PHE C 126 -6.40 23.27 39.64
CA PHE C 126 -7.08 22.21 38.90
C PHE C 126 -6.14 21.05 38.49
N ARG C 127 -4.89 20.98 39.02
CA ARG C 127 -4.01 19.83 38.82
C ARG C 127 -4.19 18.94 40.05
N LEU C 128 -5.22 18.08 40.00
CA LEU C 128 -5.56 17.23 41.14
C LEU C 128 -4.65 16.00 41.28
N GLU C 129 -4.36 15.58 42.51
CA GLU C 129 -3.61 14.37 42.84
C GLU C 129 -4.62 13.42 43.44
N PHE C 130 -5.26 12.61 42.59
CA PHE C 130 -6.36 11.71 42.94
C PHE C 130 -6.02 10.64 43.99
N TYR C 131 -4.74 10.26 44.10
CA TYR C 131 -4.32 9.27 45.10
C TYR C 131 -4.52 9.80 46.53
N ARG C 132 -4.50 11.14 46.75
CA ARG C 132 -4.72 11.73 48.06
C ARG C 132 -5.94 12.68 48.07
N LEU C 133 -6.78 12.67 47.02
CA LEU C 133 -7.95 13.55 46.92
C LEU C 133 -9.15 12.95 47.64
N LEU C 134 -9.73 13.69 48.61
CA LEU C 134 -10.93 13.24 49.33
C LEU C 134 -12.16 13.70 48.55
N GLN C 135 -12.23 14.99 48.19
CA GLN C 135 -13.34 15.47 47.37
C GLN C 135 -13.13 16.84 46.77
N VAL C 136 -13.91 17.16 45.74
CA VAL C 136 -13.98 18.46 45.07
C VAL C 136 -15.41 18.88 45.20
N GLU C 137 -15.67 20.13 45.56
CA GLU C 137 -17.04 20.62 45.76
C GLU C 137 -17.24 21.95 45.04
N ILE C 138 -18.17 21.99 44.06
CA ILE C 138 -18.52 23.21 43.34
C ILE C 138 -19.80 23.77 43.95
N SER C 139 -19.81 25.08 44.27
CA SER C 139 -20.99 25.69 44.90
C SER C 139 -21.31 27.04 44.29
N PHE C 140 -22.58 27.31 44.04
CA PHE C 140 -23.05 28.54 43.42
C PHE C 140 -24.51 28.76 43.76
N HIS C 141 -24.96 30.00 43.59
CA HIS C 141 -26.30 30.42 43.90
C HIS C 141 -26.99 30.85 42.64
N LEU C 142 -28.28 30.49 42.50
CA LEU C 142 -29.10 30.90 41.37
C LEU C 142 -30.41 31.40 41.89
N LYS C 143 -30.96 32.46 41.29
CA LYS C 143 -32.24 33.02 41.69
C LYS C 143 -33.22 32.77 40.57
N GLY C 144 -34.39 32.21 40.91
CA GLY C 144 -35.44 31.88 39.95
C GLY C 144 -36.82 32.39 40.35
N ILE C 145 -37.72 32.62 39.36
CA ILE C 145 -39.08 33.07 39.62
C ILE C 145 -40.10 32.07 39.12
N ASP C 146 -41.16 31.88 39.92
CA ASP C 146 -42.25 31.01 39.57
C ASP C 146 -43.30 31.87 38.88
N LEU C 147 -43.35 31.86 37.54
CA LEU C 147 -44.31 32.69 36.80
C LEU C 147 -45.78 32.27 36.99
N GLN C 148 -46.04 31.07 37.54
CA GLN C 148 -47.43 30.65 37.78
C GLN C 148 -48.04 31.35 39.04
N THR C 149 -47.21 32.02 39.89
CA THR C 149 -47.68 32.79 41.03
C THR C 149 -48.06 34.25 40.59
N ILE C 150 -47.57 34.69 39.39
CA ILE C 150 -47.84 36.00 38.78
C ILE C 150 -49.00 35.89 37.72
N HIS C 151 -49.28 34.66 37.21
CA HIS C 151 -50.36 34.35 36.26
C HIS C 151 -51.73 34.83 36.84
N SER C 152 -52.00 34.53 38.15
CA SER C 152 -53.24 34.89 38.86
C SER C 152 -53.17 36.32 39.50
N ARG C 153 -52.55 36.44 40.70
CA ARG C 153 -52.42 37.72 41.42
C ARG C 153 -51.11 38.40 40.99
N GLU C 154 -50.75 39.55 41.60
CA GLU C 154 -49.52 40.28 41.27
C GLU C 154 -48.38 40.05 42.31
N LEU C 155 -48.52 39.06 43.25
CA LEU C 155 -47.48 38.77 44.25
C LEU C 155 -46.29 38.02 43.59
N PRO C 156 -45.07 38.59 43.55
CA PRO C 156 -43.95 37.88 42.89
C PRO C 156 -43.22 36.91 43.81
N ASP C 157 -43.42 35.59 43.58
CA ASP C 157 -42.77 34.53 44.38
C ASP C 157 -41.40 34.19 43.77
N CYS C 158 -40.30 34.57 44.45
CA CYS C 158 -38.94 34.31 43.99
C CYS C 158 -38.27 33.25 44.88
N TYR C 159 -37.30 32.50 44.31
CA TYR C 159 -36.56 31.45 45.00
C TYR C 159 -35.07 31.65 44.89
N VAL C 160 -34.27 31.27 45.90
CA VAL C 160 -32.81 31.32 45.79
C VAL C 160 -32.30 29.90 45.99
N PHE C 161 -31.70 29.35 44.95
CA PHE C 161 -31.17 28.01 44.95
C PHE C 161 -29.71 28.00 45.37
N GLN C 162 -29.39 27.29 46.48
CA GLN C 162 -28.03 27.13 46.97
C GLN C 162 -27.58 25.74 46.48
N ASN C 163 -27.10 25.74 45.23
CA ASN C 163 -26.64 24.54 44.55
C ASN C 163 -25.24 24.14 44.93
N THR C 164 -25.01 22.83 45.11
CA THR C 164 -23.70 22.24 45.44
C THR C 164 -23.51 20.93 44.68
N ILE C 165 -22.40 20.79 43.96
CA ILE C 165 -22.04 19.56 43.25
C ILE C 165 -20.89 18.97 44.03
N ILE C 166 -20.97 17.70 44.40
CA ILE C 166 -19.89 17.11 45.22
C ILE C 166 -19.35 15.93 44.50
N PHE C 167 -18.02 15.90 44.33
CA PHE C 167 -17.28 14.80 43.71
C PHE C 167 -16.66 14.06 44.87
N ASP C 168 -17.32 13.01 45.35
CA ASP C 168 -16.90 12.24 46.53
C ASP C 168 -15.98 11.09 46.16
N ASN C 169 -14.69 11.15 46.59
CA ASN C 169 -13.72 10.07 46.40
C ASN C 169 -13.27 9.59 47.77
N LYS C 170 -14.10 9.81 48.80
CA LYS C 170 -13.74 9.46 50.17
C LYS C 170 -13.54 7.94 50.36
N ALA C 171 -14.19 7.09 49.54
CA ALA C 171 -13.98 5.64 49.64
C ALA C 171 -12.57 5.21 49.15
N HIS C 172 -12.04 5.87 48.08
CA HIS C 172 -10.74 5.58 47.43
C HIS C 172 -10.78 4.20 46.85
N SER C 173 -11.94 3.85 46.29
CA SER C 173 -12.21 2.55 45.71
C SER C 173 -12.10 2.55 44.18
N GLY C 174 -11.81 3.70 43.57
CA GLY C 174 -11.67 3.77 42.12
C GLY C 174 -12.87 4.33 41.41
N LYS C 175 -13.88 4.77 42.16
CA LYS C 175 -15.10 5.40 41.68
C LYS C 175 -15.34 6.69 42.42
N ILE C 176 -15.69 7.76 41.71
CA ILE C 176 -16.05 9.04 42.32
C ILE C 176 -17.57 9.15 42.22
N LYS C 177 -18.26 9.40 43.34
CA LYS C 177 -19.71 9.55 43.38
C LYS C 177 -20.00 11.03 43.31
N ILE C 178 -20.86 11.46 42.38
CA ILE C 178 -21.20 12.87 42.15
C ILE C 178 -22.59 13.13 42.66
N TYR C 179 -22.69 13.96 43.69
CA TYR C 179 -23.96 14.35 44.32
C TYR C 179 -24.32 15.75 43.91
N PHE C 180 -25.59 15.99 43.65
CA PHE C 180 -26.06 17.34 43.36
C PHE C 180 -27.11 17.70 44.40
N ASP C 181 -26.81 18.71 45.26
CA ASP C 181 -27.74 19.20 46.29
C ASP C 181 -28.23 20.58 45.89
N SER C 182 -29.50 20.89 46.18
CA SER C 182 -30.08 22.20 45.89
C SER C 182 -31.01 22.59 47.03
N ASP C 183 -30.75 23.73 47.69
CA ASP C 183 -31.57 24.22 48.80
C ASP C 183 -32.31 25.45 48.35
N ALA C 184 -33.61 25.34 48.19
CA ALA C 184 -34.43 26.47 47.74
C ALA C 184 -35.04 27.20 48.91
N LYS C 185 -35.01 28.53 48.86
CA LYS C 185 -35.57 29.40 49.89
C LYS C 185 -36.31 30.52 49.22
N ILE C 186 -37.50 30.83 49.74
CA ILE C 186 -38.35 31.87 49.19
C ILE C 186 -37.84 33.21 49.65
N GLU C 187 -37.10 33.95 48.82
CA GLU C 187 -36.60 35.28 49.16
C GLU C 187 -37.03 36.27 48.11
N GLU C 188 -37.86 37.26 48.50
CA GLU C 188 -38.41 38.30 47.61
C GLU C 188 -37.28 38.99 46.83
N CYS C 189 -37.35 38.97 45.49
CA CYS C 189 -36.32 39.55 44.64
C CYS C 189 -36.30 41.08 44.77
N LYS C 190 -35.21 41.65 44.28
CA LYS C 190 -34.98 43.09 44.29
C LYS C 190 -34.53 43.51 42.89
N ASP C 191 -35.51 43.62 41.94
CA ASP C 191 -35.33 44.01 40.54
C ASP C 191 -34.00 43.42 39.94
N LEU C 192 -33.74 42.12 40.18
CA LEU C 192 -32.50 41.49 39.75
C LEU C 192 -32.54 41.00 38.29
N ASN C 193 -31.34 40.86 37.70
CA ASN C 193 -31.13 40.46 36.31
C ASN C 193 -31.50 38.99 36.05
N ILE C 194 -32.32 38.78 35.02
CA ILE C 194 -32.77 37.49 34.53
C ILE C 194 -32.32 37.36 33.10
N PHE C 195 -31.81 36.19 32.74
CA PHE C 195 -31.25 35.90 31.41
C PHE C 195 -32.27 36.18 30.31
N GLY C 196 -31.92 37.06 29.37
CA GLY C 196 -32.78 37.45 28.25
C GLY C 196 -33.61 38.70 28.48
N SER C 197 -33.65 39.26 29.72
CA SER C 197 -34.44 40.45 30.04
C SER C 197 -33.73 41.74 29.61
N THR C 198 -34.51 42.76 29.18
CA THR C 198 -33.99 44.07 28.74
C THR C 198 -34.78 45.19 29.41
N LEU D 4 -29.20 -32.93 17.71
CA LEU D 4 -30.06 -31.76 17.49
C LEU D 4 -30.04 -30.90 18.77
N VAL D 5 -28.83 -30.52 19.22
CA VAL D 5 -28.64 -29.75 20.45
C VAL D 5 -29.40 -28.43 20.31
N VAL D 6 -30.44 -28.24 21.14
CA VAL D 6 -31.21 -27.01 21.14
C VAL D 6 -30.28 -25.86 21.49
N ALA D 7 -29.45 -26.01 22.53
CA ALA D 7 -28.52 -24.96 22.94
C ALA D 7 -27.67 -24.50 21.78
N PHE D 8 -27.06 -25.41 21.01
CA PHE D 8 -26.21 -25.01 19.88
C PHE D 8 -27.04 -24.31 18.79
N LYS D 9 -28.19 -24.86 18.46
CA LYS D 9 -29.09 -24.24 17.49
C LYS D 9 -29.48 -22.82 17.96
N GLU D 10 -29.82 -22.68 19.24
CA GLU D 10 -30.28 -21.43 19.80
C GLU D 10 -29.15 -20.42 19.94
N ASP D 11 -28.02 -20.81 20.54
CA ASP D 11 -26.83 -19.93 20.74
C ASP D 11 -26.32 -19.32 19.44
N ASN D 12 -26.36 -20.10 18.34
CA ASN D 12 -25.98 -19.62 17.03
C ASN D 12 -26.95 -18.59 16.54
N THR D 13 -28.26 -18.82 16.72
CA THR D 13 -29.24 -17.86 16.23
C THR D 13 -29.05 -16.50 16.87
N VAL D 14 -28.82 -16.46 18.17
CA VAL D 14 -28.59 -15.18 18.81
C VAL D 14 -27.42 -14.46 18.15
N ALA D 15 -26.28 -15.18 17.93
CA ALA D 15 -25.11 -14.62 17.28
C ALA D 15 -25.42 -14.13 15.89
N PHE D 16 -26.25 -14.88 15.13
CA PHE D 16 -26.63 -14.43 13.79
C PHE D 16 -27.41 -13.15 13.84
N LYS D 17 -28.29 -12.98 14.84
CA LYS D 17 -29.06 -11.75 14.94
C LYS D 17 -28.09 -10.58 15.11
N HIS D 18 -27.05 -10.72 15.96
CA HIS D 18 -26.06 -9.67 16.15
C HIS D 18 -25.25 -9.42 14.87
N LEU D 19 -24.88 -10.48 14.11
CA LEU D 19 -24.14 -10.29 12.87
C LEU D 19 -24.92 -9.65 11.69
N PHE D 20 -26.18 -10.08 11.46
CA PHE D 20 -26.96 -9.68 10.30
C PHE D 20 -27.99 -8.60 10.52
N LEU D 21 -28.40 -8.29 11.79
CA LEU D 21 -29.39 -7.23 12.05
C LEU D 21 -28.69 -5.98 12.51
N LYS D 22 -28.62 -4.97 11.64
CA LYS D 22 -27.98 -3.69 11.97
C LYS D 22 -28.59 -3.08 13.21
N GLY D 23 -27.78 -2.68 14.15
CA GLY D 23 -28.27 -2.04 15.37
C GLY D 23 -29.03 -2.92 16.33
N TYR D 24 -29.03 -4.27 16.14
CA TYR D 24 -29.77 -5.17 17.02
C TYR D 24 -29.29 -4.96 18.40
N SER D 25 -30.22 -4.51 19.30
CA SER D 25 -29.99 -4.16 20.70
C SER D 25 -29.55 -5.28 21.60
N GLY D 26 -29.80 -6.51 21.20
CA GLY D 26 -29.45 -7.66 22.02
C GLY D 26 -30.65 -8.43 22.48
N THR D 27 -31.83 -7.80 22.53
CA THR D 27 -33.07 -8.45 22.91
C THR D 27 -34.11 -8.18 21.79
N ASP D 28 -34.99 -9.17 21.47
CA ASP D 28 -36.04 -8.95 20.48
C ASP D 28 -37.02 -7.86 20.94
N GLU D 29 -37.56 -7.10 19.94
CA GLU D 29 -38.46 -5.98 20.18
C GLU D 29 -39.82 -6.47 20.59
N ASP D 30 -40.32 -7.53 19.97
CA ASP D 30 -41.62 -8.14 20.32
C ASP D 30 -41.59 -9.56 19.74
N ASP D 31 -42.47 -9.92 18.77
CA ASP D 31 -42.37 -11.19 18.06
C ASP D 31 -41.23 -11.08 17.00
N TYR D 32 -40.89 -9.83 16.62
CA TYR D 32 -39.84 -9.52 15.64
C TYR D 32 -38.62 -9.03 16.43
N SER D 33 -37.47 -9.03 15.79
CA SER D 33 -36.20 -8.69 16.43
C SER D 33 -35.99 -7.18 16.54
N CYS D 34 -36.34 -6.42 15.48
CA CYS D 34 -36.25 -4.96 15.49
C CYS D 34 -37.01 -4.36 14.36
N SER D 35 -37.11 -3.05 14.36
CA SER D 35 -37.89 -2.33 13.39
C SER D 35 -37.15 -1.11 12.84
N VAL D 36 -37.67 -0.53 11.76
CA VAL D 36 -37.15 0.69 11.15
C VAL D 36 -38.35 1.56 10.78
N TYR D 37 -38.22 2.87 10.90
CA TYR D 37 -39.27 3.81 10.63
C TYR D 37 -38.97 4.76 9.47
N THR D 38 -37.78 4.64 8.80
CA THR D 38 -37.43 5.51 7.67
C THR D 38 -36.85 4.74 6.53
N GLN D 39 -36.91 5.31 5.32
CA GLN D 39 -36.40 4.67 4.11
C GLN D 39 -34.91 4.45 4.20
N GLU D 40 -34.16 5.44 4.75
CA GLU D 40 -32.70 5.29 4.90
C GLU D 40 -32.39 4.11 5.82
N ASP D 41 -33.03 4.05 7.00
CA ASP D 41 -32.78 2.95 7.91
C ASP D 41 -33.14 1.62 7.28
N ALA D 42 -34.21 1.55 6.45
CA ALA D 42 -34.63 0.30 5.79
C ALA D 42 -33.56 -0.12 4.81
N TYR D 43 -33.05 0.81 3.99
CA TYR D 43 -31.99 0.47 3.05
C TYR D 43 -30.73 0.09 3.81
N GLU D 44 -30.34 0.89 4.83
CA GLU D 44 -29.13 0.60 5.60
C GLU D 44 -29.18 -0.79 6.21
N SER D 45 -30.36 -1.23 6.68
CA SER D 45 -30.51 -2.54 7.30
C SER D 45 -30.42 -3.66 6.27
N ILE D 46 -31.02 -3.47 5.06
CA ILE D 46 -30.98 -4.48 3.99
C ILE D 46 -29.53 -4.66 3.51
N PHE D 47 -28.85 -3.55 3.21
CA PHE D 47 -27.47 -3.58 2.73
C PHE D 47 -26.51 -4.08 3.81
N PHE D 48 -26.74 -3.76 5.08
CA PHE D 48 -25.89 -4.27 6.18
C PHE D 48 -25.91 -5.80 6.21
N ALA D 49 -27.10 -6.40 6.14
CA ALA D 49 -27.22 -7.87 6.14
C ALA D 49 -26.45 -8.51 4.99
N ILE D 50 -26.55 -7.91 3.79
CA ILE D 50 -25.89 -8.42 2.57
C ILE D 50 -24.38 -8.29 2.71
N ASN D 51 -23.92 -7.12 3.17
CA ASN D 51 -22.48 -6.90 3.30
C ASN D 51 -21.88 -7.76 4.43
N GLN D 52 -22.64 -8.07 5.47
CA GLN D 52 -22.14 -8.94 6.54
C GLN D 52 -22.02 -10.37 6.03
N TYR D 53 -22.88 -10.78 5.09
CA TYR D 53 -22.80 -12.12 4.50
C TYR D 53 -21.55 -12.19 3.68
N HIS D 54 -21.34 -11.17 2.83
CA HIS D 54 -20.17 -11.07 1.98
C HIS D 54 -18.86 -11.20 2.78
N GLN D 55 -18.75 -10.48 3.92
CA GLN D 55 -17.53 -10.45 4.75
C GLN D 55 -17.56 -11.46 5.94
N LEU D 56 -18.53 -12.41 5.96
CA LEU D 56 -18.72 -13.35 7.06
C LEU D 56 -17.43 -14.01 7.53
N LYS D 57 -16.57 -14.35 6.61
CA LYS D 57 -15.25 -14.97 6.85
C LYS D 57 -14.43 -14.20 7.89
N ASP D 58 -14.48 -12.85 7.86
CA ASP D 58 -13.69 -11.99 8.73
C ASP D 58 -14.50 -11.43 9.91
N ILE D 59 -15.74 -11.91 10.13
CA ILE D 59 -16.62 -11.43 11.18
C ILE D 59 -16.92 -12.54 12.19
N THR D 60 -17.48 -13.66 11.73
CA THR D 60 -17.88 -14.74 12.63
C THR D 60 -16.80 -15.23 13.62
N LEU D 61 -17.24 -15.53 14.86
CA LEU D 61 -16.40 -16.11 15.90
C LEU D 61 -16.71 -17.61 16.04
N GLY D 62 -17.60 -18.15 15.20
CA GLY D 62 -17.93 -19.57 15.22
C GLY D 62 -17.14 -20.39 14.21
N THR D 63 -17.45 -21.71 14.16
CA THR D 63 -16.87 -22.67 13.22
C THR D 63 -17.84 -22.78 12.06
N LEU D 64 -17.97 -21.70 11.28
CA LEU D 64 -18.97 -21.60 10.20
C LEU D 64 -18.37 -21.74 8.84
N GLY D 65 -19.26 -21.84 7.86
CA GLY D 65 -18.93 -21.89 6.44
C GLY D 65 -20.17 -21.58 5.62
N TYR D 66 -20.01 -21.19 4.37
CA TYR D 66 -21.15 -20.96 3.49
C TYR D 66 -21.80 -22.30 3.14
N GLY D 67 -23.09 -22.29 2.94
CA GLY D 67 -23.88 -23.46 2.61
C GLY D 67 -24.43 -23.40 1.21
N GLU D 68 -24.80 -24.59 0.72
CA GLU D 68 -25.38 -24.76 -0.60
C GLU D 68 -26.85 -24.37 -0.55
N ASN D 69 -27.34 -23.77 -1.65
CA ASN D 69 -28.74 -23.36 -1.78
C ASN D 69 -29.39 -24.33 -2.76
N GLU D 70 -30.71 -24.22 -2.94
CA GLU D 70 -31.55 -25.08 -3.79
C GLU D 70 -30.90 -25.50 -5.15
N ASP D 71 -30.12 -24.61 -5.79
CA ASP D 71 -29.47 -24.88 -7.09
C ASP D 71 -28.03 -25.49 -6.98
N ASN D 72 -27.57 -25.83 -5.75
CA ASN D 72 -26.21 -26.30 -5.46
C ASN D 72 -25.20 -25.19 -5.78
N ARG D 73 -25.50 -23.97 -5.26
CA ARG D 73 -24.66 -22.78 -5.41
C ARG D 73 -24.58 -22.08 -4.08
N ILE D 74 -23.52 -21.28 -3.90
CA ILE D 74 -23.29 -20.49 -2.71
C ILE D 74 -23.58 -19.02 -3.04
N GLY D 75 -24.42 -18.43 -2.22
CA GLY D 75 -24.87 -17.05 -2.32
C GLY D 75 -26.17 -16.82 -1.59
N LEU D 76 -26.66 -15.56 -1.58
CA LEU D 76 -27.92 -15.24 -0.93
C LEU D 76 -28.94 -14.80 -1.98
N LYS D 77 -30.21 -15.04 -1.67
CA LYS D 77 -31.36 -14.70 -2.50
C LYS D 77 -32.07 -13.55 -1.84
N VAL D 78 -32.53 -12.58 -2.61
CA VAL D 78 -33.26 -11.41 -2.11
C VAL D 78 -34.57 -11.35 -2.86
N CYS D 79 -35.73 -11.39 -2.17
CA CYS D 79 -37.06 -11.37 -2.80
C CYS D 79 -37.82 -10.15 -2.38
N LYS D 80 -38.48 -9.44 -3.30
CA LYS D 80 -39.32 -8.33 -2.90
C LYS D 80 -40.74 -8.59 -3.41
N GLN D 81 -41.75 -8.38 -2.55
CA GLN D 81 -43.16 -8.49 -2.89
C GLN D 81 -43.71 -7.07 -2.89
N HIS D 82 -44.28 -6.65 -4.03
CA HIS D 82 -44.85 -5.34 -4.26
C HIS D 82 -46.27 -5.50 -4.75
N TYR D 83 -47.15 -4.53 -4.54
CA TYR D 83 -48.47 -4.57 -5.17
C TYR D 83 -48.31 -4.21 -6.64
N LYS D 84 -49.06 -4.86 -7.53
CA LYS D 84 -48.92 -4.61 -8.95
C LYS D 84 -49.37 -3.18 -9.26
N LYS D 85 -48.66 -2.50 -10.19
CA LYS D 85 -48.99 -1.13 -10.63
C LYS D 85 -49.97 -1.24 -11.81
N GLY D 86 -50.48 -0.10 -12.31
CA GLY D 86 -51.44 -0.09 -13.43
C GLY D 86 -51.27 1.03 -14.43
N THR D 87 -52.11 1.04 -15.50
CA THR D 87 -52.14 2.05 -16.57
C THR D 87 -53.57 2.19 -17.13
N THR D 94 -54.30 8.32 -9.20
CA THR D 94 -54.07 8.83 -7.85
C THR D 94 -53.47 7.71 -6.96
N LEU D 95 -54.22 6.58 -6.87
CA LEU D 95 -53.79 5.35 -6.21
C LEU D 95 -53.56 4.34 -7.32
N ASN D 96 -52.32 4.27 -7.84
CA ASN D 96 -51.94 3.43 -8.99
C ASN D 96 -51.59 2.00 -8.53
N ILE D 97 -52.44 1.36 -7.72
CA ILE D 97 -52.14 0.03 -7.17
C ILE D 97 -53.28 -0.93 -7.37
N ASP D 98 -52.97 -2.18 -7.74
CA ASP D 98 -53.94 -3.28 -7.85
C ASP D 98 -53.63 -4.27 -6.72
N ASN D 99 -54.62 -5.02 -6.21
CA ASN D 99 -54.40 -5.98 -5.10
C ASN D 99 -53.53 -7.22 -5.50
N ASP D 100 -53.26 -7.41 -6.82
CA ASP D 100 -52.43 -8.51 -7.33
C ASP D 100 -51.01 -8.24 -6.88
N VAL D 101 -50.36 -9.19 -6.18
CA VAL D 101 -49.00 -9.00 -5.67
C VAL D 101 -48.00 -9.57 -6.66
N GLU D 102 -46.91 -8.84 -6.90
CA GLU D 102 -45.83 -9.20 -7.82
C GLU D 102 -44.59 -9.59 -7.01
N LEU D 103 -44.06 -10.79 -7.22
CA LEU D 103 -42.88 -11.30 -6.51
C LEU D 103 -41.63 -11.31 -7.41
N ASP D 104 -40.65 -10.43 -7.14
CA ASP D 104 -39.38 -10.35 -7.87
C ASP D 104 -38.27 -10.93 -7.03
N CYS D 105 -37.34 -11.71 -7.64
CA CYS D 105 -36.22 -12.33 -6.91
C CYS D 105 -34.91 -12.11 -7.59
N VAL D 106 -33.84 -12.03 -6.81
CA VAL D 106 -32.48 -11.92 -7.32
C VAL D 106 -31.57 -12.82 -6.50
N GLN D 107 -30.78 -13.66 -7.18
CA GLN D 107 -29.79 -14.52 -6.56
C GLN D 107 -28.43 -13.82 -6.69
N LEU D 108 -27.78 -13.49 -5.56
CA LEU D 108 -26.47 -12.82 -5.57
C LEU D 108 -25.36 -13.80 -5.18
N ASP D 109 -24.56 -14.24 -6.15
CA ASP D 109 -23.44 -15.15 -5.90
C ASP D 109 -22.33 -14.41 -5.19
N LEU D 110 -21.37 -15.14 -4.58
CA LEU D 110 -20.26 -14.49 -3.88
C LEU D 110 -19.41 -13.65 -4.80
N GLN D 111 -19.30 -14.04 -6.11
CA GLN D 111 -18.54 -13.26 -7.09
C GLN D 111 -19.21 -11.91 -7.34
N ASP D 112 -20.56 -11.88 -7.37
CA ASP D 112 -21.34 -10.65 -7.60
C ASP D 112 -21.09 -9.61 -6.50
N LEU D 113 -21.04 -10.08 -5.24
CA LEU D 113 -20.76 -9.27 -4.05
C LEU D 113 -19.27 -8.83 -4.01
N SER D 114 -18.34 -9.74 -4.40
CA SER D 114 -16.90 -9.46 -4.43
C SER D 114 -16.52 -8.39 -5.45
N LYS D 115 -17.28 -8.25 -6.59
CA LYS D 115 -16.99 -7.25 -7.64
C LYS D 115 -16.80 -5.84 -7.07
N LYS D 116 -15.86 -5.09 -7.64
CA LYS D 116 -15.54 -3.73 -7.24
C LYS D 116 -15.67 -2.83 -8.50
N PRO D 117 -16.67 -1.91 -8.54
CA PRO D 117 -17.65 -1.58 -7.50
C PRO D 117 -18.78 -2.59 -7.44
N PRO D 118 -19.47 -2.75 -6.29
CA PRO D 118 -20.61 -3.70 -6.24
C PRO D 118 -21.75 -3.16 -7.09
N ASP D 119 -21.90 -3.72 -8.31
CA ASP D 119 -22.94 -3.30 -9.25
C ASP D 119 -24.36 -3.60 -8.72
N TRP D 120 -24.50 -4.63 -7.84
CA TRP D 120 -25.80 -5.01 -7.28
C TRP D 120 -26.46 -3.84 -6.51
N LYS D 121 -25.69 -3.04 -5.74
CA LYS D 121 -26.23 -1.92 -4.95
C LYS D 121 -26.96 -0.89 -5.82
N ASN D 122 -26.47 -0.66 -7.05
CA ASN D 122 -27.02 0.32 -8.01
C ASN D 122 -28.11 -0.28 -8.95
N SER D 123 -28.54 -1.54 -8.70
CA SER D 123 -29.55 -2.21 -9.52
C SER D 123 -30.92 -1.60 -9.33
N SER D 124 -31.78 -1.75 -10.35
CA SER D 124 -33.18 -1.31 -10.28
C SER D 124 -33.96 -2.18 -9.28
N PHE D 125 -33.46 -3.41 -9.00
CA PHE D 125 -34.09 -4.29 -8.03
C PHE D 125 -34.12 -3.63 -6.66
N PHE D 126 -33.00 -2.98 -6.25
CA PHE D 126 -32.87 -2.33 -4.95
C PHE D 126 -33.44 -0.90 -4.90
N ARG D 127 -34.18 -0.44 -5.93
CA ARG D 127 -34.89 0.85 -5.88
C ARG D 127 -36.31 0.50 -5.46
N LEU D 128 -36.54 0.41 -4.17
CA LEU D 128 -37.83 0.00 -3.64
C LEU D 128 -38.87 1.12 -3.66
N GLU D 129 -40.14 0.79 -3.93
CA GLU D 129 -41.27 1.72 -3.89
C GLU D 129 -42.07 1.35 -2.65
N PHE D 130 -41.71 1.95 -1.50
CA PHE D 130 -42.25 1.61 -0.18
C PHE D 130 -43.76 1.77 -0.05
N TYR D 131 -44.37 2.65 -0.84
CA TYR D 131 -45.83 2.85 -0.80
C TYR D 131 -46.59 1.59 -1.26
N ARG D 132 -45.99 0.72 -2.10
CA ARG D 132 -46.64 -0.52 -2.53
C ARG D 132 -45.83 -1.76 -2.14
N LEU D 133 -44.80 -1.61 -1.25
CA LEU D 133 -43.93 -2.71 -0.81
C LEU D 133 -44.57 -3.49 0.31
N LEU D 134 -44.76 -4.81 0.12
CA LEU D 134 -45.32 -5.68 1.15
C LEU D 134 -44.15 -6.18 2.01
N GLN D 135 -43.10 -6.72 1.39
CA GLN D 135 -41.92 -7.14 2.14
C GLN D 135 -40.70 -7.43 1.26
N VAL D 136 -39.53 -7.45 1.91
CA VAL D 136 -38.24 -7.85 1.35
C VAL D 136 -37.77 -9.03 2.20
N GLU D 137 -37.27 -10.09 1.57
CA GLU D 137 -36.83 -11.28 2.29
C GLU D 137 -35.45 -11.71 1.82
N ILE D 138 -34.47 -11.71 2.72
CA ILE D 138 -33.10 -12.18 2.41
C ILE D 138 -32.97 -13.60 2.94
N SER D 139 -32.43 -14.51 2.15
CA SER D 139 -32.30 -15.90 2.57
C SER D 139 -30.96 -16.47 2.15
N PHE D 140 -30.32 -17.20 3.05
CA PHE D 140 -29.01 -17.82 2.82
C PHE D 140 -28.81 -19.01 3.74
N HIS D 141 -27.89 -19.87 3.38
CA HIS D 141 -27.61 -21.08 4.12
C HIS D 141 -26.21 -21.02 4.67
N LEU D 142 -26.02 -21.50 5.91
CA LEU D 142 -24.72 -21.54 6.56
C LEU D 142 -24.53 -22.92 7.17
N LYS D 143 -23.33 -23.49 7.05
CA LYS D 143 -22.99 -24.79 7.63
C LYS D 143 -22.08 -24.55 8.84
N GLY D 144 -22.41 -25.11 10.01
CA GLY D 144 -21.62 -24.97 11.23
C GLY D 144 -21.35 -26.30 11.92
N ILE D 145 -20.25 -26.36 12.70
CA ILE D 145 -19.83 -27.56 13.43
C ILE D 145 -19.81 -27.33 14.92
N ASP D 146 -20.36 -28.28 15.70
CA ASP D 146 -20.35 -28.22 17.16
C ASP D 146 -19.07 -28.93 17.62
N LEU D 147 -18.02 -28.16 17.97
CA LEU D 147 -16.74 -28.74 18.40
C LEU D 147 -16.82 -29.38 19.80
N GLN D 148 -17.85 -29.09 20.59
CA GLN D 148 -17.98 -29.75 21.90
C GLN D 148 -18.30 -31.26 21.72
N THR D 149 -18.71 -31.72 20.50
CA THR D 149 -18.97 -33.13 20.18
C THR D 149 -17.92 -33.78 19.26
N ILE D 150 -16.85 -33.05 18.84
CA ILE D 150 -15.82 -33.61 17.96
C ILE D 150 -15.06 -34.75 18.69
N HIS D 151 -14.76 -34.53 20.00
CA HIS D 151 -14.01 -35.45 20.88
C HIS D 151 -14.96 -36.50 21.55
N SER D 152 -16.25 -36.13 21.77
CA SER D 152 -17.25 -37.00 22.42
C SER D 152 -17.72 -38.13 21.49
N ARG D 153 -18.26 -37.76 20.32
CA ARG D 153 -18.82 -38.70 19.36
C ARG D 153 -17.75 -39.43 18.53
N GLU D 154 -16.57 -38.79 18.32
CA GLU D 154 -15.49 -39.28 17.46
C GLU D 154 -15.93 -39.09 15.97
N LEU D 155 -16.76 -38.04 15.72
CA LEU D 155 -17.26 -37.57 14.41
C LEU D 155 -18.07 -36.26 14.66
N PRO D 156 -17.69 -35.12 14.04
CA PRO D 156 -18.33 -33.83 14.39
C PRO D 156 -19.81 -33.66 14.02
N ASP D 157 -20.62 -33.11 14.97
CA ASP D 157 -22.04 -32.81 14.69
C ASP D 157 -22.12 -31.62 13.75
N CYS D 158 -22.43 -31.85 12.44
CA CYS D 158 -22.56 -30.76 11.47
C CYS D 158 -24.02 -30.30 11.36
N TYR D 159 -24.26 -28.96 11.36
CA TYR D 159 -25.59 -28.32 11.28
C TYR D 159 -25.72 -27.51 10.02
N VAL D 160 -26.91 -27.42 9.41
CA VAL D 160 -27.19 -26.53 8.26
C VAL D 160 -28.21 -25.52 8.68
N PHE D 161 -27.83 -24.25 8.75
CA PHE D 161 -28.71 -23.18 9.12
C PHE D 161 -29.36 -22.58 7.90
N GLN D 162 -30.71 -22.62 7.82
CA GLN D 162 -31.48 -22.05 6.73
C GLN D 162 -32.00 -20.72 7.27
N ASN D 163 -31.15 -19.69 7.20
CA ASN D 163 -31.41 -18.35 7.71
C ASN D 163 -32.27 -17.53 6.76
N THR D 164 -33.22 -16.74 7.33
CA THR D 164 -34.12 -15.84 6.60
C THR D 164 -34.32 -14.55 7.38
N ILE D 165 -34.07 -13.38 6.74
CA ILE D 165 -34.28 -12.04 7.31
C ILE D 165 -35.48 -11.44 6.59
N ILE D 166 -36.59 -11.16 7.28
CA ILE D 166 -37.78 -10.60 6.63
C ILE D 166 -38.00 -9.15 7.06
N PHE D 167 -38.15 -8.23 6.06
CA PHE D 167 -38.47 -6.83 6.28
C PHE D 167 -39.97 -6.66 5.98
N ASP D 168 -40.83 -7.00 6.97
CA ASP D 168 -42.28 -6.99 6.83
C ASP D 168 -42.84 -5.59 6.90
N ASN D 169 -43.45 -5.12 5.81
CA ASN D 169 -44.16 -3.82 5.75
C ASN D 169 -45.65 -4.05 5.42
N LYS D 170 -46.17 -5.25 5.73
CA LYS D 170 -47.52 -5.64 5.38
C LYS D 170 -48.56 -4.77 6.09
N ALA D 171 -48.25 -4.15 7.24
CA ALA D 171 -49.21 -3.26 7.92
C ALA D 171 -49.43 -1.91 7.17
N HIS D 172 -48.35 -1.36 6.56
CA HIS D 172 -48.34 -0.08 5.82
C HIS D 172 -48.66 1.06 6.78
N SER D 173 -48.12 0.93 7.99
CA SER D 173 -48.30 1.85 9.09
C SER D 173 -47.09 2.77 9.28
N GLY D 174 -46.06 2.63 8.46
CA GLY D 174 -44.89 3.48 8.58
C GLY D 174 -43.75 2.87 9.35
N LYS D 175 -43.90 1.62 9.83
CA LYS D 175 -42.88 0.83 10.54
C LYS D 175 -42.67 -0.47 9.83
N ILE D 176 -41.42 -0.88 9.63
CA ILE D 176 -41.08 -2.17 9.02
C ILE D 176 -40.57 -3.05 10.14
N LYS D 177 -41.16 -4.22 10.32
CA LYS D 177 -40.77 -5.18 11.36
C LYS D 177 -39.77 -6.14 10.73
N ILE D 178 -38.59 -6.25 11.30
CA ILE D 178 -37.53 -7.10 10.79
C ILE D 178 -37.47 -8.37 11.64
N TYR D 179 -37.76 -9.54 11.01
CA TYR D 179 -37.75 -10.89 11.63
C TYR D 179 -36.54 -11.66 11.23
N PHE D 180 -35.94 -12.40 12.15
CA PHE D 180 -34.82 -13.28 11.79
C PHE D 180 -35.19 -14.71 12.15
N ASP D 181 -35.32 -15.58 11.13
CA ASP D 181 -35.64 -16.99 11.33
C ASP D 181 -34.43 -17.81 10.99
N SER D 182 -34.17 -18.89 11.74
CA SER D 182 -33.07 -19.81 11.46
C SER D 182 -33.53 -21.23 11.71
N ASP D 183 -33.45 -22.09 10.70
CA ASP D 183 -33.85 -23.49 10.82
C ASP D 183 -32.61 -24.36 10.77
N ALA D 184 -32.21 -24.92 11.91
CA ALA D 184 -31.04 -25.77 11.95
C ALA D 184 -31.45 -27.22 11.75
N LYS D 185 -30.64 -27.98 11.03
CA LYS D 185 -30.85 -29.41 10.78
C LYS D 185 -29.51 -30.11 10.84
N ILE D 186 -29.41 -31.25 11.56
CA ILE D 186 -28.15 -31.98 11.60
C ILE D 186 -27.90 -32.50 10.18
N GLU D 187 -26.66 -32.55 9.75
CA GLU D 187 -26.28 -33.01 8.42
C GLU D 187 -24.94 -33.72 8.51
N GLU D 188 -24.54 -34.37 7.44
CA GLU D 188 -23.22 -35.00 7.36
C GLU D 188 -22.26 -33.90 6.87
N CYS D 189 -20.95 -34.12 7.02
CA CYS D 189 -19.95 -33.14 6.57
C CYS D 189 -19.88 -33.10 5.04
N LYS D 190 -19.91 -31.88 4.45
CA LYS D 190 -19.80 -31.71 2.99
C LYS D 190 -18.34 -31.39 2.59
N ASP D 191 -17.39 -31.42 3.56
CA ASP D 191 -15.98 -31.06 3.35
C ASP D 191 -15.88 -29.61 2.81
N LEU D 192 -16.84 -28.72 3.20
CA LEU D 192 -16.82 -27.32 2.78
C LEU D 192 -15.84 -26.61 3.69
N ASN D 193 -15.22 -25.52 3.20
CA ASN D 193 -14.23 -24.78 3.98
C ASN D 193 -14.85 -24.01 5.15
N ILE D 194 -14.28 -24.26 6.35
CA ILE D 194 -14.63 -23.56 7.59
C ILE D 194 -13.83 -22.28 7.50
N PHE D 195 -14.52 -21.15 7.64
CA PHE D 195 -13.97 -19.83 7.47
C PHE D 195 -12.53 -19.64 7.98
N GLY D 196 -12.29 -19.91 9.25
CA GLY D 196 -10.95 -19.70 9.79
C GLY D 196 -9.81 -20.56 9.24
N SER D 197 -10.07 -21.86 8.94
CA SER D 197 -9.06 -22.84 8.47
C SER D 197 -8.50 -22.50 7.08
N THR D 198 -7.19 -22.82 6.86
CA THR D 198 -6.48 -22.56 5.61
C THR D 198 -5.42 -23.64 5.36
N GLN E 3 1.00 -32.27 -4.81
CA GLN E 3 1.98 -31.54 -4.01
C GLN E 3 3.00 -30.76 -4.90
N LEU E 4 3.86 -29.91 -4.26
CA LEU E 4 4.83 -29.03 -4.94
C LEU E 4 6.07 -29.75 -5.52
N VAL E 5 6.51 -29.25 -6.70
CA VAL E 5 7.70 -29.69 -7.46
C VAL E 5 8.66 -28.50 -7.48
N VAL E 6 9.81 -28.60 -6.76
CA VAL E 6 10.77 -27.50 -6.57
C VAL E 6 11.28 -26.98 -7.91
N ALA E 7 11.65 -27.87 -8.83
CA ALA E 7 12.13 -27.48 -10.14
C ALA E 7 11.14 -26.54 -10.82
N PHE E 8 9.83 -26.83 -10.83
CA PHE E 8 8.85 -25.94 -11.47
C PHE E 8 8.76 -24.58 -10.78
N LYS E 9 8.74 -24.57 -9.43
CA LYS E 9 8.73 -23.32 -8.69
C LYS E 9 9.99 -22.46 -9.06
N GLU E 10 11.19 -23.08 -9.00
CA GLU E 10 12.45 -22.36 -9.23
C GLU E 10 12.64 -21.97 -10.68
N ASP E 11 12.31 -22.85 -11.64
CA ASP E 11 12.44 -22.51 -13.07
C ASP E 11 11.59 -21.29 -13.42
N ASN E 12 10.38 -21.21 -12.84
CA ASN E 12 9.50 -20.06 -13.08
C ASN E 12 10.09 -18.80 -12.49
N THR E 13 10.64 -18.88 -11.29
CA THR E 13 11.21 -17.68 -10.67
C THR E 13 12.31 -17.08 -11.52
N VAL E 14 13.18 -17.92 -12.08
CA VAL E 14 14.24 -17.40 -12.96
C VAL E 14 13.63 -16.61 -14.10
N ALA E 15 12.60 -17.18 -14.73
CA ALA E 15 11.93 -16.56 -15.85
C ALA E 15 11.30 -15.25 -15.41
N PHE E 16 10.69 -15.21 -14.22
CA PHE E 16 10.06 -13.96 -13.74
C PHE E 16 11.08 -12.87 -13.55
N LYS E 17 12.29 -13.23 -13.07
CA LYS E 17 13.33 -12.23 -12.90
C LYS E 17 13.67 -11.62 -14.25
N HIS E 18 13.78 -12.44 -15.30
CA HIS E 18 14.06 -11.91 -16.63
C HIS E 18 12.91 -11.03 -17.16
N LEU E 19 11.64 -11.43 -16.90
CA LEU E 19 10.48 -10.64 -17.36
C LEU E 19 10.26 -9.29 -16.64
N PHE E 20 10.34 -9.23 -15.30
CA PHE E 20 9.99 -8.04 -14.53
C PHE E 20 11.17 -7.14 -14.06
N LEU E 21 12.43 -7.66 -14.06
CA LEU E 21 13.58 -6.86 -13.65
C LEU E 21 14.31 -6.35 -14.89
N LYS E 22 14.21 -5.04 -15.13
CA LYS E 22 14.85 -4.37 -16.28
C LYS E 22 16.34 -4.57 -16.22
N GLY E 23 16.93 -4.97 -17.31
CA GLY E 23 18.38 -5.15 -17.37
C GLY E 23 18.97 -6.31 -16.58
N TYR E 24 18.11 -7.23 -16.04
CA TYR E 24 18.58 -8.39 -15.27
C TYR E 24 19.54 -9.17 -16.10
N SER E 25 20.82 -9.24 -15.64
CA SER E 25 21.94 -9.90 -16.33
C SER E 25 21.83 -11.38 -16.50
N GLY E 26 21.00 -12.05 -15.72
CA GLY E 26 20.88 -13.50 -15.77
C GLY E 26 21.32 -14.17 -14.50
N THR E 27 22.17 -13.52 -13.71
CA THR E 27 22.62 -14.03 -12.41
C THR E 27 22.40 -12.93 -11.34
N ASP E 28 22.02 -13.31 -10.10
CA ASP E 28 21.82 -12.31 -9.04
C ASP E 28 23.10 -11.59 -8.70
N GLU E 29 22.98 -10.30 -8.31
CA GLU E 29 24.10 -9.44 -7.99
C GLU E 29 24.72 -9.80 -6.65
N ASP E 30 23.91 -10.17 -5.65
CA ASP E 30 24.40 -10.63 -4.35
C ASP E 30 23.21 -11.37 -3.69
N ASP E 31 22.68 -10.91 -2.53
CA ASP E 31 21.42 -11.44 -1.97
C ASP E 31 20.21 -10.86 -2.77
N TYR E 32 20.44 -9.71 -3.45
CA TYR E 32 19.48 -8.99 -4.25
C TYR E 32 19.77 -9.32 -5.70
N SER E 33 18.80 -9.09 -6.60
CA SER E 33 18.93 -9.44 -8.02
C SER E 33 19.71 -8.39 -8.79
N CYS E 34 19.32 -7.15 -8.67
CA CYS E 34 20.07 -6.09 -9.31
C CYS E 34 19.90 -4.84 -8.54
N SER E 35 20.58 -3.79 -8.98
CA SER E 35 20.59 -2.53 -8.29
C SER E 35 20.54 -1.39 -9.26
N VAL E 36 20.24 -0.18 -8.80
CA VAL E 36 20.22 1.03 -9.64
C VAL E 36 20.89 2.12 -8.85
N TYR E 37 21.60 3.03 -9.52
CA TYR E 37 22.31 4.12 -8.87
C TYR E 37 21.79 5.52 -9.26
N THR E 38 20.75 5.63 -10.12
CA THR E 38 20.19 6.93 -10.51
C THR E 38 18.67 6.92 -10.49
N GLN E 39 18.08 8.12 -10.34
CA GLN E 39 16.64 8.33 -10.29
C GLN E 39 15.99 7.86 -11.58
N GLU E 40 16.62 8.14 -12.75
CA GLU E 40 16.05 7.68 -14.03
C GLU E 40 16.02 6.16 -14.06
N ASP E 41 17.12 5.48 -13.73
CA ASP E 41 17.16 4.02 -13.72
C ASP E 41 16.16 3.47 -12.73
N ALA E 42 15.96 4.17 -11.58
CA ALA E 42 14.99 3.75 -10.56
C ALA E 42 13.57 3.83 -11.08
N TYR E 43 13.22 4.92 -11.78
CA TYR E 43 11.90 5.03 -12.38
C TYR E 43 11.73 4.04 -13.52
N GLU E 44 12.74 3.96 -14.41
CA GLU E 44 12.69 3.03 -15.53
C GLU E 44 12.45 1.61 -15.06
N SER E 45 13.09 1.19 -13.95
CA SER E 45 12.94 -0.17 -13.42
C SER E 45 11.55 -0.42 -12.85
N ILE E 46 10.97 0.60 -12.16
CA ILE E 46 9.64 0.49 -11.56
C ILE E 46 8.60 0.38 -12.66
N PHE E 47 8.67 1.28 -13.65
CA PHE E 47 7.71 1.31 -14.75
C PHE E 47 7.85 0.09 -15.64
N PHE E 48 9.10 -0.43 -15.83
CA PHE E 48 9.32 -1.64 -16.63
C PHE E 48 8.55 -2.82 -16.03
N ALA E 49 8.68 -3.03 -14.71
CA ALA E 49 7.98 -4.11 -14.03
C ALA E 49 6.48 -4.01 -14.24
N ILE E 50 5.91 -2.80 -14.09
CA ILE E 50 4.47 -2.58 -14.22
C ILE E 50 4.00 -2.81 -15.65
N ASN E 51 4.75 -2.29 -16.63
CA ASN E 51 4.37 -2.44 -18.02
C ASN E 51 4.53 -3.90 -18.46
N GLN E 52 5.47 -4.66 -17.89
CA GLN E 52 5.63 -6.07 -18.25
C GLN E 52 4.49 -6.89 -17.67
N TYR E 53 3.90 -6.46 -16.54
CA TYR E 53 2.74 -7.13 -15.96
C TYR E 53 1.55 -6.88 -16.89
N HIS E 54 1.37 -5.62 -17.29
CA HIS E 54 0.28 -5.23 -18.19
C HIS E 54 0.29 -6.04 -19.48
N GLN E 55 1.45 -6.20 -20.12
CA GLN E 55 1.60 -6.89 -21.40
C GLN E 55 1.98 -8.37 -21.27
N LEU E 56 1.90 -8.95 -20.05
CA LEU E 56 2.32 -10.33 -19.74
C LEU E 56 1.82 -11.34 -20.76
N LYS E 57 0.58 -11.18 -21.21
CA LYS E 57 -0.09 -12.00 -22.22
C LYS E 57 0.77 -12.22 -23.49
N ASP E 58 1.46 -11.18 -23.94
CA ASP E 58 2.26 -11.18 -25.15
C ASP E 58 3.77 -11.34 -24.90
N ILE E 59 4.16 -11.65 -23.67
CA ILE E 59 5.56 -11.77 -23.28
C ILE E 59 5.86 -13.19 -22.83
N THR E 60 5.16 -13.67 -21.80
CA THR E 60 5.42 -14.99 -21.20
C THR E 60 5.44 -16.17 -22.21
N LEU E 61 6.39 -17.09 -22.00
CA LEU E 61 6.53 -18.33 -22.78
C LEU E 61 5.95 -19.51 -21.97
N GLY E 62 5.44 -19.27 -20.76
CA GLY E 62 4.85 -20.29 -19.91
C GLY E 62 3.35 -20.38 -20.04
N THR E 63 2.75 -21.30 -19.26
CA THR E 63 1.29 -21.52 -19.19
C THR E 63 0.81 -20.71 -18.01
N LEU E 64 0.83 -19.39 -18.13
CA LEU E 64 0.51 -18.47 -17.04
C LEU E 64 -0.80 -17.82 -17.21
N GLY E 65 -1.24 -17.16 -16.14
CA GLY E 65 -2.47 -16.40 -16.08
C GLY E 65 -2.43 -15.44 -14.89
N TYR E 66 -3.25 -14.38 -14.91
CA TYR E 66 -3.28 -13.45 -13.78
C TYR E 66 -3.99 -14.13 -12.61
N GLY E 67 -3.58 -13.78 -11.41
CA GLY E 67 -4.14 -14.34 -10.18
C GLY E 67 -4.93 -13.33 -9.39
N GLU E 68 -5.93 -13.83 -8.63
CA GLU E 68 -6.74 -12.97 -7.77
C GLU E 68 -5.88 -12.52 -6.58
N ASN E 69 -6.01 -11.23 -6.20
CA ASN E 69 -5.25 -10.65 -5.07
C ASN E 69 -6.03 -10.95 -3.77
N GLU E 70 -5.35 -10.74 -2.63
CA GLU E 70 -5.80 -11.05 -1.25
C GLU E 70 -7.31 -10.88 -0.93
N ASP E 71 -8.01 -9.93 -1.57
CA ASP E 71 -9.41 -9.63 -1.29
C ASP E 71 -10.27 -9.74 -2.59
N ASN E 72 -10.11 -10.88 -3.31
CA ASN E 72 -10.80 -11.19 -4.56
C ASN E 72 -10.90 -9.96 -5.50
N ARG E 73 -9.70 -9.50 -5.90
CA ARG E 73 -9.46 -8.38 -6.83
C ARG E 73 -8.43 -8.87 -7.90
N ILE E 74 -8.11 -8.03 -8.89
CA ILE E 74 -7.15 -8.38 -9.93
C ILE E 74 -6.28 -7.18 -10.20
N GLY E 75 -4.97 -7.40 -10.41
CA GLY E 75 -4.05 -6.28 -10.63
C GLY E 75 -2.86 -6.33 -9.72
N LEU E 76 -2.01 -5.29 -9.79
CA LEU E 76 -0.84 -5.22 -8.93
C LEU E 76 -0.97 -4.07 -7.96
N LYS E 77 -0.33 -4.22 -6.80
CA LYS E 77 -0.29 -3.23 -5.73
C LYS E 77 1.10 -2.64 -5.69
N VAL E 78 1.20 -1.32 -5.49
CA VAL E 78 2.49 -0.62 -5.41
C VAL E 78 2.49 0.12 -4.10
N CYS E 79 3.46 -0.14 -3.20
CA CYS E 79 3.53 0.52 -1.88
C CYS E 79 4.79 1.30 -1.78
N LYS E 80 4.75 2.51 -1.21
CA LYS E 80 5.96 3.26 -0.98
C LYS E 80 6.06 3.65 0.47
N GLN E 81 7.24 3.44 1.08
CA GLN E 81 7.52 3.85 2.46
C GLN E 81 8.43 5.06 2.39
N HIS E 82 7.99 6.17 2.97
CA HIS E 82 8.72 7.43 3.01
C HIS E 82 8.86 7.86 4.44
N TYR E 83 9.87 8.65 4.80
CA TYR E 83 9.93 9.23 6.14
C TYR E 83 8.95 10.39 6.18
N LYS E 84 8.26 10.58 7.31
CA LYS E 84 7.29 11.67 7.45
C LYS E 84 7.92 13.05 7.10
N LYS E 85 7.19 13.87 6.33
CA LYS E 85 7.62 15.21 5.91
C LYS E 85 7.26 16.26 6.98
N LEU E 95 15.32 21.28 7.65
CA LEU E 95 15.27 20.01 6.92
C LEU E 95 14.26 19.06 7.59
N ASN E 96 12.96 19.20 7.24
CA ASN E 96 11.86 18.39 7.79
C ASN E 96 12.09 16.89 7.56
N ILE E 97 12.76 16.25 8.54
CA ILE E 97 13.10 14.82 8.56
C ILE E 97 12.61 14.25 9.90
N ASP E 98 11.75 13.20 9.88
CA ASP E 98 11.19 12.61 11.09
C ASP E 98 11.24 11.08 11.06
N ASN E 99 11.46 10.48 12.25
CA ASN E 99 11.57 9.04 12.48
C ASN E 99 10.38 8.28 11.91
N ASP E 100 9.12 8.67 12.28
CA ASP E 100 7.90 8.01 11.83
C ASP E 100 7.89 7.82 10.30
N VAL E 101 7.48 6.62 9.84
CA VAL E 101 7.44 6.26 8.41
C VAL E 101 5.97 6.30 7.91
N GLU E 102 5.76 6.87 6.71
CA GLU E 102 4.44 6.98 6.08
C GLU E 102 4.33 5.95 4.97
N LEU E 103 3.37 5.03 5.07
CA LEU E 103 3.16 3.98 4.08
C LEU E 103 1.96 4.28 3.17
N ASP E 104 2.22 4.61 1.89
CA ASP E 104 1.19 4.89 0.89
C ASP E 104 1.07 3.71 -0.02
N CYS E 105 -0.15 3.30 -0.40
CA CYS E 105 -0.38 2.17 -1.32
C CYS E 105 -1.29 2.58 -2.45
N VAL E 106 -1.12 1.94 -3.62
CA VAL E 106 -2.01 2.09 -4.76
C VAL E 106 -2.24 0.73 -5.39
N GLN E 107 -3.51 0.37 -5.61
CA GLN E 107 -3.91 -0.87 -6.30
C GLN E 107 -4.22 -0.50 -7.74
N LEU E 108 -3.49 -1.07 -8.72
CA LEU E 108 -3.70 -0.80 -10.15
C LEU E 108 -4.36 -1.99 -10.83
N ASP E 109 -5.66 -1.86 -11.13
CA ASP E 109 -6.42 -2.91 -11.81
C ASP E 109 -5.98 -3.04 -13.27
N LEU E 110 -6.34 -4.16 -13.90
CA LEU E 110 -5.98 -4.39 -15.30
C LEU E 110 -6.57 -3.28 -16.22
N GLN E 111 -7.77 -2.76 -15.87
CA GLN E 111 -8.41 -1.71 -16.66
C GLN E 111 -7.63 -0.41 -16.55
N ASP E 112 -7.08 -0.09 -15.35
CA ASP E 112 -6.27 1.12 -15.11
C ASP E 112 -5.03 1.14 -16.01
N LEU E 113 -4.37 -0.04 -16.14
CA LEU E 113 -3.18 -0.25 -16.97
C LEU E 113 -3.54 -0.17 -18.47
N SER E 114 -4.69 -0.76 -18.85
CA SER E 114 -5.17 -0.80 -20.23
C SER E 114 -5.62 0.57 -20.76
N LYS E 115 -6.16 1.47 -19.89
CA LYS E 115 -6.65 2.79 -20.33
C LYS E 115 -5.59 3.60 -21.06
N LYS E 116 -5.88 4.04 -22.31
CA LYS E 116 -4.97 4.84 -23.13
C LYS E 116 -5.39 6.32 -23.04
N PRO E 117 -4.54 7.25 -22.56
CA PRO E 117 -3.16 7.08 -22.06
C PRO E 117 -3.12 6.52 -20.65
N PRO E 118 -2.03 5.85 -20.23
CA PRO E 118 -1.99 5.35 -18.84
C PRO E 118 -1.90 6.51 -17.85
N ASP E 119 -3.05 6.85 -17.23
CA ASP E 119 -3.10 7.98 -16.28
C ASP E 119 -2.27 7.71 -15.02
N TRP E 120 -2.05 6.42 -14.66
CA TRP E 120 -1.28 6.04 -13.48
C TRP E 120 0.17 6.59 -13.52
N LYS E 121 0.84 6.58 -14.71
CA LYS E 121 2.23 7.06 -14.85
C LYS E 121 2.40 8.53 -14.41
N ASN E 122 1.38 9.39 -14.66
CA ASN E 122 1.43 10.82 -14.31
C ASN E 122 0.78 11.13 -12.93
N SER E 123 0.55 10.10 -12.11
CA SER E 123 0.01 10.28 -10.76
C SER E 123 1.04 10.89 -9.84
N SER E 124 0.57 11.57 -8.80
CA SER E 124 1.42 12.13 -7.75
C SER E 124 2.03 11.02 -6.90
N PHE E 125 1.43 9.80 -6.91
CA PHE E 125 1.97 8.64 -6.21
C PHE E 125 3.36 8.30 -6.74
N PHE E 126 3.52 8.33 -8.09
CA PHE E 126 4.78 7.99 -8.74
C PHE E 126 5.79 9.15 -8.81
N ARG E 127 5.56 10.30 -8.09
CA ARG E 127 6.54 11.38 -7.96
C ARG E 127 7.25 11.11 -6.65
N LEU E 128 8.30 10.28 -6.70
CA LEU E 128 9.03 9.85 -5.50
C LEU E 128 10.03 10.91 -5.02
N GLU E 129 10.17 11.04 -3.68
CA GLU E 129 11.15 11.93 -3.05
C GLU E 129 12.20 11.02 -2.46
N PHE E 130 13.24 10.71 -3.28
CA PHE E 130 14.29 9.71 -2.95
C PHE E 130 15.10 10.05 -1.69
N TYR E 131 15.19 11.34 -1.32
CA TYR E 131 15.93 11.73 -0.10
C TYR E 131 15.24 11.17 1.18
N ARG E 132 13.93 10.91 1.16
CA ARG E 132 13.24 10.36 2.32
C ARG E 132 12.56 9.02 1.99
N LEU E 133 12.86 8.41 0.83
CA LEU E 133 12.26 7.13 0.42
C LEU E 133 12.97 5.95 1.04
N LEU E 134 12.24 5.08 1.74
CA LEU E 134 12.80 3.87 2.34
C LEU E 134 12.72 2.75 1.32
N GLN E 135 11.55 2.53 0.72
CA GLN E 135 11.42 1.52 -0.33
C GLN E 135 10.11 1.63 -1.10
N VAL E 136 10.09 0.98 -2.28
CA VAL E 136 8.95 0.82 -3.16
C VAL E 136 8.79 -0.69 -3.31
N GLU E 137 7.56 -1.21 -3.18
CA GLU E 137 7.31 -2.64 -3.26
C GLU E 137 6.18 -2.93 -4.21
N ILE E 138 6.46 -3.66 -5.32
CA ILE E 138 5.43 -4.05 -6.28
C ILE E 138 5.05 -5.48 -5.96
N SER E 139 3.73 -5.78 -5.90
CA SER E 139 3.28 -7.13 -5.57
C SER E 139 2.11 -7.52 -6.47
N PHE E 140 2.14 -8.76 -6.96
CA PHE E 140 1.10 -9.31 -7.83
C PHE E 140 1.10 -10.82 -7.74
N HIS E 141 0.01 -11.42 -8.19
CA HIS E 141 -0.19 -12.86 -8.16
C HIS E 141 -0.32 -13.38 -9.56
N LEU E 142 0.20 -14.55 -9.82
CA LEU E 142 0.05 -15.22 -11.11
C LEU E 142 -0.31 -16.63 -10.84
N LYS E 143 -1.03 -17.25 -11.74
CA LYS E 143 -1.40 -18.65 -11.62
C LYS E 143 -0.80 -19.35 -12.81
N GLY E 144 -0.10 -20.45 -12.57
CA GLY E 144 0.55 -21.24 -13.61
C GLY E 144 0.26 -22.72 -13.51
N ILE E 145 0.33 -23.44 -14.65
CA ILE E 145 0.06 -24.89 -14.72
C ILE E 145 1.29 -25.66 -15.17
N ASP E 146 1.60 -26.78 -14.49
CA ASP E 146 2.72 -27.63 -14.85
C ASP E 146 2.19 -28.67 -15.82
N LEU E 147 2.41 -28.48 -17.14
CA LEU E 147 1.89 -29.41 -18.14
C LEU E 147 2.54 -30.82 -18.10
N GLN E 148 3.53 -31.07 -17.22
CA GLN E 148 4.11 -32.41 -17.07
C GLN E 148 3.28 -33.31 -16.10
N THR E 149 2.13 -32.83 -15.57
CA THR E 149 1.26 -33.59 -14.66
C THR E 149 -0.14 -33.87 -15.25
N ILE E 150 -0.74 -32.91 -16.01
CA ILE E 150 -2.07 -33.09 -16.64
C ILE E 150 -2.11 -34.34 -17.54
N HIS E 151 -1.02 -34.60 -18.30
CA HIS E 151 -0.97 -35.73 -19.23
C HIS E 151 -0.98 -37.12 -18.50
N SER E 152 -0.38 -37.22 -17.30
CA SER E 152 -0.26 -38.47 -16.57
C SER E 152 -1.53 -38.94 -15.84
N ARG E 153 -2.26 -38.05 -15.14
CA ARG E 153 -3.42 -38.44 -14.33
C ARG E 153 -4.65 -37.50 -14.50
N GLU E 154 -4.77 -36.75 -15.63
CA GLU E 154 -5.88 -35.81 -15.89
C GLU E 154 -6.00 -34.73 -14.76
N LEU E 155 -4.89 -34.44 -14.04
CA LEU E 155 -4.83 -33.50 -12.92
C LEU E 155 -3.88 -32.33 -13.24
N PRO E 156 -4.41 -31.15 -13.67
CA PRO E 156 -3.52 -30.02 -13.98
C PRO E 156 -3.06 -29.27 -12.71
N ASP E 157 -1.94 -29.75 -12.12
CA ASP E 157 -1.31 -29.17 -10.91
C ASP E 157 -1.14 -27.66 -11.06
N CYS E 158 -2.08 -26.88 -10.50
CA CYS E 158 -2.05 -25.43 -10.60
C CYS E 158 -1.26 -24.83 -9.42
N TYR E 159 -0.37 -23.87 -9.74
CA TYR E 159 0.48 -23.14 -8.78
C TYR E 159 0.02 -21.72 -8.69
N VAL E 160 0.12 -21.08 -7.53
CA VAL E 160 -0.18 -19.64 -7.43
C VAL E 160 1.08 -18.95 -6.92
N PHE E 161 1.65 -18.09 -7.76
CA PHE E 161 2.86 -17.37 -7.46
C PHE E 161 2.54 -16.04 -6.84
N GLN E 162 3.00 -15.81 -5.60
CA GLN E 162 2.83 -14.55 -4.87
C GLN E 162 4.16 -13.78 -5.03
N ASN E 163 4.28 -13.11 -6.18
CA ASN E 163 5.47 -12.35 -6.58
C ASN E 163 5.56 -10.98 -5.92
N THR E 164 6.77 -10.59 -5.49
CA THR E 164 7.07 -9.29 -4.87
C THR E 164 8.40 -8.76 -5.34
N ILE E 165 8.42 -7.50 -5.81
CA ILE E 165 9.63 -6.81 -6.25
C ILE E 165 9.87 -5.73 -5.23
N ILE E 166 11.02 -5.70 -4.60
CA ILE E 166 11.30 -4.67 -3.60
C ILE E 166 12.48 -3.82 -4.06
N PHE E 167 12.27 -2.50 -4.07
CA PHE E 167 13.29 -1.50 -4.38
C PHE E 167 13.67 -0.92 -3.04
N ASP E 168 14.77 -1.43 -2.47
CA ASP E 168 15.23 -1.17 -1.13
C ASP E 168 16.26 -0.04 -1.09
N ASN E 169 15.85 1.12 -0.60
CA ASN E 169 16.75 2.26 -0.41
C ASN E 169 16.96 2.47 1.07
N LYS E 170 16.78 1.44 1.91
CA LYS E 170 16.89 1.62 3.36
C LYS E 170 18.31 2.01 3.79
N ALA E 171 19.36 1.70 3.03
CA ALA E 171 20.71 2.13 3.38
C ALA E 171 20.93 3.66 3.23
N HIS E 172 20.32 4.28 2.19
CA HIS E 172 20.41 5.71 1.84
C HIS E 172 21.83 6.04 1.48
N SER E 173 22.46 5.10 0.77
CA SER E 173 23.84 5.20 0.35
C SER E 173 24.00 5.61 -1.13
N GLY E 174 22.90 5.81 -1.84
CA GLY E 174 22.95 6.17 -3.26
C GLY E 174 22.73 5.00 -4.21
N LYS E 175 22.54 3.78 -3.67
CA LYS E 175 22.24 2.57 -4.42
C LYS E 175 20.96 1.98 -3.97
N ILE E 176 20.12 1.53 -4.92
CA ILE E 176 18.88 0.84 -4.59
C ILE E 176 19.06 -0.61 -4.91
N LYS E 177 18.78 -1.49 -3.93
CA LYS E 177 18.88 -2.93 -4.12
C LYS E 177 17.50 -3.45 -4.50
N ILE E 178 17.40 -4.20 -5.61
CA ILE E 178 16.15 -4.71 -6.17
C ILE E 178 16.09 -6.19 -5.86
N TYR E 179 15.10 -6.59 -5.04
CA TYR E 179 14.89 -8.00 -4.67
C TYR E 179 13.66 -8.53 -5.38
N PHE E 180 13.71 -9.78 -5.85
CA PHE E 180 12.55 -10.41 -6.43
C PHE E 180 12.23 -11.68 -5.63
N ASP E 181 11.07 -11.70 -4.93
CA ASP E 181 10.64 -12.87 -4.16
C ASP E 181 9.44 -13.49 -4.85
N SER E 182 9.32 -14.83 -4.82
CA SER E 182 8.18 -15.54 -5.40
C SER E 182 7.81 -16.71 -4.49
N ASP E 183 6.56 -16.75 -4.01
CA ASP E 183 6.08 -17.82 -3.14
C ASP E 183 5.08 -18.66 -3.90
N ALA E 184 5.45 -19.86 -4.29
CA ALA E 184 4.56 -20.74 -5.02
C ALA E 184 3.82 -21.65 -4.06
N LYS E 185 2.54 -21.89 -4.35
CA LYS E 185 1.70 -22.78 -3.57
C LYS E 185 0.83 -23.54 -4.53
N ILE E 186 0.73 -24.86 -4.38
CA ILE E 186 -0.10 -25.65 -5.28
C ILE E 186 -1.59 -25.53 -4.82
N GLU E 187 -2.53 -25.32 -5.77
CA GLU E 187 -3.95 -25.10 -5.44
C GLU E 187 -4.93 -25.75 -6.40
N GLU E 188 -6.22 -25.73 -6.01
CA GLU E 188 -7.31 -26.26 -6.83
C GLU E 188 -7.48 -25.35 -8.05
N CYS E 189 -7.32 -25.92 -9.27
CA CYS E 189 -7.49 -25.18 -10.52
C CYS E 189 -8.97 -24.85 -10.72
N LYS E 190 -9.33 -23.56 -10.72
CA LYS E 190 -10.72 -23.13 -10.94
C LYS E 190 -10.96 -22.81 -12.44
N ASP E 191 -10.11 -23.35 -13.36
CA ASP E 191 -10.14 -23.15 -14.82
C ASP E 191 -10.39 -21.67 -15.16
N LEU E 192 -9.33 -20.86 -14.90
CA LEU E 192 -9.30 -19.42 -15.18
C LEU E 192 -8.54 -19.22 -16.50
N ASN E 193 -8.54 -18.00 -17.04
CA ASN E 193 -7.92 -17.74 -18.33
C ASN E 193 -6.40 -17.94 -18.29
N ILE E 194 -5.86 -18.50 -19.37
CA ILE E 194 -4.44 -18.68 -19.60
C ILE E 194 -4.14 -17.84 -20.83
N PHE E 195 -2.92 -17.33 -20.90
CA PHE E 195 -2.52 -16.45 -21.99
C PHE E 195 -2.44 -17.26 -23.29
N GLY E 196 -3.59 -17.34 -24.00
CA GLY E 196 -3.78 -18.05 -25.26
C GLY E 196 -5.07 -18.87 -25.31
N SER E 197 -5.44 -19.57 -24.21
CA SER E 197 -6.65 -20.38 -24.11
C SER E 197 -7.84 -19.57 -23.55
N THR E 198 -8.86 -19.26 -24.40
CA THR E 198 -10.04 -18.49 -23.98
C THR E 198 -10.99 -19.37 -23.15
N SER F 1 74.06 -0.21 -22.13
CA SER F 1 73.53 0.35 -20.90
C SER F 1 72.06 0.72 -21.08
N ASN F 2 71.77 1.78 -21.87
CA ASN F 2 70.40 2.24 -22.11
C ASN F 2 69.72 1.29 -23.10
N GLN F 3 68.73 0.50 -22.62
CA GLN F 3 67.94 -0.48 -23.39
C GLN F 3 67.13 -1.37 -22.42
N LEU F 4 66.09 -2.08 -22.94
CA LEU F 4 65.28 -3.07 -22.19
C LEU F 4 64.34 -2.43 -21.12
N VAL F 5 63.24 -1.78 -21.59
CA VAL F 5 62.20 -1.23 -20.72
C VAL F 5 60.95 -1.96 -21.12
N VAL F 6 60.80 -3.19 -20.60
CA VAL F 6 59.73 -4.13 -20.96
C VAL F 6 58.35 -3.54 -20.68
N ALA F 7 58.18 -2.89 -19.53
CA ALA F 7 56.90 -2.28 -19.20
C ALA F 7 56.44 -1.35 -20.31
N PHE F 8 57.29 -0.45 -20.82
CA PHE F 8 56.89 0.47 -21.89
C PHE F 8 56.54 -0.28 -23.18
N LYS F 9 57.31 -1.29 -23.56
CA LYS F 9 56.99 -2.09 -24.74
C LYS F 9 55.60 -2.75 -24.58
N GLU F 10 55.36 -3.43 -23.44
CA GLU F 10 54.13 -4.18 -23.21
C GLU F 10 52.94 -3.26 -23.00
N ASP F 11 53.09 -2.15 -22.24
CA ASP F 11 51.99 -1.21 -22.02
C ASP F 11 51.49 -0.63 -23.35
N ASN F 12 52.41 -0.34 -24.27
CA ASN F 12 52.05 0.19 -25.58
C ASN F 12 51.31 -0.86 -26.39
N THR F 13 51.78 -2.13 -26.36
CA THR F 13 51.10 -3.18 -27.13
C THR F 13 49.64 -3.32 -26.71
N VAL F 14 49.36 -3.28 -25.39
CA VAL F 14 47.98 -3.37 -24.93
C VAL F 14 47.14 -2.27 -25.57
N ALA F 15 47.67 -1.02 -25.54
CA ALA F 15 47.00 0.13 -26.13
C ALA F 15 46.81 -0.05 -27.60
N PHE F 16 47.80 -0.59 -28.33
CA PHE F 16 47.63 -0.80 -29.78
C PHE F 16 46.54 -1.79 -30.07
N LYS F 17 46.41 -2.86 -29.23
CA LYS F 17 45.34 -3.83 -29.45
C LYS F 17 44.01 -3.11 -29.34
N HIS F 18 43.82 -2.20 -28.36
CA HIS F 18 42.59 -1.46 -28.24
C HIS F 18 42.34 -0.52 -29.43
N LEU F 19 43.38 0.12 -29.98
CA LEU F 19 43.19 1.03 -31.12
C LEU F 19 42.93 0.32 -32.44
N PHE F 20 43.68 -0.73 -32.81
CA PHE F 20 43.63 -1.35 -34.14
C PHE F 20 42.75 -2.59 -34.29
N LEU F 21 42.41 -3.25 -33.17
CA LEU F 21 41.54 -4.43 -33.16
C LEU F 21 40.10 -4.02 -32.84
N LYS F 22 39.25 -3.97 -33.89
CA LYS F 22 37.84 -3.61 -33.74
C LYS F 22 37.19 -4.53 -32.72
N GLY F 23 36.48 -3.96 -31.76
CA GLY F 23 35.77 -4.75 -30.77
C GLY F 23 36.60 -5.50 -29.75
N TYR F 24 37.94 -5.27 -29.70
CA TYR F 24 38.82 -5.96 -28.75
C TYR F 24 38.31 -5.75 -27.38
N SER F 25 37.91 -6.87 -26.71
CA SER F 25 37.30 -6.90 -25.38
C SER F 25 38.18 -6.42 -24.26
N GLY F 26 39.48 -6.42 -24.44
CA GLY F 26 40.40 -6.02 -23.38
C GLY F 26 41.28 -7.16 -22.94
N THR F 27 40.87 -8.40 -23.17
CA THR F 27 41.69 -9.58 -22.87
C THR F 27 41.78 -10.46 -24.15
N ASP F 28 42.95 -11.09 -24.41
CA ASP F 28 43.07 -11.98 -25.58
C ASP F 28 42.10 -13.16 -25.48
N GLU F 29 41.65 -13.63 -26.65
CA GLU F 29 40.68 -14.72 -26.74
C GLU F 29 41.34 -16.06 -26.44
N ASP F 30 42.58 -16.27 -26.91
CA ASP F 30 43.33 -17.50 -26.65
C ASP F 30 44.80 -17.16 -26.96
N ASP F 31 45.45 -17.84 -27.93
CA ASP F 31 46.79 -17.44 -28.38
C ASP F 31 46.67 -16.18 -29.29
N TYR F 32 45.45 -15.96 -29.86
CA TYR F 32 45.12 -14.83 -30.74
C TYR F 32 44.29 -13.84 -29.92
N SER F 33 44.17 -12.59 -30.40
CA SER F 33 43.49 -11.53 -29.66
C SER F 33 41.98 -11.60 -29.81
N CYS F 34 41.48 -11.72 -31.05
CA CYS F 34 40.03 -11.89 -31.27
C CYS F 34 39.80 -12.62 -32.54
N SER F 35 38.54 -12.93 -32.80
CA SER F 35 38.16 -13.66 -33.99
C SER F 35 36.91 -13.04 -34.63
N VAL F 36 36.62 -13.45 -35.88
CA VAL F 36 35.42 -13.02 -36.59
C VAL F 36 34.84 -14.24 -37.24
N TYR F 37 33.50 -14.31 -37.35
CA TYR F 37 32.81 -15.45 -37.95
C TYR F 37 31.99 -15.09 -39.21
N THR F 38 32.02 -13.80 -39.67
CA THR F 38 31.28 -13.40 -40.87
C THR F 38 32.11 -12.53 -41.76
N GLN F 39 31.77 -12.49 -43.06
CA GLN F 39 32.50 -11.70 -44.07
C GLN F 39 32.43 -10.22 -43.72
N GLU F 40 31.26 -9.73 -43.27
CA GLU F 40 31.13 -8.32 -42.90
C GLU F 40 32.08 -7.99 -41.74
N ASP F 41 32.05 -8.79 -40.67
CA ASP F 41 32.94 -8.54 -39.53
C ASP F 41 34.40 -8.59 -39.94
N ALA F 42 34.77 -9.49 -40.89
CA ALA F 42 36.15 -9.60 -41.38
C ALA F 42 36.55 -8.34 -42.10
N TYR F 43 35.68 -7.85 -43.02
CA TYR F 43 35.97 -6.60 -43.72
C TYR F 43 35.98 -5.43 -42.76
N GLU F 44 34.98 -5.34 -41.86
CA GLU F 44 34.93 -4.26 -40.88
C GLU F 44 36.20 -4.21 -40.04
N SER F 45 36.74 -5.37 -39.65
CA SER F 45 37.96 -5.42 -38.84
C SER F 45 39.17 -4.97 -39.60
N ILE F 46 39.28 -5.36 -40.90
CA ILE F 46 40.42 -5.00 -41.75
C ILE F 46 40.39 -3.49 -41.96
N PHE F 47 39.25 -2.96 -42.37
CA PHE F 47 39.13 -1.53 -42.65
C PHE F 47 39.26 -0.70 -41.39
N PHE F 48 38.79 -1.20 -40.23
CA PHE F 48 38.94 -0.47 -38.96
C PHE F 48 40.41 -0.24 -38.66
N ALA F 49 41.23 -1.28 -38.76
CA ALA F 49 42.66 -1.17 -38.50
C ALA F 49 43.29 -0.12 -39.39
N ILE F 50 42.96 -0.13 -40.68
CA ILE F 50 43.53 0.79 -41.68
C ILE F 50 43.08 2.22 -41.41
N ASN F 51 41.80 2.41 -41.13
CA ASN F 51 41.28 3.75 -40.87
C ASN F 51 41.80 4.30 -39.53
N GLN F 52 42.07 3.43 -38.54
CA GLN F 52 42.63 3.89 -37.26
C GLN F 52 44.08 4.31 -37.45
N TYR F 53 44.82 3.69 -38.39
CA TYR F 53 46.19 4.08 -38.69
C TYR F 53 46.14 5.44 -39.31
N HIS F 54 45.26 5.62 -40.31
CA HIS F 54 45.11 6.90 -41.00
C HIS F 54 44.85 8.05 -40.03
N GLN F 55 43.93 7.87 -39.08
CA GLN F 55 43.52 8.91 -38.13
C GLN F 55 44.26 8.86 -36.77
N LEU F 56 45.35 8.06 -36.68
CA LEU F 56 46.11 7.85 -35.44
C LEU F 56 46.41 9.16 -34.68
N LYS F 57 46.73 10.21 -35.41
CA LYS F 57 47.02 11.57 -34.90
C LYS F 57 45.96 12.06 -33.92
N ASP F 58 44.68 11.78 -34.21
CA ASP F 58 43.53 12.23 -33.41
C ASP F 58 42.96 11.16 -32.48
N ILE F 59 43.64 10.02 -32.34
CA ILE F 59 43.19 8.90 -31.53
C ILE F 59 44.15 8.64 -30.39
N THR F 60 45.43 8.38 -30.69
CA THR F 60 46.42 8.02 -29.68
C THR F 60 46.54 9.00 -28.51
N LEU F 61 46.72 8.43 -27.29
CA LEU F 61 46.96 9.19 -26.06
C LEU F 61 48.47 9.17 -25.70
N GLY F 62 49.29 8.52 -26.52
CA GLY F 62 50.72 8.44 -26.27
C GLY F 62 51.51 9.49 -27.01
N THR F 63 52.84 9.44 -26.86
CA THR F 63 53.80 10.31 -27.55
C THR F 63 54.26 9.55 -28.80
N LEU F 64 53.36 9.31 -29.76
CA LEU F 64 53.69 8.50 -30.92
C LEU F 64 53.83 9.32 -32.16
N GLY F 65 54.26 8.62 -33.22
CA GLY F 65 54.40 9.16 -34.57
C GLY F 65 54.46 8.02 -35.56
N TYR F 66 54.42 8.33 -36.88
CA TYR F 66 54.55 7.29 -37.90
C TYR F 66 56.01 6.94 -38.09
N GLY F 67 56.28 5.67 -38.44
CA GLY F 67 57.62 5.15 -38.67
C GLY F 67 57.83 4.79 -40.12
N GLU F 68 59.08 4.63 -40.53
CA GLU F 68 59.39 4.27 -41.92
C GLU F 68 59.76 2.77 -42.01
N ASN F 69 60.04 2.26 -43.22
CA ASN F 69 60.49 0.87 -43.44
C ASN F 69 61.87 0.97 -44.12
N GLU F 70 62.44 -0.12 -44.69
CA GLU F 70 63.75 0.00 -45.35
C GLU F 70 63.70 1.10 -46.40
N ASP F 71 62.62 1.10 -47.19
CA ASP F 71 62.29 2.06 -48.26
C ASP F 71 62.37 3.56 -47.86
N ASN F 72 62.15 3.89 -46.56
CA ASN F 72 62.11 5.26 -46.01
C ASN F 72 60.82 5.93 -46.58
N ARG F 73 59.68 5.27 -46.30
CA ARG F 73 58.33 5.69 -46.69
C ARG F 73 57.37 5.45 -45.56
N ILE F 74 56.52 6.44 -45.25
CA ILE F 74 55.50 6.28 -44.21
C ILE F 74 54.29 5.66 -44.90
N GLY F 75 53.72 4.64 -44.25
CA GLY F 75 52.52 3.94 -44.70
C GLY F 75 52.43 2.51 -44.20
N LEU F 76 51.30 1.84 -44.48
CA LEU F 76 51.10 0.45 -44.09
C LEU F 76 51.04 -0.44 -45.33
N LYS F 77 51.46 -1.69 -45.16
CA LYS F 77 51.47 -2.73 -46.19
C LYS F 77 50.36 -3.71 -45.86
N VAL F 78 49.63 -4.19 -46.88
CA VAL F 78 48.55 -5.17 -46.69
C VAL F 78 48.87 -6.33 -47.62
N CYS F 79 48.99 -7.56 -47.12
CA CYS F 79 49.30 -8.75 -47.94
C CYS F 79 48.20 -9.73 -47.85
N LYS F 80 47.84 -10.38 -48.96
CA LYS F 80 46.82 -11.43 -48.88
C LYS F 80 47.37 -12.70 -49.51
N GLN F 81 47.17 -13.85 -48.86
CA GLN F 81 47.55 -15.15 -49.38
C GLN F 81 46.27 -15.86 -49.77
N HIS F 82 46.15 -16.24 -51.05
CA HIS F 82 45.01 -16.95 -51.61
C HIS F 82 45.48 -18.21 -52.27
N TYR F 83 44.64 -19.23 -52.38
CA TYR F 83 45.02 -20.42 -53.16
C TYR F 83 44.90 -20.06 -54.62
N LYS F 84 45.83 -20.58 -55.44
CA LYS F 84 45.89 -20.32 -56.88
C LYS F 84 44.63 -20.91 -57.57
N LYS F 85 44.13 -20.20 -58.61
CA LYS F 85 42.95 -20.56 -59.40
C LYS F 85 41.72 -20.81 -58.52
N LEU F 95 36.45 -28.64 -56.44
CA LEU F 95 37.66 -29.15 -57.09
C LEU F 95 38.30 -28.09 -58.01
N ASN F 96 38.14 -26.82 -57.64
CA ASN F 96 38.60 -25.69 -58.45
C ASN F 96 39.82 -25.01 -57.83
N ILE F 97 40.39 -25.60 -56.77
CA ILE F 97 41.53 -25.02 -56.05
C ILE F 97 42.78 -25.87 -56.28
N ASP F 98 43.92 -25.19 -56.43
CA ASP F 98 45.24 -25.79 -56.59
C ASP F 98 45.99 -25.62 -55.26
N ASN F 99 46.82 -26.59 -54.89
CA ASN F 99 47.55 -26.61 -53.61
C ASN F 99 48.49 -25.39 -53.39
N ASP F 100 49.14 -24.90 -54.48
CA ASP F 100 50.07 -23.76 -54.45
C ASP F 100 49.33 -22.45 -54.11
N VAL F 101 49.98 -21.53 -53.35
CA VAL F 101 49.38 -20.26 -52.92
C VAL F 101 49.97 -19.04 -53.66
N GLU F 102 49.13 -18.01 -53.80
CA GLU F 102 49.38 -16.77 -54.51
C GLU F 102 49.42 -15.58 -53.52
N LEU F 103 50.60 -15.00 -53.31
CA LEU F 103 50.82 -13.87 -52.39
C LEU F 103 50.86 -12.55 -53.14
N ASP F 104 49.87 -11.67 -52.96
CA ASP F 104 49.92 -10.33 -53.56
C ASP F 104 49.72 -9.33 -52.45
N CYS F 105 50.49 -8.24 -52.46
CA CYS F 105 50.38 -7.24 -51.41
C CYS F 105 50.55 -5.84 -51.95
N VAL F 106 49.99 -4.89 -51.21
CA VAL F 106 49.81 -3.49 -51.56
C VAL F 106 50.38 -2.58 -50.47
N GLN F 107 51.16 -1.57 -50.87
CA GLN F 107 51.72 -0.58 -49.96
C GLN F 107 50.83 0.65 -50.04
N LEU F 108 50.22 1.07 -48.91
CA LEU F 108 49.34 2.24 -48.86
C LEU F 108 50.05 3.38 -48.17
N ASP F 109 50.60 4.31 -48.97
CA ASP F 109 51.33 5.48 -48.47
C ASP F 109 50.35 6.39 -47.73
N LEU F 110 50.87 7.31 -46.91
CA LEU F 110 49.99 8.22 -46.16
C LEU F 110 49.07 9.04 -47.06
N GLN F 111 49.55 9.45 -48.23
CA GLN F 111 48.78 10.25 -49.18
C GLN F 111 47.60 9.45 -49.75
N ASP F 112 47.78 8.15 -49.97
CA ASP F 112 46.74 7.24 -50.50
C ASP F 112 45.53 7.17 -49.56
N LEU F 113 45.80 7.14 -48.25
CA LEU F 113 44.76 7.11 -47.21
C LEU F 113 44.09 8.48 -47.07
N SER F 114 44.89 9.56 -47.16
CA SER F 114 44.40 10.94 -47.05
C SER F 114 43.56 11.32 -48.24
N LYS F 115 43.89 10.77 -49.43
CA LYS F 115 43.18 11.05 -50.68
C LYS F 115 41.70 10.85 -50.51
N LYS F 116 40.89 11.91 -50.81
CA LYS F 116 39.43 11.87 -50.76
C LYS F 116 38.93 11.72 -52.21
N PRO F 117 38.14 10.70 -52.57
CA PRO F 117 37.66 9.58 -51.74
C PRO F 117 38.74 8.54 -51.56
N PRO F 118 38.73 7.70 -50.49
CA PRO F 118 39.77 6.68 -50.38
C PRO F 118 39.59 5.63 -51.49
N ASP F 119 40.39 5.75 -52.58
CA ASP F 119 40.31 4.83 -53.72
C ASP F 119 40.67 3.42 -53.34
N TRP F 120 41.52 3.26 -52.29
CA TRP F 120 41.98 1.95 -51.85
C TRP F 120 40.81 1.04 -51.42
N LYS F 121 39.77 1.56 -50.73
CA LYS F 121 38.62 0.75 -50.28
C LYS F 121 37.89 0.05 -51.42
N ASN F 122 37.81 0.72 -52.59
CA ASN F 122 37.11 0.23 -53.78
C ASN F 122 38.03 -0.59 -54.72
N SER F 123 39.27 -0.91 -54.29
CA SER F 123 40.23 -1.66 -55.10
C SER F 123 39.83 -3.10 -55.21
N SER F 124 40.28 -3.73 -56.31
CA SER F 124 40.06 -5.16 -56.54
C SER F 124 40.88 -5.98 -55.53
N PHE F 125 41.95 -5.38 -54.95
CA PHE F 125 42.75 -6.02 -53.92
C PHE F 125 41.89 -6.39 -52.71
N PHE F 126 41.00 -5.46 -52.30
CA PHE F 126 40.15 -5.66 -51.13
C PHE F 126 38.84 -6.41 -51.44
N ARG F 127 38.70 -7.02 -52.63
CA ARG F 127 37.56 -7.91 -52.93
C ARG F 127 38.07 -9.30 -52.66
N LEU F 128 37.97 -9.73 -51.39
CA LEU F 128 38.52 -11.01 -50.95
C LEU F 128 37.59 -12.17 -51.33
N GLU F 129 38.20 -13.32 -51.70
CA GLU F 129 37.48 -14.56 -52.00
C GLU F 129 37.80 -15.49 -50.85
N PHE F 130 36.96 -15.44 -49.78
CA PHE F 130 37.18 -16.15 -48.51
C PHE F 130 37.26 -17.68 -48.66
N TYR F 131 36.62 -18.25 -49.68
CA TYR F 131 36.67 -19.70 -49.90
C TYR F 131 38.11 -20.18 -50.24
N ARG F 132 38.98 -19.32 -50.79
CA ARG F 132 40.36 -19.69 -51.08
C ARG F 132 41.36 -18.78 -50.34
N LEU F 133 40.90 -17.96 -49.38
CA LEU F 133 41.77 -17.04 -48.62
C LEU F 133 42.46 -17.75 -47.45
N LEU F 134 43.82 -17.70 -47.41
CA LEU F 134 44.60 -18.29 -46.32
C LEU F 134 44.76 -17.26 -45.23
N GLN F 135 45.19 -16.03 -45.58
CA GLN F 135 45.28 -14.95 -44.58
C GLN F 135 45.48 -13.57 -45.18
N VAL F 136 45.22 -12.55 -44.36
CA VAL F 136 45.42 -11.13 -44.65
C VAL F 136 46.36 -10.61 -43.57
N GLU F 137 47.40 -9.88 -43.94
CA GLU F 137 48.35 -9.39 -42.95
C GLU F 137 48.59 -7.89 -43.13
N ILE F 138 48.21 -7.06 -42.14
CA ILE F 138 48.42 -5.60 -42.14
C ILE F 138 49.70 -5.34 -41.34
N SER F 139 50.65 -4.56 -41.86
CA SER F 139 51.90 -4.29 -41.16
C SER F 139 52.28 -2.81 -41.28
N PHE F 140 52.71 -2.21 -40.20
CA PHE F 140 53.09 -0.81 -40.14
C PHE F 140 54.05 -0.57 -39.00
N HIS F 141 54.76 0.54 -39.06
CA HIS F 141 55.75 0.93 -38.08
C HIS F 141 55.31 2.19 -37.38
N LEU F 142 55.51 2.27 -36.06
CA LEU F 142 55.22 3.47 -35.27
C LEU F 142 56.38 3.73 -34.38
N LYS F 143 56.75 5.01 -34.19
CA LYS F 143 57.85 5.39 -33.29
C LYS F 143 57.20 6.10 -32.14
N GLY F 144 57.80 6.00 -30.98
CA GLY F 144 57.28 6.66 -29.79
C GLY F 144 58.35 6.89 -28.73
N ILE F 145 58.19 7.96 -27.92
CA ILE F 145 59.17 8.32 -26.90
C ILE F 145 58.68 7.98 -25.46
N ASP F 146 59.58 7.43 -24.61
CA ASP F 146 59.27 7.15 -23.21
C ASP F 146 59.63 8.42 -22.43
N LEU F 147 58.65 9.28 -22.12
CA LEU F 147 58.92 10.54 -21.43
C LEU F 147 59.32 10.38 -19.96
N GLN F 148 58.86 9.29 -19.31
CA GLN F 148 59.14 9.02 -17.91
C GLN F 148 60.67 8.98 -17.66
N THR F 149 61.46 8.63 -18.71
CA THR F 149 62.93 8.62 -18.67
C THR F 149 63.46 10.05 -18.78
N PRO F 156 67.19 10.50 -24.26
CA PRO F 156 66.05 10.44 -25.19
C PRO F 156 65.77 9.00 -25.63
N ASP F 157 64.73 8.36 -25.03
CA ASP F 157 64.37 6.96 -25.32
C ASP F 157 63.30 6.85 -26.40
N CYS F 158 63.74 6.65 -27.66
CA CYS F 158 62.87 6.44 -28.82
C CYS F 158 62.77 4.93 -29.18
N TYR F 159 61.54 4.42 -29.31
CA TYR F 159 61.22 3.01 -29.65
C TYR F 159 60.63 2.92 -31.01
N VAL F 160 60.90 1.85 -31.76
CA VAL F 160 60.24 1.67 -33.06
C VAL F 160 59.46 0.37 -33.00
N PHE F 161 58.14 0.49 -33.09
CA PHE F 161 57.22 -0.62 -33.02
C PHE F 161 56.97 -1.17 -34.41
N GLN F 162 57.29 -2.45 -34.66
CA GLN F 162 57.04 -3.13 -35.93
C GLN F 162 55.78 -3.97 -35.73
N ASN F 163 54.64 -3.29 -35.85
CA ASN F 163 53.31 -3.85 -35.62
C ASN F 163 52.83 -4.67 -36.81
N THR F 164 52.16 -5.82 -36.52
CA THR F 164 51.57 -6.73 -37.54
C THR F 164 50.23 -7.28 -37.05
N ILE F 165 49.19 -7.16 -37.86
CA ILE F 165 47.87 -7.70 -37.58
C ILE F 165 47.65 -8.84 -38.56
N ILE F 166 47.39 -10.04 -38.08
CA ILE F 166 47.18 -11.18 -39.00
C ILE F 166 45.78 -11.71 -38.88
N PHE F 167 45.12 -11.87 -40.02
CA PHE F 167 43.78 -12.41 -40.12
C PHE F 167 43.96 -13.83 -40.64
N ASP F 168 44.20 -14.77 -39.73
CA ASP F 168 44.48 -16.17 -40.08
C ASP F 168 43.20 -16.92 -40.36
N ASN F 169 43.01 -17.40 -41.62
CA ASN F 169 41.90 -18.25 -42.02
C ASN F 169 42.44 -19.59 -42.49
N LYS F 170 43.66 -19.98 -42.06
CA LYS F 170 44.32 -21.19 -42.53
C LYS F 170 43.55 -22.48 -42.17
N ALA F 171 42.72 -22.48 -41.12
CA ALA F 171 41.91 -23.65 -40.77
C ALA F 171 40.76 -23.92 -41.76
N HIS F 172 40.12 -22.83 -42.29
CA HIS F 172 38.98 -22.86 -43.22
C HIS F 172 37.80 -23.51 -42.55
N SER F 173 37.65 -23.18 -41.26
CA SER F 173 36.62 -23.70 -40.40
C SER F 173 35.47 -22.72 -40.19
N GLY F 174 35.53 -21.54 -40.83
CA GLY F 174 34.48 -20.53 -40.69
C GLY F 174 34.77 -19.45 -39.68
N LYS F 175 35.92 -19.52 -38.98
CA LYS F 175 36.40 -18.54 -38.02
C LYS F 175 37.73 -18.01 -38.45
N ILE F 176 37.92 -16.69 -38.38
CA ILE F 176 39.22 -16.07 -38.70
C ILE F 176 39.80 -15.64 -37.37
N LYS F 177 41.04 -16.08 -37.06
CA LYS F 177 41.75 -15.73 -35.83
C LYS F 177 42.60 -14.49 -36.12
N ILE F 178 42.47 -13.43 -35.29
CA ILE F 178 43.16 -12.15 -35.46
C ILE F 178 44.27 -12.06 -34.45
N TYR F 179 45.50 -12.04 -34.92
CA TYR F 179 46.70 -11.94 -34.08
C TYR F 179 47.26 -10.54 -34.16
N PHE F 180 47.74 -9.97 -33.05
CA PHE F 180 48.41 -8.68 -33.06
C PHE F 180 49.80 -8.88 -32.50
N ASP F 181 50.85 -8.68 -33.34
CA ASP F 181 52.26 -8.78 -32.93
C ASP F 181 52.89 -7.40 -32.95
N SER F 182 53.77 -7.10 -31.99
CA SER F 182 54.48 -5.83 -31.92
C SER F 182 55.92 -6.07 -31.49
N ASP F 183 56.89 -5.67 -32.31
CA ASP F 183 58.31 -5.82 -32.02
C ASP F 183 58.90 -4.46 -31.75
N ALA F 184 59.22 -4.15 -30.49
CA ALA F 184 59.80 -2.86 -30.15
C ALA F 184 61.29 -2.95 -30.15
N LYS F 185 61.97 -1.89 -30.62
CA LYS F 185 63.42 -1.80 -30.63
C LYS F 185 63.83 -0.39 -30.29
N ILE F 186 64.89 -0.22 -29.48
CA ILE F 186 65.42 1.10 -29.16
C ILE F 186 66.27 1.51 -30.35
N GLU F 187 65.96 2.65 -30.96
CA GLU F 187 66.69 3.15 -32.11
C GLU F 187 66.96 4.62 -31.90
N GLU F 188 67.86 5.19 -32.73
CA GLU F 188 68.23 6.61 -32.66
C GLU F 188 67.04 7.49 -32.99
N CYS F 189 66.94 8.62 -32.29
CA CYS F 189 65.85 9.56 -32.49
C CYS F 189 66.16 10.38 -33.75
N LYS F 190 65.44 10.09 -34.86
CA LYS F 190 65.67 10.73 -36.17
C LYS F 190 64.90 12.07 -36.33
N ASP F 191 64.33 12.63 -35.22
CA ASP F 191 63.60 13.90 -35.20
C ASP F 191 62.38 13.83 -36.16
N LEU F 192 61.55 12.78 -36.00
CA LEU F 192 60.34 12.56 -36.78
C LEU F 192 59.11 13.04 -35.98
N ASN F 193 58.31 13.91 -36.63
CA ASN F 193 57.12 14.55 -36.11
C ASN F 193 56.25 13.65 -35.25
N ILE F 194 55.95 14.12 -34.03
CA ILE F 194 55.10 13.46 -33.05
C ILE F 194 53.71 14.05 -33.16
N PHE F 195 52.66 13.24 -32.93
CA PHE F 195 51.26 13.68 -33.05
C PHE F 195 50.90 14.75 -32.02
N GLY F 196 50.75 16.00 -32.46
CA GLY F 196 50.38 17.12 -31.61
C GLY F 196 51.40 18.24 -31.53
N SER F 197 52.64 18.01 -32.03
CA SER F 197 53.73 19.00 -32.04
C SER F 197 54.25 19.20 -33.47
N LEU G 4 34.16 4.63 12.17
CA LEU G 4 33.14 5.69 12.18
C LEU G 4 32.13 5.43 11.03
N VAL G 5 31.52 4.21 11.07
CA VAL G 5 30.52 3.64 10.15
C VAL G 5 31.12 3.65 8.73
N VAL G 6 32.11 2.73 8.56
CA VAL G 6 32.87 2.44 7.33
C VAL G 6 31.92 2.05 6.20
N ALA G 7 30.89 1.22 6.51
CA ALA G 7 29.90 0.82 5.51
C ALA G 7 29.32 2.02 4.81
N PHE G 8 28.89 3.08 5.53
CA PHE G 8 28.31 4.26 4.86
C PHE G 8 29.34 4.98 3.99
N LYS G 9 30.58 5.16 4.47
CA LYS G 9 31.63 5.76 3.65
C LYS G 9 31.85 4.93 2.33
N GLU G 10 32.02 3.62 2.46
CA GLU G 10 32.32 2.74 1.34
C GLU G 10 31.12 2.57 0.41
N ASP G 11 29.90 2.40 0.94
CA ASP G 11 28.70 2.27 0.10
C ASP G 11 28.51 3.51 -0.77
N ASN G 12 28.75 4.70 -0.22
CA ASN G 12 28.64 5.93 -0.99
C ASN G 12 29.69 5.98 -2.09
N THR G 13 30.92 5.54 -1.78
CA THR G 13 32.04 5.54 -2.74
C THR G 13 31.70 4.73 -3.96
N VAL G 14 31.07 3.57 -3.76
CA VAL G 14 30.65 2.71 -4.87
C VAL G 14 29.65 3.45 -5.76
N ALA G 15 28.65 4.11 -5.12
CA ALA G 15 27.63 4.85 -5.83
C ALA G 15 28.25 6.01 -6.59
N PHE G 16 29.22 6.72 -5.99
CA PHE G 16 29.87 7.84 -6.70
C PHE G 16 30.62 7.36 -7.92
N LYS G 17 31.26 6.16 -7.84
CA LYS G 17 31.97 5.63 -9.00
C LYS G 17 31.00 5.41 -10.12
N HIS G 18 29.80 4.89 -9.83
CA HIS G 18 28.77 4.72 -10.86
C HIS G 18 28.26 6.07 -11.41
N LEU G 19 28.10 7.08 -10.56
CA LEU G 19 27.62 8.39 -11.00
C LEU G 19 28.64 9.19 -11.83
N PHE G 20 29.93 9.18 -11.48
CA PHE G 20 30.90 10.04 -12.14
C PHE G 20 31.80 9.37 -13.14
N LEU G 21 31.97 8.05 -13.05
CA LEU G 21 32.87 7.38 -13.99
C LEU G 21 32.06 6.83 -15.14
N LYS G 22 32.22 7.48 -16.32
CA LYS G 22 31.51 7.05 -17.54
C LYS G 22 31.86 5.63 -17.86
N GLY G 23 30.85 4.81 -18.08
CA GLY G 23 31.04 3.41 -18.43
C GLY G 23 31.59 2.50 -17.35
N TYR G 24 31.65 2.96 -16.07
CA TYR G 24 32.17 2.15 -14.98
C TYR G 24 31.40 0.88 -14.92
N SER G 25 32.10 -0.26 -15.12
CA SER G 25 31.56 -1.62 -15.20
C SER G 25 30.94 -2.15 -13.92
N GLY G 26 31.27 -1.57 -12.78
CA GLY G 26 30.78 -2.02 -11.50
C GLY G 26 31.88 -2.55 -10.60
N THR G 27 33.01 -2.97 -11.18
CA THR G 27 34.16 -3.45 -10.42
C THR G 27 35.42 -2.67 -10.91
N ASP G 28 36.35 -2.30 -9.99
CA ASP G 28 37.58 -1.62 -10.39
C ASP G 28 38.42 -2.48 -11.33
N GLU G 29 39.15 -1.82 -12.23
CA GLU G 29 39.97 -2.49 -13.23
C GLU G 29 41.22 -3.07 -12.64
N ASP G 30 41.83 -2.38 -11.67
CA ASP G 30 43.04 -2.85 -10.96
C ASP G 30 43.14 -2.00 -9.67
N ASP G 31 44.22 -1.20 -9.49
CA ASP G 31 44.29 -0.22 -8.40
C ASP G 31 43.44 1.02 -8.77
N TYR G 32 43.18 1.22 -10.10
CA TYR G 32 42.37 2.30 -10.64
C TYR G 32 41.00 1.74 -11.02
N SER G 33 40.00 2.62 -11.21
CA SER G 33 38.62 2.19 -11.48
C SER G 33 38.40 1.81 -12.96
N CYS G 34 38.82 2.67 -13.88
CA CYS G 34 38.74 2.35 -15.31
C CYS G 34 39.79 3.06 -16.07
N SER G 35 39.91 2.76 -17.34
CA SER G 35 40.90 3.37 -18.19
C SER G 35 40.31 3.80 -19.54
N VAL G 36 41.04 4.61 -20.30
CA VAL G 36 40.65 5.02 -21.64
C VAL G 36 41.86 4.93 -22.52
N TYR G 37 41.68 4.57 -23.80
CA TYR G 37 42.78 4.40 -24.74
C TYR G 37 42.72 5.38 -25.95
N THR G 38 41.70 6.27 -26.00
CA THR G 38 41.57 7.24 -27.09
C THR G 38 41.25 8.63 -26.56
N GLN G 39 41.56 9.65 -27.39
CA GLN G 39 41.31 11.05 -27.05
C GLN G 39 39.83 11.31 -26.87
N GLU G 40 38.97 10.73 -27.73
CA GLU G 40 37.52 10.92 -27.58
C GLU G 40 37.04 10.34 -26.25
N ASP G 41 37.42 9.10 -25.92
CA ASP G 41 37.00 8.51 -24.66
C ASP G 41 37.51 9.32 -23.47
N ALA G 42 38.72 9.90 -23.57
CA ALA G 42 39.27 10.72 -22.49
C ALA G 42 38.43 11.98 -22.30
N TYR G 43 38.09 12.67 -23.40
CA TYR G 43 37.24 13.85 -23.30
C TYR G 43 35.86 13.48 -22.82
N GLU G 44 35.26 12.43 -23.40
CA GLU G 44 33.93 11.99 -22.99
C GLU G 44 33.87 11.71 -21.48
N SER G 45 34.93 11.08 -20.93
CA SER G 45 34.97 10.74 -19.51
C SER G 45 35.11 11.95 -18.64
N ILE G 46 35.92 12.94 -19.05
CA ILE G 46 36.12 14.20 -18.30
C ILE G 46 34.81 14.98 -18.25
N PHE G 47 34.18 15.19 -19.42
CA PHE G 47 32.94 15.94 -19.51
C PHE G 47 31.78 15.21 -18.82
N PHE G 48 31.74 13.87 -18.87
CA PHE G 48 30.69 13.12 -18.19
C PHE G 48 30.70 13.40 -16.69
N ALA G 49 31.85 13.35 -16.06
CA ALA G 49 31.92 13.59 -14.62
C ALA G 49 31.43 14.97 -14.29
N ILE G 50 31.85 15.98 -15.07
CA ILE G 50 31.47 17.38 -14.83
C ILE G 50 29.97 17.56 -15.00
N ASN G 51 29.40 17.00 -16.06
CA ASN G 51 27.98 17.13 -16.28
C ASN G 51 27.15 16.37 -15.22
N GLN G 52 27.66 15.27 -14.65
CA GLN G 52 26.92 14.53 -13.62
C GLN G 52 26.93 15.33 -12.33
N TYR G 53 28.02 16.10 -12.09
CA TYR G 53 28.09 16.98 -10.92
C TYR G 53 27.03 18.05 -11.07
N HIS G 54 26.98 18.67 -12.23
CA HIS G 54 26.01 19.69 -12.54
C HIS G 54 24.57 19.23 -12.29
N GLN G 55 24.22 18.03 -12.78
CA GLN G 55 22.86 17.50 -12.68
C GLN G 55 22.64 16.57 -11.48
N LEU G 56 23.59 16.54 -10.52
CA LEU G 56 23.55 15.65 -9.35
C LEU G 56 22.17 15.62 -8.66
N LYS G 57 21.52 16.76 -8.55
CA LYS G 57 20.19 16.96 -7.96
C LYS G 57 19.13 15.96 -8.52
N ASP G 58 19.19 15.69 -9.84
CA ASP G 58 18.25 14.82 -10.56
C ASP G 58 18.80 13.40 -10.84
N ILE G 59 19.94 13.05 -10.25
CA ILE G 59 20.59 11.77 -10.48
C ILE G 59 20.66 10.98 -9.17
N THR G 60 21.30 11.54 -8.14
CA THR G 60 21.51 10.85 -6.88
C THR G 60 20.24 10.26 -6.25
N LEU G 61 20.40 9.05 -5.68
CA LEU G 61 19.34 8.35 -4.93
C LEU G 61 19.59 8.49 -3.42
N GLY G 62 20.68 9.17 -3.03
CA GLY G 62 21.03 9.37 -1.64
C GLY G 62 20.53 10.68 -1.07
N THR G 63 20.85 10.91 0.21
CA THR G 63 20.51 12.14 0.95
C THR G 63 21.73 13.05 0.84
N LEU G 64 22.00 13.57 -0.36
CA LEU G 64 23.21 14.33 -0.64
C LEU G 64 22.93 15.78 -0.77
N GLY G 65 24.01 16.54 -0.88
CA GLY G 65 24.01 17.98 -1.11
C GLY G 65 25.39 18.43 -1.57
N TYR G 66 25.47 19.62 -2.20
CA TYR G 66 26.78 20.13 -2.59
C TYR G 66 27.50 20.59 -1.35
N GLY G 67 28.80 20.39 -1.35
CA GLY G 67 29.66 20.74 -0.24
C GLY G 67 30.57 21.86 -0.67
N GLU G 68 30.71 22.87 0.18
CA GLU G 68 31.59 24.00 -0.10
C GLU G 68 33.01 23.54 0.22
N ASN G 69 33.99 24.06 -0.53
CA ASN G 69 35.40 23.70 -0.30
C ASN G 69 35.85 24.39 1.02
N GLU G 70 37.14 24.32 1.39
CA GLU G 70 37.61 24.94 2.65
C GLU G 70 37.58 26.49 2.58
N ASP G 71 37.45 27.09 1.36
CA ASP G 71 37.34 28.53 1.13
C ASP G 71 35.87 28.91 0.75
N ASN G 72 34.88 28.30 1.45
CA ASN G 72 33.42 28.44 1.28
C ASN G 72 32.99 28.81 -0.16
N ARG G 73 33.26 27.90 -1.11
CA ARG G 73 32.93 28.05 -2.54
C ARG G 73 32.30 26.73 -3.04
N ILE G 74 31.09 26.81 -3.66
CA ILE G 74 30.36 25.63 -4.14
C ILE G 74 30.63 25.50 -5.63
N GLY G 75 31.22 24.38 -6.02
CA GLY G 75 31.62 24.10 -7.40
C GLY G 75 32.73 23.08 -7.50
N LEU G 76 33.16 22.73 -8.73
CA LEU G 76 34.25 21.76 -8.91
C LEU G 76 35.48 22.44 -9.56
N LYS G 77 36.69 21.97 -9.17
CA LYS G 77 37.97 22.45 -9.64
C LYS G 77 38.52 21.43 -10.61
N VAL G 78 39.11 21.87 -11.71
CA VAL G 78 39.70 20.99 -12.72
C VAL G 78 41.14 21.42 -12.90
N CYS G 79 42.13 20.54 -12.68
CA CYS G 79 43.56 20.88 -12.81
C CYS G 79 44.19 20.06 -13.87
N LYS G 80 45.07 20.64 -14.69
CA LYS G 80 45.79 19.85 -15.68
C LYS G 80 47.27 20.07 -15.51
N GLN G 81 48.07 19.00 -15.51
CA GLN G 81 49.52 19.07 -15.45
C GLN G 81 50.04 18.70 -16.83
N HIS G 82 50.80 19.60 -17.45
CA HIS G 82 51.40 19.42 -18.76
C HIS G 82 52.88 19.63 -18.64
N TYR G 83 53.69 19.05 -19.52
CA TYR G 83 55.12 19.38 -19.54
C TYR G 83 55.24 20.76 -20.19
N LYS G 84 55.95 21.72 -19.54
CA LYS G 84 56.07 23.06 -20.11
C LYS G 84 56.88 22.94 -21.39
N LYS G 85 56.47 23.59 -22.49
CA LYS G 85 57.17 23.43 -23.76
C LYS G 85 58.25 24.52 -23.91
N GLY G 86 59.45 24.12 -24.36
CA GLY G 86 60.61 25.00 -24.53
C GLY G 86 60.36 26.22 -25.39
N LEU G 95 59.80 16.74 -29.06
CA LEU G 95 61.12 17.36 -29.10
C LEU G 95 61.18 18.69 -28.30
N ASN G 96 60.04 19.21 -27.77
CA ASN G 96 60.04 20.44 -26.95
C ASN G 96 60.81 20.19 -25.64
N ILE G 97 60.64 18.96 -25.10
CA ILE G 97 61.37 18.28 -24.03
C ILE G 97 61.75 19.17 -22.77
N ASP G 98 60.84 20.01 -22.24
CA ASP G 98 61.16 20.74 -21.00
C ASP G 98 60.56 19.94 -19.87
N ASN G 99 61.41 19.55 -18.90
CA ASN G 99 61.02 18.66 -17.79
C ASN G 99 60.15 19.34 -16.72
N ASP G 100 60.16 20.68 -16.65
CA ASP G 100 59.40 21.42 -15.63
C ASP G 100 57.89 21.33 -15.95
N VAL G 101 57.07 21.02 -14.93
CA VAL G 101 55.62 20.81 -15.07
C VAL G 101 54.86 22.11 -14.94
N GLU G 102 53.96 22.39 -15.90
CA GLU G 102 53.11 23.58 -15.87
C GLU G 102 51.73 23.10 -15.41
N LEU G 103 51.30 23.58 -14.23
CA LEU G 103 50.02 23.27 -13.59
C LEU G 103 49.00 24.39 -13.82
N ASP G 104 48.07 24.15 -14.76
CA ASP G 104 47.01 25.09 -15.09
C ASP G 104 45.75 24.58 -14.44
N CYS G 105 44.87 25.45 -13.96
CA CYS G 105 43.69 24.97 -13.28
C CYS G 105 42.53 25.97 -13.35
N VAL G 106 41.28 25.46 -13.18
CA VAL G 106 40.05 26.23 -13.33
C VAL G 106 39.00 25.83 -12.29
N GLN G 107 38.40 26.83 -11.62
CA GLN G 107 37.31 26.62 -10.66
C GLN G 107 35.99 26.90 -11.38
N LEU G 108 35.04 25.95 -11.36
CA LEU G 108 33.71 26.13 -11.96
C LEU G 108 32.60 26.20 -10.91
N ASP G 109 32.04 27.42 -10.68
CA ASP G 109 30.93 27.65 -9.76
C ASP G 109 29.68 26.90 -10.26
N LEU G 110 28.64 26.83 -9.43
CA LEU G 110 27.37 26.20 -9.82
C LEU G 110 26.62 27.04 -10.90
N GLN G 111 26.95 28.33 -11.03
CA GLN G 111 26.36 29.21 -12.03
C GLN G 111 27.01 29.01 -13.41
N ASP G 112 28.35 28.74 -13.44
CA ASP G 112 29.11 28.52 -14.68
C ASP G 112 28.59 27.29 -15.45
N LEU G 113 28.24 26.24 -14.70
CA LEU G 113 27.69 24.98 -15.24
C LEU G 113 26.23 25.16 -15.68
N SER G 114 25.46 25.94 -14.90
CA SER G 114 24.04 26.19 -15.17
C SER G 114 23.79 27.04 -16.38
N LYS G 115 24.62 28.06 -16.63
CA LYS G 115 24.35 28.96 -17.75
C LYS G 115 24.37 28.17 -19.09
N LYS G 116 23.33 28.45 -19.91
CA LYS G 116 23.06 27.84 -21.21
C LYS G 116 23.47 28.82 -22.32
N PRO G 117 24.39 28.47 -23.25
CA PRO G 117 25.13 27.21 -23.38
C PRO G 117 26.29 27.13 -22.40
N PRO G 118 26.76 25.93 -22.03
CA PRO G 118 27.92 25.84 -21.13
C PRO G 118 29.18 26.34 -21.82
N ASP G 119 29.60 27.59 -21.52
CA ASP G 119 30.77 28.22 -22.12
C ASP G 119 32.08 27.50 -21.75
N TRP G 120 32.10 26.83 -20.58
CA TRP G 120 33.28 26.10 -20.10
C TRP G 120 33.74 24.99 -21.08
N LYS G 121 32.79 24.25 -21.72
CA LYS G 121 33.13 23.17 -22.68
C LYS G 121 33.97 23.65 -23.85
N ASN G 122 33.72 24.89 -24.31
CA ASN G 122 34.39 25.50 -25.45
C ASN G 122 35.68 26.26 -25.07
N SER G 123 36.12 26.17 -23.80
CA SER G 123 37.31 26.86 -23.30
C SER G 123 38.59 26.26 -23.85
N SER G 124 39.63 27.10 -23.92
CA SER G 124 40.97 26.68 -24.33
C SER G 124 41.60 25.79 -23.25
N PHE G 125 41.09 25.87 -22.00
CA PHE G 125 41.55 24.99 -20.92
C PHE G 125 41.29 23.53 -21.27
N PHE G 126 40.11 23.24 -21.84
CA PHE G 126 39.72 21.87 -22.19
C PHE G 126 40.24 21.40 -23.56
N ARG G 127 41.19 22.13 -24.20
CA ARG G 127 41.85 21.69 -25.41
C ARG G 127 43.19 21.08 -24.96
N LEU G 128 43.16 19.80 -24.56
CA LEU G 128 44.33 19.07 -24.03
C LEU G 128 45.32 18.63 -25.14
N GLU G 129 46.65 18.71 -24.83
CA GLU G 129 47.75 18.24 -25.67
C GLU G 129 48.29 16.97 -25.00
N PHE G 130 47.69 15.82 -25.36
CA PHE G 130 47.95 14.52 -24.72
C PHE G 130 49.40 14.05 -24.80
N TYR G 131 50.15 14.49 -25.81
CA TYR G 131 51.57 14.11 -25.96
C TYR G 131 52.42 14.66 -24.77
N ARG G 132 52.01 15.78 -24.13
CA ARG G 132 52.75 16.34 -22.99
C ARG G 132 51.88 16.41 -21.74
N LEU G 133 50.71 15.73 -21.73
CA LEU G 133 49.79 15.74 -20.59
C LEU G 133 50.20 14.71 -19.56
N LEU G 134 50.41 15.13 -18.29
CA LEU G 134 50.73 14.23 -17.19
C LEU G 134 49.45 13.76 -16.57
N GLN G 135 48.53 14.68 -16.21
CA GLN G 135 47.24 14.28 -15.68
C GLN G 135 46.22 15.41 -15.63
N VAL G 136 44.95 15.03 -15.51
CA VAL G 136 43.80 15.91 -15.31
C VAL G 136 43.17 15.45 -14.00
N GLU G 137 42.83 16.39 -13.12
CA GLU G 137 42.28 16.04 -11.81
C GLU G 137 41.02 16.87 -11.52
N ILE G 138 39.87 16.19 -11.36
CA ILE G 138 38.61 16.86 -11.02
C ILE G 138 38.39 16.68 -9.54
N SER G 139 38.03 17.75 -8.82
CA SER G 139 37.84 17.67 -7.37
C SER G 139 36.62 18.47 -6.95
N PHE G 140 35.82 17.91 -6.04
CA PHE G 140 34.60 18.52 -5.54
C PHE G 140 34.23 17.91 -4.20
N HIS G 141 33.38 18.61 -3.46
CA HIS G 141 32.94 18.21 -2.13
C HIS G 141 31.47 17.95 -2.15
N LEU G 142 31.02 16.91 -1.44
CA LEU G 142 29.61 16.57 -1.30
C LEU G 142 29.31 16.30 0.15
N LYS G 143 28.16 16.73 0.64
CA LYS G 143 27.76 16.51 2.02
C LYS G 143 26.59 15.55 2.02
N GLY G 144 26.66 14.49 2.82
CA GLY G 144 25.63 13.46 2.92
C GLY G 144 25.23 13.14 4.35
N ILE G 145 24.00 12.64 4.54
CA ILE G 145 23.45 12.30 5.85
C ILE G 145 23.12 10.81 5.93
N ASP G 146 23.52 10.15 7.04
CA ASP G 146 23.20 8.75 7.26
C ASP G 146 21.88 8.70 8.01
N LEU G 147 20.76 8.42 7.28
CA LEU G 147 19.44 8.36 7.91
C LEU G 147 19.25 7.14 8.84
N GLN G 148 20.18 6.16 8.85
CA GLN G 148 20.16 5.02 9.80
C GLN G 148 20.33 5.50 11.25
N THR G 149 21.13 6.57 11.45
CA THR G 149 21.36 7.14 12.79
C THR G 149 20.11 7.97 13.24
N ILE G 150 19.29 8.46 12.25
CA ILE G 150 18.07 9.26 12.48
C ILE G 150 16.84 8.35 12.86
N HIS G 151 16.95 6.99 12.81
CA HIS G 151 15.83 6.10 13.21
C HIS G 151 15.50 6.28 14.71
N SER G 152 16.49 6.66 15.53
CA SER G 152 16.24 7.03 16.92
C SER G 152 15.81 8.52 16.95
N ARG G 153 16.51 9.37 16.12
CA ARG G 153 16.39 10.83 15.87
C ARG G 153 17.39 11.62 16.78
N GLU G 154 18.02 10.95 17.79
CA GLU G 154 18.99 11.56 18.72
C GLU G 154 20.43 11.68 18.16
N LEU G 155 20.79 10.96 17.06
CA LEU G 155 22.14 10.97 16.48
C LEU G 155 22.18 11.58 15.05
N PRO G 156 22.47 12.90 14.89
CA PRO G 156 22.57 13.49 13.54
C PRO G 156 24.02 13.43 12.98
N ASP G 157 24.37 12.32 12.30
CA ASP G 157 25.73 12.10 11.75
C ASP G 157 25.78 12.48 10.25
N CYS G 158 26.38 13.63 9.99
CA CYS G 158 26.56 14.20 8.65
C CYS G 158 28.01 13.91 8.20
N TYR G 159 28.24 13.61 6.90
CA TYR G 159 29.55 13.29 6.32
C TYR G 159 29.93 14.30 5.26
N VAL G 160 31.22 14.61 5.08
CA VAL G 160 31.64 15.49 3.98
C VAL G 160 32.64 14.70 3.14
N PHE G 161 32.24 14.44 1.89
CA PHE G 161 33.02 13.66 0.95
C PHE G 161 33.91 14.58 0.13
N GLN G 162 35.23 14.38 0.20
CA GLN G 162 36.21 15.14 -0.55
C GLN G 162 36.60 14.23 -1.71
N ASN G 163 35.76 14.25 -2.76
CA ASN G 163 35.90 13.44 -3.95
C ASN G 163 36.94 14.00 -4.93
N THR G 164 37.74 13.10 -5.54
CA THR G 164 38.76 13.44 -6.54
C THR G 164 38.80 12.37 -7.65
N ILE G 165 38.67 12.79 -8.91
CA ILE G 165 38.76 11.93 -10.11
C ILE G 165 40.10 12.27 -10.76
N ILE G 166 41.02 11.31 -10.90
CA ILE G 166 42.31 11.55 -11.51
C ILE G 166 42.43 10.78 -12.82
N PHE G 167 42.82 11.51 -13.89
CA PHE G 167 43.07 10.94 -15.21
C PHE G 167 44.55 10.88 -15.34
N ASP G 168 45.17 9.83 -14.83
CA ASP G 168 46.62 9.72 -14.82
C ASP G 168 47.12 9.24 -16.15
N ASN G 169 47.96 10.03 -16.81
CA ASN G 169 48.65 9.67 -18.05
C ASN G 169 50.15 9.72 -17.80
N LYS G 170 50.60 9.58 -16.55
CA LYS G 170 52.02 9.72 -16.21
C LYS G 170 52.89 8.63 -16.86
N ALA G 171 52.33 7.46 -17.23
CA ALA G 171 53.11 6.42 -17.92
C ALA G 171 53.48 6.81 -19.38
N HIS G 172 52.55 7.49 -20.09
CA HIS G 172 52.68 7.92 -21.50
C HIS G 172 52.79 6.71 -22.39
N SER G 173 52.00 5.69 -22.04
CA SER G 173 51.96 4.42 -22.72
C SER G 173 50.74 4.29 -23.65
N GLY G 174 49.90 5.32 -23.73
CA GLY G 174 48.72 5.27 -24.58
C GLY G 174 47.44 4.91 -23.86
N LYS G 175 47.52 4.64 -22.53
CA LYS G 175 46.39 4.36 -21.68
C LYS G 175 46.33 5.35 -20.57
N ILE G 176 45.15 5.91 -20.27
CA ILE G 176 44.95 6.83 -19.15
C ILE G 176 44.22 6.04 -18.08
N LYS G 177 44.78 6.00 -16.85
CA LYS G 177 44.18 5.29 -15.71
C LYS G 177 43.34 6.29 -14.95
N ILE G 178 42.06 5.99 -14.70
CA ILE G 178 41.11 6.87 -14.01
C ILE G 178 40.92 6.35 -12.60
N TYR G 179 41.35 7.16 -11.61
CA TYR G 179 41.23 6.85 -10.19
C TYR G 179 40.14 7.65 -9.58
N PHE G 180 39.33 7.05 -8.70
CA PHE G 180 38.30 7.82 -7.97
C PHE G 180 38.60 7.69 -6.51
N ASP G 181 38.96 8.80 -5.84
CA ASP G 181 39.25 8.81 -4.41
C ASP G 181 38.15 9.56 -3.71
N SER G 182 37.76 9.14 -2.50
CA SER G 182 36.75 9.82 -1.70
C SER G 182 37.18 9.80 -0.25
N ASP G 183 37.31 10.97 0.38
CA ASP G 183 37.69 11.08 1.79
C ASP G 183 36.50 11.54 2.57
N ALA G 184 35.88 10.67 3.35
CA ALA G 184 34.73 11.05 4.14
C ALA G 184 35.20 11.50 5.51
N LYS G 185 34.68 12.65 5.98
CA LYS G 185 34.97 13.20 7.30
C LYS G 185 33.63 13.62 7.92
N ILE G 186 33.47 13.50 9.23
CA ILE G 186 32.21 13.86 9.91
C ILE G 186 32.27 15.33 10.40
N GLU G 187 31.44 16.23 9.81
CA GLU G 187 31.37 17.65 10.19
C GLU G 187 29.97 18.00 10.67
N GLU G 188 29.79 19.22 11.23
CA GLU G 188 28.48 19.67 11.72
C GLU G 188 27.52 19.90 10.55
N CYS G 189 26.29 19.33 10.63
CA CYS G 189 25.28 19.50 9.58
C CYS G 189 24.91 21.00 9.51
N LYS G 190 25.44 21.68 8.50
CA LYS G 190 25.22 23.11 8.28
C LYS G 190 23.74 23.42 7.97
N ASP G 191 22.94 22.39 7.59
CA ASP G 191 21.50 22.48 7.26
C ASP G 191 21.42 23.08 5.82
N LEU G 192 22.21 22.47 4.90
CA LEU G 192 22.26 22.87 3.50
C LEU G 192 21.19 22.14 2.71
N ASN G 193 20.91 22.65 1.49
CA ASN G 193 19.88 22.13 0.60
C ASN G 193 20.18 20.68 0.21
N ILE G 194 19.35 19.76 0.73
CA ILE G 194 19.40 18.35 0.40
C ILE G 194 18.69 18.24 -0.92
N PHE G 195 19.27 17.49 -1.87
CA PHE G 195 18.68 17.35 -3.21
C PHE G 195 17.31 16.68 -3.13
N GLY G 196 16.27 17.46 -3.48
CA GLY G 196 14.88 17.02 -3.43
C GLY G 196 14.03 17.77 -2.42
N SER G 197 14.62 18.70 -1.63
CA SER G 197 13.90 19.51 -0.62
C SER G 197 13.99 21.02 -0.89
N THR G 198 13.17 21.82 -0.16
CA THR G 198 13.12 23.29 -0.28
C THR G 198 12.82 23.92 1.10
N LEU H 4 39.49 -38.64 -40.06
CA LEU H 4 38.54 -38.27 -39.02
C LEU H 4 38.41 -36.74 -38.89
N VAL H 5 39.53 -36.07 -38.56
CA VAL H 5 39.67 -34.64 -38.29
C VAL H 5 38.47 -34.13 -37.44
N VAL H 6 38.42 -34.58 -36.17
CA VAL H 6 37.48 -34.12 -35.13
C VAL H 6 37.59 -32.60 -35.06
N ALA H 7 38.81 -32.06 -35.13
CA ALA H 7 39.02 -30.63 -35.10
C ALA H 7 38.17 -29.94 -36.15
N PHE H 8 38.15 -30.41 -37.39
CA PHE H 8 37.33 -29.78 -38.44
C PHE H 8 35.85 -29.85 -38.15
N LYS H 9 35.35 -31.00 -37.68
CA LYS H 9 33.94 -31.12 -37.29
C LYS H 9 33.58 -30.10 -36.18
N GLU H 10 34.40 -30.06 -35.11
CA GLU H 10 34.15 -29.21 -33.94
C GLU H 10 34.36 -27.74 -34.25
N ASP H 11 35.41 -27.38 -34.99
CA ASP H 11 35.65 -25.97 -35.35
C ASP H 11 34.49 -25.40 -36.16
N ASN H 12 33.94 -26.20 -37.07
CA ASN H 12 32.79 -25.76 -37.87
C ASN H 12 31.57 -25.57 -37.00
N THR H 13 31.30 -26.50 -36.06
CA THR H 13 30.13 -26.37 -35.19
C THR H 13 30.15 -25.07 -34.41
N VAL H 14 31.34 -24.69 -33.87
CA VAL H 14 31.45 -23.42 -33.14
C VAL H 14 31.02 -22.26 -34.03
N ALA H 15 31.52 -22.24 -35.27
CA ALA H 15 31.21 -21.20 -36.24
C ALA H 15 29.72 -21.22 -36.55
N PHE H 16 29.10 -22.39 -36.70
CA PHE H 16 27.66 -22.43 -36.98
C PHE H 16 26.86 -21.83 -35.85
N LYS H 17 27.28 -22.08 -34.58
CA LYS H 17 26.55 -21.53 -33.46
C LYS H 17 26.57 -20.03 -33.56
N HIS H 18 27.73 -19.43 -33.92
CA HIS H 18 27.82 -17.98 -34.07
C HIS H 18 26.96 -17.46 -35.25
N LEU H 19 26.93 -18.20 -36.38
CA LEU H 19 26.13 -17.78 -37.54
C LEU H 19 24.60 -17.89 -37.34
N PHE H 20 24.10 -19.02 -36.83
CA PHE H 20 22.66 -19.28 -36.73
C PHE H 20 21.99 -18.97 -35.37
N LEU H 21 22.75 -18.83 -34.26
CA LEU H 21 22.14 -18.55 -32.94
C LEU H 21 22.24 -17.05 -32.62
N LYS H 22 21.09 -16.33 -32.67
CA LYS H 22 21.05 -14.89 -32.38
C LYS H 22 21.59 -14.59 -31.01
N GLY H 23 22.52 -13.65 -30.93
CA GLY H 23 23.08 -13.25 -29.65
C GLY H 23 23.98 -14.26 -28.95
N TYR H 24 24.36 -15.38 -29.62
CA TYR H 24 25.22 -16.39 -29.01
C TYR H 24 26.45 -15.75 -28.55
N SER H 25 26.66 -15.78 -27.20
CA SER H 25 27.78 -15.15 -26.49
C SER H 25 29.16 -15.67 -26.82
N GLY H 26 29.24 -16.87 -27.35
CA GLY H 26 30.54 -17.46 -27.63
C GLY H 26 30.80 -18.70 -26.80
N THR H 27 30.11 -18.85 -25.65
CA THR H 27 30.21 -20.04 -24.82
C THR H 27 28.78 -20.58 -24.54
N ASP H 28 28.60 -21.93 -24.52
CA ASP H 28 27.27 -22.50 -24.23
C ASP H 28 26.79 -22.13 -22.84
N GLU H 29 25.47 -21.99 -22.67
CA GLU H 29 24.85 -21.59 -21.40
C GLU H 29 24.88 -22.71 -20.41
N ASP H 30 24.66 -23.95 -20.83
CA ASP H 30 24.72 -25.13 -19.96
C ASP H 30 24.86 -26.34 -20.92
N ASP H 31 23.91 -27.28 -20.96
CA ASP H 31 23.89 -28.35 -21.96
C ASP H 31 23.36 -27.77 -23.30
N TYR H 32 22.63 -26.64 -23.23
CA TYR H 32 22.07 -25.93 -24.38
C TYR H 32 22.95 -24.71 -24.64
N SER H 33 22.86 -24.13 -25.85
CA SER H 33 23.71 -23.01 -26.25
C SER H 33 23.22 -21.67 -25.69
N CYS H 34 21.92 -21.36 -25.85
CA CYS H 34 21.34 -20.15 -25.24
C CYS H 34 19.88 -20.35 -24.98
N SER H 35 19.26 -19.38 -24.32
CA SER H 35 17.86 -19.44 -23.97
C SER H 35 17.16 -18.13 -24.27
N VAL H 36 15.82 -18.12 -24.23
CA VAL H 36 14.99 -16.91 -24.42
C VAL H 36 13.87 -16.97 -23.41
N TYR H 37 13.47 -15.81 -22.87
CA TYR H 37 12.41 -15.75 -21.86
C TYR H 37 11.16 -14.96 -22.30
N THR H 38 11.11 -14.47 -23.58
CA THR H 38 9.95 -13.73 -24.09
C THR H 38 9.59 -14.18 -25.47
N GLN H 39 8.32 -13.95 -25.86
CA GLN H 39 7.81 -14.33 -27.17
C GLN H 39 8.56 -13.60 -28.28
N GLU H 40 8.85 -12.31 -28.09
CA GLU H 40 9.59 -11.55 -29.10
C GLU H 40 10.97 -12.15 -29.31
N ASP H 41 11.72 -12.40 -28.24
CA ASP H 41 13.06 -13.00 -28.36
C ASP H 41 12.97 -14.38 -29.03
N ALA H 42 11.90 -15.16 -28.76
CA ALA H 42 11.73 -16.49 -29.35
C ALA H 42 11.53 -16.35 -30.85
N TYR H 43 10.64 -15.43 -31.27
CA TYR H 43 10.44 -15.21 -32.70
C TYR H 43 11.71 -14.66 -33.34
N GLU H 44 12.35 -13.65 -32.73
CA GLU H 44 13.56 -13.05 -33.28
C GLU H 44 14.63 -14.12 -33.51
N SER H 45 14.77 -15.08 -32.57
CA SER H 45 15.78 -16.13 -32.67
C SER H 45 15.46 -17.12 -33.78
N ILE H 46 14.17 -17.47 -33.96
CA ILE H 46 13.73 -18.39 -35.01
C ILE H 46 13.98 -17.75 -36.38
N PHE H 47 13.53 -16.51 -36.56
CA PHE H 47 13.68 -15.81 -37.83
C PHE H 47 15.14 -15.49 -38.14
N PHE H 48 15.97 -15.20 -37.10
CA PHE H 48 17.40 -14.96 -37.32
C PHE H 48 18.08 -16.17 -37.93
N ALA H 49 17.84 -17.36 -37.38
CA ALA H 49 18.41 -18.60 -37.92
C ALA H 49 18.05 -18.79 -39.38
N ILE H 50 16.76 -18.57 -39.74
CA ILE H 50 16.25 -18.77 -41.09
C ILE H 50 16.88 -17.75 -42.04
N ASN H 51 16.93 -16.48 -41.63
CA ASN H 51 17.49 -15.46 -42.49
C ASN H 51 19.01 -15.64 -42.68
N GLN H 52 19.71 -16.20 -41.68
CA GLN H 52 21.14 -16.44 -41.81
C GLN H 52 21.37 -17.62 -42.77
N TYR H 53 20.45 -18.61 -42.83
CA TYR H 53 20.57 -19.71 -43.79
C TYR H 53 20.35 -19.17 -45.20
N HIS H 54 19.36 -18.30 -45.38
CA HIS H 54 19.07 -17.66 -46.66
C HIS H 54 20.29 -16.90 -47.20
N GLN H 55 20.94 -16.09 -46.35
CA GLN H 55 22.07 -15.24 -46.74
C GLN H 55 23.44 -15.88 -46.51
N LEU H 56 23.50 -17.19 -46.19
CA LEU H 56 24.73 -17.91 -45.84
C LEU H 56 25.89 -17.62 -46.82
N LYS H 57 25.58 -17.52 -48.11
CA LYS H 57 26.51 -17.19 -49.22
C LYS H 57 27.35 -15.96 -48.93
N ASP H 58 26.75 -14.92 -48.33
CA ASP H 58 27.42 -13.65 -48.03
C ASP H 58 27.85 -13.49 -46.56
N ILE H 59 27.79 -14.58 -45.77
CA ILE H 59 28.11 -14.57 -44.36
C ILE H 59 29.30 -15.46 -44.11
N THR H 60 29.18 -16.77 -44.42
CA THR H 60 30.22 -17.74 -44.10
C THR H 60 31.64 -17.37 -44.57
N LEU H 61 32.64 -17.64 -43.71
CA LEU H 61 34.05 -17.46 -44.02
C LEU H 61 34.69 -18.82 -44.40
N GLY H 62 33.91 -19.91 -44.37
CA GLY H 62 34.39 -21.25 -44.68
C GLY H 62 34.18 -21.63 -46.12
N THR H 63 34.59 -22.87 -46.46
CA THR H 63 34.43 -23.46 -47.79
C THR H 63 33.14 -24.29 -47.75
N LEU H 64 32.00 -23.61 -47.63
CA LEU H 64 30.70 -24.25 -47.45
C LEU H 64 29.87 -24.23 -48.69
N GLY H 65 28.75 -24.93 -48.62
CA GLY H 65 27.75 -25.00 -49.66
C GLY H 65 26.47 -25.59 -49.11
N TYR H 66 25.32 -25.35 -49.79
CA TYR H 66 24.07 -25.94 -49.34
C TYR H 66 24.08 -27.43 -49.65
N GLY H 67 23.42 -28.21 -48.80
CA GLY H 67 23.32 -29.65 -48.94
C GLY H 67 21.92 -30.01 -49.39
N GLU H 68 21.83 -30.91 -50.36
CA GLU H 68 20.56 -31.31 -50.97
C GLU H 68 19.90 -32.33 -50.03
N ASN H 69 18.67 -32.05 -49.57
CA ASN H 69 17.99 -32.91 -48.58
C ASN H 69 17.36 -34.16 -49.25
N GLU H 70 16.76 -35.04 -48.42
CA GLU H 70 16.07 -36.30 -48.78
C GLU H 70 15.79 -36.52 -50.27
N ASP H 71 15.02 -35.60 -50.91
CA ASP H 71 14.56 -35.70 -52.29
C ASP H 71 15.37 -34.81 -53.29
N ASN H 72 16.66 -34.58 -53.01
CA ASN H 72 17.56 -33.76 -53.82
C ASN H 72 16.95 -32.35 -54.05
N ARG H 73 16.65 -31.69 -52.91
CA ARG H 73 16.07 -30.33 -52.83
C ARG H 73 16.84 -29.54 -51.78
N ILE H 74 17.20 -28.29 -52.09
CA ILE H 74 17.95 -27.41 -51.18
C ILE H 74 16.95 -26.56 -50.41
N GLY H 75 17.07 -26.57 -49.09
CA GLY H 75 16.21 -25.78 -48.21
C GLY H 75 16.21 -26.28 -46.78
N LEU H 76 15.52 -25.54 -45.90
CA LEU H 76 15.43 -25.93 -44.49
C LEU H 76 13.99 -26.31 -44.17
N LYS H 77 13.85 -27.18 -43.18
CA LYS H 77 12.59 -27.68 -42.67
C LYS H 77 12.39 -27.08 -41.27
N VAL H 78 11.16 -26.64 -40.96
CA VAL H 78 10.82 -26.07 -39.66
C VAL H 78 9.67 -26.88 -39.12
N CYS H 79 9.80 -27.52 -37.94
CA CYS H 79 8.73 -28.35 -37.35
C CYS H 79 8.29 -27.79 -36.06
N LYS H 80 6.99 -27.81 -35.77
CA LYS H 80 6.53 -27.36 -34.46
C LYS H 80 5.69 -28.44 -33.83
N GLN H 81 5.93 -28.76 -32.56
CA GLN H 81 5.15 -29.72 -31.79
C GLN H 81 4.31 -28.93 -30.82
N HIS H 82 2.98 -29.07 -30.90
CA HIS H 82 2.01 -28.40 -30.06
C HIS H 82 1.14 -29.45 -29.42
N TYR H 83 0.55 -29.18 -28.26
CA TYR H 83 -0.45 -30.10 -27.69
C TYR H 83 -1.74 -29.93 -28.48
N LYS H 84 -2.45 -31.05 -28.75
CA LYS H 84 -3.69 -31.03 -29.52
C LYS H 84 -4.74 -30.17 -28.80
N LYS H 85 -5.11 -30.53 -27.55
CA LYS H 85 -6.12 -29.81 -26.75
C LYS H 85 -5.60 -29.56 -25.30
N GLY H 86 -6.41 -28.87 -24.49
CA GLY H 86 -6.06 -28.58 -23.11
C GLY H 86 -7.25 -28.09 -22.30
N ASP H 98 -3.10 -36.67 -23.20
CA ASP H 98 -1.99 -37.45 -22.67
C ASP H 98 -0.83 -37.45 -23.70
N ASN H 99 -0.92 -38.31 -24.74
CA ASN H 99 0.08 -38.43 -25.81
C ASN H 99 -0.23 -37.44 -26.96
N ASP H 100 -1.50 -36.95 -27.04
CA ASP H 100 -2.02 -36.08 -28.09
C ASP H 100 -1.12 -34.84 -28.32
N VAL H 101 -0.16 -34.97 -29.27
CA VAL H 101 0.78 -33.92 -29.67
C VAL H 101 0.67 -33.77 -31.20
N GLU H 102 0.33 -32.55 -31.67
CA GLU H 102 0.14 -32.24 -33.09
C GLU H 102 1.46 -31.73 -33.70
N LEU H 103 2.09 -32.55 -34.57
CA LEU H 103 3.34 -32.21 -35.24
C LEU H 103 3.04 -31.63 -36.62
N ASP H 104 3.33 -30.33 -36.80
CA ASP H 104 3.14 -29.62 -38.05
C ASP H 104 4.50 -29.17 -38.51
N CYS H 105 4.79 -29.23 -39.80
CA CYS H 105 6.08 -28.75 -40.27
C CYS H 105 5.97 -28.25 -41.70
N VAL H 106 6.95 -27.43 -42.07
CA VAL H 106 7.02 -26.68 -43.31
C VAL H 106 8.42 -26.78 -43.90
N GLN H 107 8.51 -27.08 -45.20
CA GLN H 107 9.76 -27.12 -45.95
C GLN H 107 9.88 -25.80 -46.70
N LEU H 108 10.94 -25.02 -46.43
CA LEU H 108 11.19 -23.75 -47.11
C LEU H 108 12.37 -23.86 -48.09
N ASP H 109 12.13 -23.89 -49.40
CA ASP H 109 13.23 -23.95 -50.38
C ASP H 109 13.87 -22.57 -50.50
N LEU H 110 15.08 -22.53 -51.07
CA LEU H 110 15.79 -21.28 -51.37
C LEU H 110 14.92 -20.29 -52.12
N GLN H 111 14.10 -20.75 -53.09
CA GLN H 111 13.28 -19.82 -53.87
C GLN H 111 12.27 -19.13 -52.96
N ASP H 112 11.69 -19.86 -51.98
CA ASP H 112 10.70 -19.34 -51.03
C ASP H 112 11.30 -18.20 -50.19
N LEU H 113 12.58 -18.39 -49.77
CA LEU H 113 13.35 -17.43 -48.97
C LEU H 113 13.79 -16.23 -49.83
N SER H 114 14.17 -16.49 -51.10
CA SER H 114 14.60 -15.45 -52.03
C SER H 114 13.48 -14.52 -52.48
N LYS H 115 12.21 -14.98 -52.54
CA LYS H 115 11.08 -14.16 -53.02
C LYS H 115 10.93 -12.89 -52.17
N LYS H 116 10.91 -11.71 -52.85
CA LYS H 116 10.74 -10.41 -52.20
C LYS H 116 9.29 -9.94 -52.39
N PRO H 117 8.49 -9.71 -51.32
CA PRO H 117 8.80 -9.85 -49.89
C PRO H 117 8.76 -11.31 -49.44
N PRO H 118 9.46 -11.69 -48.36
CA PRO H 118 9.40 -13.09 -47.90
C PRO H 118 8.00 -13.40 -47.36
N ASP H 119 7.16 -14.09 -48.17
CA ASP H 119 5.79 -14.44 -47.79
C ASP H 119 5.75 -15.42 -46.58
N TRP H 120 6.81 -16.24 -46.40
CA TRP H 120 6.89 -17.20 -45.31
C TRP H 120 6.80 -16.51 -43.95
N LYS H 121 7.42 -15.30 -43.78
CA LYS H 121 7.43 -14.52 -42.51
C LYS H 121 6.02 -14.27 -41.98
N ASN H 122 5.10 -13.95 -42.92
CA ASN H 122 3.71 -13.59 -42.63
C ASN H 122 2.77 -14.82 -42.53
N SER H 123 3.33 -16.06 -42.56
CA SER H 123 2.56 -17.28 -42.47
C SER H 123 1.98 -17.51 -41.08
N SER H 124 0.84 -18.21 -41.04
CA SER H 124 0.18 -18.61 -39.81
C SER H 124 1.00 -19.71 -39.11
N PHE H 125 1.90 -20.42 -39.85
CA PHE H 125 2.77 -21.44 -39.28
C PHE H 125 3.63 -20.82 -38.19
N PHE H 126 4.12 -19.59 -38.41
CA PHE H 126 4.94 -18.87 -37.44
C PHE H 126 4.12 -18.08 -36.42
N ARG H 127 2.78 -18.22 -36.37
CA ARG H 127 2.01 -17.60 -35.30
C ARG H 127 1.79 -18.74 -34.30
N LEU H 128 2.80 -18.89 -33.40
CA LEU H 128 2.89 -19.92 -32.37
C LEU H 128 2.00 -19.62 -31.16
N GLU H 129 1.45 -20.70 -30.55
CA GLU H 129 0.66 -20.65 -29.33
C GLU H 129 1.54 -21.26 -28.25
N PHE H 130 2.38 -20.40 -27.60
CA PHE H 130 3.40 -20.82 -26.63
C PHE H 130 2.83 -21.55 -25.41
N TYR H 131 1.57 -21.32 -25.05
CA TYR H 131 0.96 -22.02 -23.91
C TYR H 131 0.84 -23.55 -24.17
N ARG H 132 0.76 -23.99 -25.44
CA ARG H 132 0.68 -25.42 -25.75
C ARG H 132 1.84 -25.87 -26.63
N LEU H 133 2.90 -25.03 -26.80
CA LEU H 133 4.06 -25.34 -27.65
C LEU H 133 5.07 -26.19 -26.90
N LEU H 134 5.42 -27.37 -27.46
CA LEU H 134 6.43 -28.25 -26.88
C LEU H 134 7.78 -27.85 -27.42
N GLN H 135 7.92 -27.74 -28.76
CA GLN H 135 9.18 -27.27 -29.34
C GLN H 135 9.07 -26.89 -30.81
N VAL H 136 10.07 -26.13 -31.28
CA VAL H 136 10.26 -25.74 -32.68
C VAL H 136 11.61 -26.29 -33.07
N GLU H 137 11.73 -26.86 -34.26
CA GLU H 137 12.93 -27.54 -34.69
C GLU H 137 13.32 -27.16 -36.11
N ILE H 138 14.43 -26.39 -36.28
CA ILE H 138 14.92 -25.99 -37.61
C ILE H 138 15.98 -26.97 -38.02
N SER H 139 15.91 -27.52 -39.23
CA SER H 139 16.89 -28.51 -39.68
C SER H 139 17.30 -28.24 -41.12
N PHE H 140 18.59 -28.35 -41.41
CA PHE H 140 19.16 -28.12 -42.72
C PHE H 140 20.50 -28.83 -42.85
N HIS H 141 20.93 -29.01 -44.09
CA HIS H 141 22.17 -29.70 -44.43
C HIS H 141 23.11 -28.73 -45.08
N LEU H 142 24.40 -28.84 -44.73
CA LEU H 142 25.45 -28.03 -45.33
C LEU H 142 26.58 -28.93 -45.69
N LYS H 143 27.23 -28.69 -46.83
CA LYS H 143 28.36 -29.50 -47.27
C LYS H 143 29.59 -28.60 -47.22
N GLY H 144 30.66 -29.09 -46.60
CA GLY H 144 31.92 -28.35 -46.44
C GLY H 144 33.11 -29.19 -46.84
N ILE H 145 34.22 -28.57 -47.23
CA ILE H 145 35.43 -29.30 -47.62
C ILE H 145 36.61 -28.77 -46.81
N ASP H 146 37.46 -29.69 -46.35
CA ASP H 146 38.63 -29.39 -45.53
C ASP H 146 39.79 -29.15 -46.49
N LEU H 147 40.16 -27.89 -46.74
CA LEU H 147 41.23 -27.58 -47.69
C LEU H 147 42.62 -28.05 -47.24
N GLN H 148 42.84 -28.40 -45.98
CA GLN H 148 44.15 -28.92 -45.56
C GLN H 148 44.38 -30.37 -46.08
N THR H 149 43.31 -31.08 -46.46
CA THR H 149 43.40 -32.45 -46.96
C THR H 149 43.72 -32.45 -48.47
N ILE H 150 43.16 -31.49 -49.25
CA ILE H 150 43.50 -31.37 -50.67
C ILE H 150 44.88 -30.66 -50.80
N HIS H 151 45.26 -29.78 -49.81
CA HIS H 151 46.53 -29.01 -49.76
C HIS H 151 47.83 -29.87 -49.88
N SER H 152 47.81 -31.18 -49.51
CA SER H 152 49.02 -32.01 -49.58
C SER H 152 48.96 -33.18 -50.61
N ARG H 153 47.77 -33.63 -51.08
CA ARG H 153 47.70 -34.81 -51.97
C ARG H 153 46.71 -34.71 -53.18
N GLU H 154 46.04 -33.54 -53.41
CA GLU H 154 45.07 -33.34 -54.53
C GLU H 154 43.69 -34.05 -54.28
N LEU H 155 43.52 -34.76 -53.12
CA LEU H 155 42.31 -35.50 -52.78
C LEU H 155 41.57 -34.79 -51.63
N PRO H 156 40.39 -34.18 -51.89
CA PRO H 156 39.71 -33.45 -50.80
C PRO H 156 38.91 -34.34 -49.87
N ASP H 157 38.68 -33.83 -48.64
CA ASP H 157 37.84 -34.48 -47.63
C ASP H 157 36.59 -33.66 -47.53
N CYS H 158 35.47 -34.14 -48.12
CA CYS H 158 34.18 -33.43 -48.10
C CYS H 158 33.31 -33.96 -46.94
N TYR H 159 32.68 -33.04 -46.17
CA TYR H 159 31.86 -33.34 -44.99
C TYR H 159 30.45 -32.92 -45.23
N VAL H 160 29.47 -33.63 -44.66
CA VAL H 160 28.07 -33.19 -44.76
C VAL H 160 27.56 -32.97 -43.34
N PHE H 161 27.22 -31.73 -43.05
CA PHE H 161 26.73 -31.34 -41.74
C PHE H 161 25.22 -31.42 -41.72
N GLN H 162 24.67 -32.25 -40.82
CA GLN H 162 23.23 -32.39 -40.62
C GLN H 162 22.90 -31.56 -39.37
N ASN H 163 22.75 -30.24 -39.59
CA ASN H 163 22.48 -29.26 -38.56
C ASN H 163 21.02 -29.32 -38.08
N THR H 164 20.82 -29.04 -36.76
CA THR H 164 19.49 -28.96 -36.14
C THR H 164 19.50 -27.94 -35.00
N ILE H 165 18.55 -27.01 -35.01
CA ILE H 165 18.39 -26.00 -33.97
C ILE H 165 17.10 -26.35 -33.28
N ILE H 166 17.12 -26.59 -31.95
CA ILE H 166 15.89 -26.96 -31.24
C ILE H 166 15.55 -25.90 -30.23
N PHE H 167 14.30 -25.45 -30.26
CA PHE H 167 13.75 -24.48 -29.32
C PHE H 167 12.90 -25.28 -28.38
N ASP H 168 13.50 -25.85 -27.34
CA ASP H 168 12.83 -26.72 -26.38
C ASP H 168 12.05 -25.94 -25.33
N ASN H 169 10.73 -26.08 -25.33
CA ASN H 169 9.84 -25.47 -24.33
C ASN H 169 9.12 -26.58 -23.57
N LYS H 170 9.68 -27.81 -23.54
CA LYS H 170 9.04 -28.97 -22.93
C LYS H 170 8.83 -28.81 -21.42
N ALA H 171 9.64 -27.98 -20.73
CA ALA H 171 9.46 -27.72 -19.30
C ALA H 171 8.20 -26.87 -18.99
N HIS H 172 7.86 -25.89 -19.87
CA HIS H 172 6.72 -24.95 -19.75
C HIS H 172 6.89 -24.10 -18.51
N SER H 173 8.14 -23.71 -18.27
CA SER H 173 8.56 -22.94 -17.14
C SER H 173 8.77 -21.45 -17.48
N GLY H 174 8.56 -21.05 -18.72
CA GLY H 174 8.74 -19.66 -19.12
C GLY H 174 10.07 -19.35 -19.79
N LYS H 175 10.95 -20.38 -19.91
CA LYS H 175 12.25 -20.29 -20.58
C LYS H 175 12.30 -21.29 -21.69
N ILE H 176 12.82 -20.89 -22.87
CA ILE H 176 13.00 -21.81 -23.99
C ILE H 176 14.49 -22.06 -24.10
N LYS H 177 14.92 -23.32 -24.07
CA LYS H 177 16.33 -23.69 -24.20
C LYS H 177 16.59 -23.94 -25.67
N ILE H 178 17.59 -23.24 -26.25
CA ILE H 178 17.98 -23.37 -27.68
C ILE H 178 19.21 -24.27 -27.77
N TYR H 179 19.06 -25.45 -28.40
CA TYR H 179 20.14 -26.41 -28.63
C TYR H 179 20.58 -26.36 -30.07
N PHE H 180 21.89 -26.50 -30.33
CA PHE H 180 22.40 -26.59 -31.70
C PHE H 180 23.14 -27.87 -31.84
N ASP H 181 22.65 -28.79 -32.66
CA ASP H 181 23.30 -30.08 -32.95
C ASP H 181 23.83 -30.08 -34.36
N SER H 182 24.98 -30.72 -34.60
CA SER H 182 25.57 -30.85 -35.93
C SER H 182 26.20 -32.21 -36.06
N ASP H 183 25.76 -33.01 -37.03
CA ASP H 183 26.29 -34.34 -37.27
C ASP H 183 27.10 -34.32 -38.54
N ALA H 184 28.43 -34.39 -38.43
CA ALA H 184 29.27 -34.37 -39.61
C ALA H 184 29.57 -35.80 -40.03
N LYS H 185 29.59 -36.02 -41.35
CA LYS H 185 29.91 -37.31 -41.95
C LYS H 185 30.77 -37.07 -43.18
N ILE H 186 31.95 -37.74 -43.25
CA ILE H 186 32.85 -37.64 -44.40
C ILE H 186 32.12 -38.25 -45.60
N GLU H 187 32.24 -37.60 -46.75
CA GLU H 187 31.53 -37.97 -47.97
C GLU H 187 32.42 -37.73 -49.18
N GLU H 188 32.00 -38.27 -50.35
CA GLU H 188 32.69 -38.07 -51.61
C GLU H 188 32.17 -36.78 -52.26
N CYS H 189 33.06 -35.98 -52.88
CA CYS H 189 32.68 -34.72 -53.55
C CYS H 189 31.76 -35.02 -54.75
N LYS H 190 30.53 -34.49 -54.72
CA LYS H 190 29.52 -34.67 -55.78
C LYS H 190 29.46 -33.45 -56.74
N ASP H 191 30.62 -32.77 -57.02
CA ASP H 191 30.73 -31.59 -57.90
C ASP H 191 29.63 -30.56 -57.53
N LEU H 192 29.58 -30.20 -56.24
CA LEU H 192 28.56 -29.32 -55.66
C LEU H 192 28.93 -27.84 -55.69
N ASN H 193 27.89 -26.98 -55.69
CA ASN H 193 28.04 -25.53 -55.74
C ASN H 193 28.55 -25.01 -54.37
N ILE H 194 29.84 -24.62 -54.38
CA ILE H 194 30.55 -24.05 -53.24
C ILE H 194 30.24 -22.54 -53.31
N PHE H 195 30.25 -21.81 -52.17
CA PHE H 195 29.83 -20.40 -52.13
C PHE H 195 30.78 -19.39 -52.86
N GLY H 196 31.70 -19.90 -53.69
CA GLY H 196 32.57 -19.11 -54.54
C GLY H 196 32.68 -19.76 -55.90
N SER H 197 31.80 -19.35 -56.84
CA SER H 197 31.73 -19.82 -58.23
C SER H 197 31.35 -21.32 -58.29
C1 GOL I . -10.06 -30.05 10.86
O1 GOL I . -9.17 -30.96 11.50
C2 GOL I . -11.42 -30.68 10.60
O2 GOL I . -12.19 -30.68 11.80
C3 GOL I . -12.16 -29.96 9.51
O3 GOL I . -12.95 -30.86 8.74
C1 GOL J . -24.50 2.44 36.17
O1 GOL J . -25.30 1.41 35.61
C2 GOL J . -23.05 2.26 35.78
O2 GOL J . -22.79 2.71 34.43
C3 GOL J . -21.98 2.77 36.74
O3 GOL J . -21.75 4.17 36.60
#